data_6XO5
# 
_entry.id   6XO5 
# 
_audit_conform.dict_name       mmcif_pdbx.dic 
_audit_conform.dict_version    5.380 
_audit_conform.dict_location   http://mmcif.pdb.org/dictionaries/ascii/mmcif_pdbx.dic 
# 
loop_
_database_2.database_id 
_database_2.database_code 
_database_2.pdbx_database_accession 
_database_2.pdbx_DOI 
PDB   6XO5         pdb_00006xo5 10.2210/pdb6xo5/pdb 
WWPDB D_1000250242 ?            ?                   
# 
_pdbx_database_status.status_code                     REL 
_pdbx_database_status.status_code_sf                  REL 
_pdbx_database_status.status_code_mr                  ? 
_pdbx_database_status.entry_id                        6XO5 
_pdbx_database_status.recvd_initial_deposition_date   2020-07-06 
_pdbx_database_status.SG_entry                        N 
_pdbx_database_status.deposit_site                    RCSB 
_pdbx_database_status.process_site                    RCSB 
_pdbx_database_status.status_code_cs                  ? 
_pdbx_database_status.status_code_nmr_data            ? 
_pdbx_database_status.methods_development_category    ? 
_pdbx_database_status.pdb_format_compatible           Y 
# 
loop_
_audit_author.name 
_audit_author.pdbx_ordinal 
_audit_author.identifier_ORCID 
'Simmons, C.R.'      1 0000-0002-2290-6132 
'MacCulloch, T.'     2 0000-0001-5875-3361 
'Stephanopoulos, N.' 3 0000-0001-7859-410X 
'Yan, H.'            4 0000-0001-7397-9852 
# 
_citation.abstract                  ? 
_citation.abstract_id_CAS           ? 
_citation.book_id_ISBN              ? 
_citation.book_publisher            ? 
_citation.book_publisher_city       ? 
_citation.book_title                ? 
_citation.coordinate_linkage        ? 
_citation.country                   UK 
_citation.database_id_Medline       ? 
_citation.details                   ? 
_citation.id                        primary 
_citation.journal_abbrev            'Nat Commun' 
_citation.journal_id_ASTM           ? 
_citation.journal_id_CSD            ? 
_citation.journal_id_ISSN           2041-1723 
_citation.journal_full              ? 
_citation.journal_issue             ? 
_citation.journal_volume            13 
_citation.language                  ? 
_citation.page_first                3112 
_citation.page_last                 3112 
_citation.title                     'The influence of Holliday junction sequence and dynamics on DNA crystal self-assembly.' 
_citation.year                      2022 
_citation.database_id_CSD           ? 
_citation.pdbx_database_id_DOI      10.1038/s41467-022-30779-6 
_citation.pdbx_database_id_PubMed   35662248 
_citation.unpublished_flag          ? 
# 
loop_
_citation_author.citation_id 
_citation_author.name 
_citation_author.ordinal 
_citation_author.identifier_ORCID 
primary 'Simmons, C.R.'      1  ?                   
primary 'MacCulloch, T.'     2  ?                   
primary 'Krepl, M.'          3  0000-0002-9833-4281 
primary 'Matthies, M.'       4  ?                   
primary 'Buchberger, A.'     5  ?                   
primary 'Crawford, I.'       6  ?                   
primary 'Sponer, J.'         7  0000-0001-6558-6186 
primary 'Sulc, P.'           8  0000-0003-1565-6769 
primary 'Stephanopoulos, N.' 9  0000-0001-7859-410X 
primary 'Yan, H.'            10 0000-0001-7397-9852 
# 
_cell.angle_alpha                  90.000 
_cell.angle_alpha_esd              ? 
_cell.angle_beta                   90.000 
_cell.angle_beta_esd               ? 
_cell.angle_gamma                  120.000 
_cell.angle_gamma_esd              ? 
_cell.entry_id                     6XO5 
_cell.details                      ? 
_cell.formula_units_Z              ? 
_cell.length_a                     68.304 
_cell.length_a_esd                 ? 
_cell.length_b                     68.304 
_cell.length_b_esd                 ? 
_cell.length_c                     54.283 
_cell.length_c_esd                 ? 
_cell.volume                       ? 
_cell.volume_esd                   ? 
_cell.Z_PDB                        3 
_cell.reciprocal_angle_alpha       ? 
_cell.reciprocal_angle_beta        ? 
_cell.reciprocal_angle_gamma       ? 
_cell.reciprocal_angle_alpha_esd   ? 
_cell.reciprocal_angle_beta_esd    ? 
_cell.reciprocal_angle_gamma_esd   ? 
_cell.reciprocal_length_a          ? 
_cell.reciprocal_length_b          ? 
_cell.reciprocal_length_c          ? 
_cell.reciprocal_length_a_esd      ? 
_cell.reciprocal_length_b_esd      ? 
_cell.reciprocal_length_c_esd      ? 
_cell.pdbx_unique_axis             ? 
# 
_symmetry.entry_id                         6XO5 
_symmetry.cell_setting                     ? 
_symmetry.Int_Tables_number                145 
_symmetry.space_group_name_Hall            ? 
_symmetry.space_group_name_H-M             'P 32' 
_symmetry.pdbx_full_space_group_name_H-M   ? 
# 
loop_
_entity.id 
_entity.type 
_entity.src_method 
_entity.pdbx_description 
_entity.formula_weight 
_entity.pdbx_number_of_molecules 
_entity.pdbx_ec 
_entity.pdbx_mutation 
_entity.pdbx_fragment 
_entity.details 
1 polymer     syn 
;DNA (5'-D(*GP*AP*GP*CP*AP*GP*AP*CP*CP*AP*GP*A)-3')
;
3705.445 1 ? ? ? ? 
2 polymer     syn 
;DNA (5'-D(P*CP*GP*AP*CP*AP*CP*TP*CP*A)-3')
;
2684.789 1 ? ? ? ? 
3 polymer     syn 
;DNA (5'-D(P*TP*CP*TP*TP*CP*G)-3')
;
1775.190 1 ? ? ? ? 
4 polymer     syn 
;DNA (5'-D(*TP*CP*TP*GP*AP*GP*TP*GP*GP*GP*TP*CP*TP*GP*C)-3')
;
4631.993 1 ? ? ? ? 
5 non-polymer syn 'CACODYLATE ION'                                              136.989  3 ? ? ? ? 
# 
loop_
_entity_poly.entity_id 
_entity_poly.type 
_entity_poly.nstd_linkage 
_entity_poly.nstd_monomer 
_entity_poly.pdbx_seq_one_letter_code 
_entity_poly.pdbx_seq_one_letter_code_can 
_entity_poly.pdbx_strand_id 
_entity_poly.pdbx_target_identifier 
1 polydeoxyribonucleotide no no '(DG)(DA)(DG)(DC)(DA)(DG)(DA)(DC)(DC)(DA)(DG)(DA)'             GAGCAGACCAGA    A ? 
2 polydeoxyribonucleotide no no '(DC)(DG)(DA)(DC)(DA)(DC)(DT)(DC)(DA)'                         CGACACTCA       B ? 
3 polydeoxyribonucleotide no no '(DT)(DC)(DT)(DT)(DC)(DG)'                                     TCTTCG          C ? 
4 polydeoxyribonucleotide no no '(DT)(DC)(DT)(DG)(DA)(DG)(DT)(DG)(DG)(DG)(DT)(DC)(DT)(DG)(DC)' TCTGAGTGGGTCTGC D ? 
# 
loop_
_entity_poly_seq.entity_id 
_entity_poly_seq.num 
_entity_poly_seq.mon_id 
_entity_poly_seq.hetero 
1 1  DG n 
1 2  DA n 
1 3  DG n 
1 4  DC n 
1 5  DA n 
1 6  DG n 
1 7  DA n 
1 8  DC n 
1 9  DC n 
1 10 DA n 
1 11 DG n 
1 12 DA n 
2 1  DC n 
2 2  DG n 
2 3  DA n 
2 4  DC n 
2 5  DA n 
2 6  DC n 
2 7  DT n 
2 8  DC n 
2 9  DA n 
3 1  DT n 
3 2  DC n 
3 3  DT n 
3 4  DT n 
3 5  DC n 
3 6  DG n 
4 1  DT n 
4 2  DC n 
4 3  DT n 
4 4  DG n 
4 5  DA n 
4 6  DG n 
4 7  DT n 
4 8  DG n 
4 9  DG n 
4 10 DG n 
4 11 DT n 
4 12 DC n 
4 13 DT n 
4 14 DG n 
4 15 DC n 
# 
loop_
_pdbx_entity_src_syn.entity_id 
_pdbx_entity_src_syn.pdbx_src_id 
_pdbx_entity_src_syn.pdbx_alt_source_flag 
_pdbx_entity_src_syn.pdbx_beg_seq_num 
_pdbx_entity_src_syn.pdbx_end_seq_num 
_pdbx_entity_src_syn.organism_scientific 
_pdbx_entity_src_syn.organism_common_name 
_pdbx_entity_src_syn.ncbi_taxonomy_id 
_pdbx_entity_src_syn.details 
1 1 sample 1 12 'synthetic construct' ? 32630 ? 
2 1 sample 1 9  'synthetic construct' ? 32630 ? 
3 1 sample 1 6  'synthetic construct' ? 32630 ? 
4 1 sample 1 15 'synthetic construct' ? 32630 ? 
# 
loop_
_struct_ref.id 
_struct_ref.db_name 
_struct_ref.db_code 
_struct_ref.pdbx_db_accession 
_struct_ref.pdbx_db_isoform 
_struct_ref.entity_id 
_struct_ref.pdbx_seq_one_letter_code 
_struct_ref.pdbx_align_begin 
1 PDB 6XO5 6XO5 ? 1 ? 1 
2 PDB 6XO5 6XO5 ? 2 ? 1 
3 PDB 6XO5 6XO5 ? 3 ? 1 
4 PDB 6XO5 6XO5 ? 4 ? 1 
# 
loop_
_struct_ref_seq.align_id 
_struct_ref_seq.ref_id 
_struct_ref_seq.pdbx_PDB_id_code 
_struct_ref_seq.pdbx_strand_id 
_struct_ref_seq.seq_align_beg 
_struct_ref_seq.pdbx_seq_align_beg_ins_code 
_struct_ref_seq.seq_align_end 
_struct_ref_seq.pdbx_seq_align_end_ins_code 
_struct_ref_seq.pdbx_db_accession 
_struct_ref_seq.db_align_beg 
_struct_ref_seq.pdbx_db_align_beg_ins_code 
_struct_ref_seq.db_align_end 
_struct_ref_seq.pdbx_db_align_end_ins_code 
_struct_ref_seq.pdbx_auth_seq_align_beg 
_struct_ref_seq.pdbx_auth_seq_align_end 
1 1 6XO5 A 1 ? 12 ? 6XO5 1  ? 12 ? 1  12 
2 2 6XO5 B 1 ? 9  ? 6XO5 12 ? 20 ? 12 20 
3 3 6XO5 C 1 ? 6  ? 6XO5 0  ? 5  ? 0  5  
4 4 6XO5 D 1 ? 15 ? 6XO5 2  ? 16 ? 2  16 
# 
loop_
_chem_comp.id 
_chem_comp.type 
_chem_comp.mon_nstd_flag 
_chem_comp.name 
_chem_comp.pdbx_synonyms 
_chem_comp.formula 
_chem_comp.formula_weight 
CAC non-polymer   . 'CACODYLATE ION'                     dimethylarsinate 'C2 H6 As O2 -1'  136.989 
DA  'DNA linking' y "2'-DEOXYADENOSINE-5'-MONOPHOSPHATE" ?                'C10 H14 N5 O6 P' 331.222 
DC  'DNA linking' y "2'-DEOXYCYTIDINE-5'-MONOPHOSPHATE"  ?                'C9 H14 N3 O7 P'  307.197 
DG  'DNA linking' y "2'-DEOXYGUANOSINE-5'-MONOPHOSPHATE" ?                'C10 H14 N5 O7 P' 347.221 
DT  'DNA linking' y "THYMIDINE-5'-MONOPHOSPHATE"         ?                'C10 H15 N2 O8 P' 322.208 
# 
_exptl.absorpt_coefficient_mu     ? 
_exptl.absorpt_correction_T_max   ? 
_exptl.absorpt_correction_T_min   ? 
_exptl.absorpt_correction_type    ? 
_exptl.absorpt_process_details    ? 
_exptl.entry_id                   6XO5 
_exptl.crystals_number            1 
_exptl.details                    ? 
_exptl.method                     'X-RAY DIFFRACTION' 
_exptl.method_details             ? 
# 
_exptl_crystal.colour                      ? 
_exptl_crystal.density_diffrn              ? 
_exptl_crystal.density_Matthews            5.70 
_exptl_crystal.density_method              ? 
_exptl_crystal.density_percent_sol         78.42 
_exptl_crystal.description                 ? 
_exptl_crystal.F_000                       ? 
_exptl_crystal.id                          1 
_exptl_crystal.preparation                 ? 
_exptl_crystal.size_max                    ? 
_exptl_crystal.size_mid                    ? 
_exptl_crystal.size_min                    ? 
_exptl_crystal.size_rad                    ? 
_exptl_crystal.colour_lustre               ? 
_exptl_crystal.colour_modifier             ? 
_exptl_crystal.colour_primary              ? 
_exptl_crystal.density_meas                ? 
_exptl_crystal.density_meas_esd            ? 
_exptl_crystal.density_meas_gt             ? 
_exptl_crystal.density_meas_lt             ? 
_exptl_crystal.density_meas_temp           ? 
_exptl_crystal.density_meas_temp_esd       ? 
_exptl_crystal.density_meas_temp_gt        ? 
_exptl_crystal.density_meas_temp_lt        ? 
_exptl_crystal.pdbx_crystal_image_url      ? 
_exptl_crystal.pdbx_crystal_image_format   ? 
_exptl_crystal.pdbx_mosaicity              ? 
_exptl_crystal.pdbx_mosaicity_esd          ? 
# 
_exptl_crystal_grow.apparatus       ? 
_exptl_crystal_grow.atmosphere      ? 
_exptl_crystal_grow.crystal_id      1 
_exptl_crystal_grow.details         ? 
_exptl_crystal_grow.method          'VAPOR DIFFUSION, SITTING DROP' 
_exptl_crystal_grow.method_ref      ? 
_exptl_crystal_grow.pH              ? 
_exptl_crystal_grow.pressure        ? 
_exptl_crystal_grow.pressure_esd    ? 
_exptl_crystal_grow.seeding         ? 
_exptl_crystal_grow.seeding_ref     ? 
_exptl_crystal_grow.temp            298 
_exptl_crystal_grow.temp_details    'temperature gradient generated from 60 to 25 C at 0.3 degrees per hour' 
_exptl_crystal_grow.temp_esd        ? 
_exptl_crystal_grow.time            ? 
_exptl_crystal_grow.pdbx_details    
;0.5 mL of 0.05 M Cacodylate pH 6.0 with 200 mM Ca(CH3COO)2 and 2.5 M NaCl was added to the reservoir with 2 uL added to the drop containing 4 uL of DNA stock
;
_exptl_crystal_grow.pdbx_pH_range   ? 
# 
_diffrn.ambient_environment              ? 
_diffrn.ambient_temp                     100 
_diffrn.ambient_temp_details             ? 
_diffrn.ambient_temp_esd                 ? 
_diffrn.crystal_id                       1 
_diffrn.crystal_support                  ? 
_diffrn.crystal_treatment                ? 
_diffrn.details                          ? 
_diffrn.id                               1 
_diffrn.ambient_pressure                 ? 
_diffrn.ambient_pressure_esd             ? 
_diffrn.ambient_pressure_gt              ? 
_diffrn.ambient_pressure_lt              ? 
_diffrn.ambient_temp_gt                  ? 
_diffrn.ambient_temp_lt                  ? 
_diffrn.pdbx_serial_crystal_experiment   N 
# 
_diffrn_detector.details                      ? 
_diffrn_detector.detector                     CCD 
_diffrn_detector.diffrn_id                    1 
_diffrn_detector.type                         'ADSC QUANTUM 315r' 
_diffrn_detector.area_resol_mean              ? 
_diffrn_detector.dtime                        ? 
_diffrn_detector.pdbx_frames_total            ? 
_diffrn_detector.pdbx_collection_time_total   ? 
_diffrn_detector.pdbx_collection_date         2017-11-15 
_diffrn_detector.pdbx_frequency               ? 
# 
_diffrn_radiation.collimation                      ? 
_diffrn_radiation.diffrn_id                        1 
_diffrn_radiation.filter_edge                      ? 
_diffrn_radiation.inhomogeneity                    ? 
_diffrn_radiation.monochromator                    ? 
_diffrn_radiation.polarisn_norm                    ? 
_diffrn_radiation.polarisn_ratio                   ? 
_diffrn_radiation.probe                            ? 
_diffrn_radiation.type                             ? 
_diffrn_radiation.xray_symbol                      ? 
_diffrn_radiation.wavelength_id                    1 
_diffrn_radiation.pdbx_monochromatic_or_laue_m_l   M 
_diffrn_radiation.pdbx_wavelength_list             ? 
_diffrn_radiation.pdbx_wavelength                  ? 
_diffrn_radiation.pdbx_diffrn_protocol             'SINGLE WAVELENGTH' 
_diffrn_radiation.pdbx_analyzer                    ? 
_diffrn_radiation.pdbx_scattering_type             x-ray 
# 
_diffrn_radiation_wavelength.id           1 
_diffrn_radiation_wavelength.wavelength   1 
_diffrn_radiation_wavelength.wt           1.0 
# 
_diffrn_source.current                     ? 
_diffrn_source.details                     ? 
_diffrn_source.diffrn_id                   1 
_diffrn_source.power                       ? 
_diffrn_source.size                        ? 
_diffrn_source.source                      SYNCHROTRON 
_diffrn_source.target                      ? 
_diffrn_source.type                        'ALS BEAMLINE 8.2.2' 
_diffrn_source.voltage                     ? 
_diffrn_source.take-off_angle              ? 
_diffrn_source.pdbx_wavelength_list        1 
_diffrn_source.pdbx_wavelength             ? 
_diffrn_source.pdbx_synchrotron_beamline   8.2.2 
_diffrn_source.pdbx_synchrotron_site       ALS 
# 
_reflns.B_iso_Wilson_estimate            103.340 
_reflns.entry_id                         6XO5 
_reflns.data_reduction_details           ? 
_reflns.data_reduction_method            ? 
_reflns.d_resolution_high                3.150 
_reflns.d_resolution_low                 50.000 
_reflns.details                          ? 
_reflns.limit_h_max                      ? 
_reflns.limit_h_min                      ? 
_reflns.limit_k_max                      ? 
_reflns.limit_k_min                      ? 
_reflns.limit_l_max                      ? 
_reflns.limit_l_min                      ? 
_reflns.number_all                       ? 
_reflns.number_obs                       3906 
_reflns.observed_criterion               ? 
_reflns.observed_criterion_F_max         ? 
_reflns.observed_criterion_F_min         ? 
_reflns.observed_criterion_I_max         ? 
_reflns.observed_criterion_I_min         ? 
_reflns.observed_criterion_sigma_F       ? 
_reflns.observed_criterion_sigma_I       ? 
_reflns.percent_possible_obs             80.000 
_reflns.R_free_details                   ? 
_reflns.Rmerge_F_all                     ? 
_reflns.Rmerge_F_obs                     ? 
_reflns.Friedel_coverage                 ? 
_reflns.number_gt                        ? 
_reflns.threshold_expression             ? 
_reflns.pdbx_redundancy                  4.600 
_reflns.pdbx_Rmerge_I_obs                0.082 
_reflns.pdbx_Rmerge_I_all                ? 
_reflns.pdbx_Rsym_value                  ? 
_reflns.pdbx_netI_over_av_sigmaI         ? 
_reflns.pdbx_netI_over_sigmaI            7.500 
_reflns.pdbx_res_netI_over_av_sigmaI_2   ? 
_reflns.pdbx_res_netI_over_sigmaI_2      ? 
_reflns.pdbx_chi_squared                 1.822 
_reflns.pdbx_scaling_rejects             ? 
_reflns.pdbx_d_res_high_opt              ? 
_reflns.pdbx_d_res_low_opt               ? 
_reflns.pdbx_d_res_opt_method            ? 
_reflns.phase_calculation_details        ? 
_reflns.pdbx_Rrim_I_all                  0.092 
_reflns.pdbx_Rpim_I_all                  0.040 
_reflns.pdbx_d_opt                       ? 
_reflns.pdbx_number_measured_all         17812 
_reflns.pdbx_diffrn_id                   1 
_reflns.pdbx_ordinal                     1 
_reflns.pdbx_CC_half                     ? 
_reflns.pdbx_CC_star                     ? 
_reflns.pdbx_R_split                     ? 
# 
loop_
_reflns_shell.d_res_high 
_reflns_shell.d_res_low 
_reflns_shell.meanI_over_sigI_all 
_reflns_shell.meanI_over_sigI_obs 
_reflns_shell.number_measured_all 
_reflns_shell.number_measured_obs 
_reflns_shell.number_possible 
_reflns_shell.number_unique_all 
_reflns_shell.number_unique_obs 
_reflns_shell.percent_possible_all 
_reflns_shell.percent_possible_obs 
_reflns_shell.Rmerge_F_all 
_reflns_shell.Rmerge_F_obs 
_reflns_shell.Rmerge_I_all 
_reflns_shell.Rmerge_I_obs 
_reflns_shell.meanI_over_sigI_gt 
_reflns_shell.meanI_over_uI_all 
_reflns_shell.meanI_over_uI_gt 
_reflns_shell.number_measured_gt 
_reflns_shell.number_unique_gt 
_reflns_shell.percent_possible_gt 
_reflns_shell.Rmerge_F_gt 
_reflns_shell.Rmerge_I_gt 
_reflns_shell.pdbx_redundancy 
_reflns_shell.pdbx_Rsym_value 
_reflns_shell.pdbx_chi_squared 
_reflns_shell.pdbx_netI_over_sigmaI_all 
_reflns_shell.pdbx_netI_over_sigmaI_obs 
_reflns_shell.pdbx_Rrim_I_all 
_reflns_shell.pdbx_Rpim_I_all 
_reflns_shell.pdbx_rejects 
_reflns_shell.pdbx_ordinal 
_reflns_shell.pdbx_diffrn_id 
_reflns_shell.pdbx_CC_half 
_reflns_shell.pdbx_CC_star 
_reflns_shell.pdbx_R_split 
3.150 3.200  ? ? ? ? ? ? 112 44.300  ? ? ? ? 0.462 ? ? ? ? ? ? ? ? 2.400 ? 0.745 ? ? 0.545 0.279 ? 1  1 0.870 ? ? 
3.200 3.260  ? ? ? ? ? ? 118 50.000  ? ? ? ? 0.267 ? ? ? ? ? ? ? ? 2.900 ? 1.574 ? ? 0.302 0.136 ? 2  1 0.930 ? ? 
3.260 3.330  ? ? ? ? ? ? 120 50.200  ? ? ? ? 0.407 ? ? ? ? ? ? ? ? 2.400 ? 0.904 ? ? 0.476 0.240 ? 3  1 0.781 ? ? 
3.330 3.390  ? ? ? ? ? ? 124 51.000  ? ? ? ? 0.261 ? ? ? ? ? ? ? ? 3.200 ? 1.626 ? ? 0.294 0.133 ? 4  1 0.943 ? ? 
3.390 3.470  ? ? ? ? ? ? 155 63.800  ? ? ? ? 0.647 ? ? ? ? ? ? ? ? 2.900 ? 8.596 ? ? 0.800 0.455 ? 5  1 0.185 ? ? 
3.470 3.550  ? ? ? ? ? ? 156 67.500  ? ? ? ? 0.546 ? ? ? ? ? ? ? ? 3.100 ? 0.786 ? ? 0.633 0.312 ? 6  1 0.732 ? ? 
3.550 3.640  ? ? ? ? ? ? 169 64.800  ? ? ? ? 0.707 ? ? ? ? ? ? ? ? 3.000 ? 0.724 ? ? 0.822 0.408 ? 7  1 0.787 ? ? 
3.640 3.730  ? ? ? ? ? ? 175 73.200  ? ? ? ? 0.538 ? ? ? ? ? ? ? ? 3.600 ? 3.036 ? ? 0.620 0.302 ? 8  1 0.431 ? ? 
3.730 3.840  ? ? ? ? ? ? 175 72.600  ? ? ? ? 0.414 ? ? ? ? ? ? ? ? 3.900 ? 0.718 ? ? 0.470 0.219 ? 9  1 0.908 ? ? 
3.840 3.970  ? ? ? ? ? ? 218 83.200  ? ? ? ? 0.593 ? ? ? ? ? ? ? ? 4.100 ? 3.687 ? ? 0.676 0.318 ? 10 1 0.296 ? ? 
3.970 4.110  ? ? ? ? ? ? 205 86.900  ? ? ? ? 0.491 ? ? ? ? ? ? ? ? 4.400 ? 0.759 ? ? 0.553 0.250 ? 11 1 0.853 ? ? 
4.110 4.270  ? ? ? ? ? ? 232 93.900  ? ? ? ? 0.434 ? ? ? ? ? ? ? ? 4.800 ? 0.861 ? ? 0.485 0.213 ? 12 1 0.895 ? ? 
4.270 4.470  ? ? ? ? ? ? 244 99.200  ? ? ? ? 0.347 ? ? ? ? ? ? ? ? 4.900 ? 0.779 ? ? 0.389 0.174 ? 13 1 0.908 ? ? 
4.470 4.700  ? ? ? ? ? ? 234 100.000 ? ? ? ? 0.368 ? ? ? ? ? ? ? ? 5.300 ? 0.861 ? ? 0.409 0.176 ? 14 1 0.916 ? ? 
4.700 5.000  ? ? ? ? ? ? 245 100.000 ? ? ? ? 0.232 ? ? ? ? ? ? ? ? 5.600 ? 1.147 ? ? 0.256 0.107 ? 15 1 0.969 ? ? 
5.000 5.380  ? ? ? ? ? ? 253 100.000 ? ? ? ? 0.150 ? ? ? ? ? ? ? ? 5.700 ? 1.493 ? ? 0.165 0.069 ? 16 1 0.985 ? ? 
5.380 5.930  ? ? ? ? ? ? 237 100.000 ? ? ? ? 0.122 ? ? ? ? ? ? ? ? 5.800 ? 1.726 ? ? 0.135 0.056 ? 17 1 0.991 ? ? 
5.930 6.780  ? ? ? ? ? ? 255 100.000 ? ? ? ? 0.098 ? ? ? ? ? ? ? ? 5.800 ? 1.993 ? ? 0.108 0.045 ? 18 1 0.992 ? ? 
6.780 8.540  ? ? ? ? ? ? 235 100.000 ? ? ? ? 0.052 ? ? ? ? ? ? ? ? 5.600 ? 1.813 ? ? 0.058 0.024 ? 19 1 0.997 ? ? 
8.540 50.000 ? ? ? ? ? ? 244 98.800  ? ? ? ? 0.050 ? ? ? ? ? ? ? ? 5.800 ? 3.989 ? ? 0.055 0.023 ? 20 1 0.999 ? ? 
# 
_refine.aniso_B[1][1]                            ? 
_refine.aniso_B[1][2]                            ? 
_refine.aniso_B[1][3]                            ? 
_refine.aniso_B[2][2]                            ? 
_refine.aniso_B[2][3]                            ? 
_refine.aniso_B[3][3]                            ? 
_refine.B_iso_max                                220.250 
_refine.B_iso_mean                               124.3387 
_refine.B_iso_min                                57.770 
_refine.correlation_coeff_Fo_to_Fc               ? 
_refine.correlation_coeff_Fo_to_Fc_free          ? 
_refine.details                                  ? 
_refine.diff_density_max                         ? 
_refine.diff_density_max_esd                     ? 
_refine.diff_density_min                         ? 
_refine.diff_density_min_esd                     ? 
_refine.diff_density_rms                         ? 
_refine.diff_density_rms_esd                     ? 
_refine.entry_id                                 6XO5 
_refine.pdbx_refine_id                           'X-RAY DIFFRACTION' 
_refine.ls_abs_structure_details                 ? 
_refine.ls_abs_structure_Flack                   ? 
_refine.ls_abs_structure_Flack_esd               ? 
_refine.ls_abs_structure_Rogers                  ? 
_refine.ls_abs_structure_Rogers_esd              ? 
_refine.ls_d_res_high                            3.1570 
_refine.ls_d_res_low                             34.1520 
_refine.ls_extinction_coef                       ? 
_refine.ls_extinction_coef_esd                   ? 
_refine.ls_extinction_expression                 ? 
_refine.ls_extinction_method                     ? 
_refine.ls_goodness_of_fit_all                   ? 
_refine.ls_goodness_of_fit_all_esd               ? 
_refine.ls_goodness_of_fit_obs                   ? 
_refine.ls_goodness_of_fit_obs_esd               ? 
_refine.ls_hydrogen_treatment                    ? 
_refine.ls_matrix_type                           ? 
_refine.ls_number_constraints                    ? 
_refine.ls_number_parameters                     ? 
_refine.ls_number_reflns_all                     ? 
_refine.ls_number_reflns_obs                     3880 
_refine.ls_number_reflns_R_free                  199 
_refine.ls_number_reflns_R_work                  3681 
_refine.ls_number_restraints                     ? 
_refine.ls_percent_reflns_obs                    79.7400 
_refine.ls_percent_reflns_R_free                 5.1300 
_refine.ls_R_factor_all                          ? 
_refine.ls_R_factor_obs                          0.2602 
_refine.ls_R_factor_R_free                       0.2951 
_refine.ls_R_factor_R_free_error                 ? 
_refine.ls_R_factor_R_free_error_details         ? 
_refine.ls_R_factor_R_work                       0.2582 
_refine.ls_R_Fsqd_factor_obs                     ? 
_refine.ls_R_I_factor_obs                        ? 
_refine.ls_redundancy_reflns_all                 ? 
_refine.ls_redundancy_reflns_obs                 ? 
_refine.ls_restrained_S_all                      ? 
_refine.ls_restrained_S_obs                      ? 
_refine.ls_shift_over_esd_max                    ? 
_refine.ls_shift_over_esd_mean                   ? 
_refine.ls_structure_factor_coef                 ? 
_refine.ls_weighting_details                     ? 
_refine.ls_weighting_scheme                      ? 
_refine.ls_wR_factor_all                         ? 
_refine.ls_wR_factor_obs                         ? 
_refine.ls_wR_factor_R_free                      ? 
_refine.ls_wR_factor_R_work                      ? 
_refine.occupancy_max                            ? 
_refine.occupancy_min                            ? 
_refine.solvent_model_details                    'FLAT BULK SOLVENT MODEL' 
_refine.solvent_model_param_bsol                 ? 
_refine.solvent_model_param_ksol                 ? 
_refine.pdbx_R_complete                          ? 
_refine.ls_R_factor_gt                           ? 
_refine.ls_goodness_of_fit_gt                    ? 
_refine.ls_goodness_of_fit_ref                   ? 
_refine.ls_shift_over_su_max                     ? 
_refine.ls_shift_over_su_max_lt                  ? 
_refine.ls_shift_over_su_mean                    ? 
_refine.ls_shift_over_su_mean_lt                 ? 
_refine.pdbx_ls_sigma_I                          ? 
_refine.pdbx_ls_sigma_F                          1.970 
_refine.pdbx_ls_sigma_Fsqd                       ? 
_refine.pdbx_data_cutoff_high_absF               ? 
_refine.pdbx_data_cutoff_high_rms_absF           ? 
_refine.pdbx_data_cutoff_low_absF                ? 
_refine.pdbx_isotropic_thermal_model             ? 
_refine.pdbx_ls_cross_valid_method               THROUGHOUT 
_refine.pdbx_method_to_determine_struct          'MOLECULAR REPLACEMENT' 
_refine.pdbx_starting_model                      6XNA 
_refine.pdbx_stereochemistry_target_values       ML 
_refine.pdbx_R_Free_selection_details            RANDOM 
_refine.pdbx_stereochem_target_val_spec_case     ? 
_refine.pdbx_overall_ESU_R                       ? 
_refine.pdbx_overall_ESU_R_Free                  ? 
_refine.pdbx_solvent_vdw_probe_radii             1.1100 
_refine.pdbx_solvent_ion_probe_radii             ? 
_refine.pdbx_solvent_shrinkage_radii             0.9000 
_refine.pdbx_real_space_R                        ? 
_refine.pdbx_density_correlation                 ? 
_refine.pdbx_pd_number_of_powder_patterns        ? 
_refine.pdbx_pd_number_of_points                 ? 
_refine.pdbx_pd_meas_number_of_points            ? 
_refine.pdbx_pd_proc_ls_prof_R_factor            ? 
_refine.pdbx_pd_proc_ls_prof_wR_factor           ? 
_refine.pdbx_pd_Marquardt_correlation_coeff      ? 
_refine.pdbx_pd_Fsqrd_R_factor                   ? 
_refine.pdbx_pd_ls_matrix_band_width             ? 
_refine.pdbx_overall_phase_error                 35.3700 
_refine.pdbx_overall_SU_R_free_Cruickshank_DPI   ? 
_refine.pdbx_overall_SU_R_free_Blow_DPI          ? 
_refine.pdbx_overall_SU_R_Blow_DPI               ? 
_refine.pdbx_TLS_residual_ADP_flag               ? 
_refine.pdbx_diffrn_id                           1 
_refine.overall_SU_B                             ? 
_refine.overall_SU_ML                            0.2600 
_refine.overall_SU_R_Cruickshank_DPI             ? 
_refine.overall_SU_R_free                        ? 
_refine.overall_FOM_free_R_set                   ? 
_refine.overall_FOM_work_R_set                   ? 
_refine.pdbx_average_fsc_overall                 ? 
_refine.pdbx_average_fsc_work                    ? 
_refine.pdbx_average_fsc_free                    ? 
# 
_refine_hist.pdbx_refine_id                   'X-RAY DIFFRACTION' 
_refine_hist.cycle_id                         final 
_refine_hist.details                          ? 
_refine_hist.d_res_high                       3.1570 
_refine_hist.d_res_low                        34.1520 
_refine_hist.number_atoms_solvent             0 
_refine_hist.number_atoms_total               858 
_refine_hist.number_reflns_all                ? 
_refine_hist.number_reflns_obs                ? 
_refine_hist.number_reflns_R_free             ? 
_refine_hist.number_reflns_R_work             ? 
_refine_hist.R_factor_all                     ? 
_refine_hist.R_factor_obs                     ? 
_refine_hist.R_factor_R_free                  ? 
_refine_hist.R_factor_R_work                  ? 
_refine_hist.pdbx_number_residues_total       42 
_refine_hist.pdbx_B_iso_mean_ligand           202.87 
_refine_hist.pdbx_B_iso_mean_solvent          ? 
_refine_hist.pdbx_number_atoms_protein        0 
_refine_hist.pdbx_number_atoms_nucleic_acid   855 
_refine_hist.pdbx_number_atoms_ligand         3 
_refine_hist.pdbx_number_atoms_lipid          ? 
_refine_hist.pdbx_number_atoms_carb           ? 
_refine_hist.pdbx_pseudo_atom_details         ? 
# 
loop_
_refine_ls_restr.pdbx_refine_id 
_refine_ls_restr.criterion 
_refine_ls_restr.dev_ideal 
_refine_ls_restr.dev_ideal_target 
_refine_ls_restr.number 
_refine_ls_restr.rejects 
_refine_ls_restr.type 
_refine_ls_restr.weight 
_refine_ls_restr.pdbx_restraint_function 
'X-RAY DIFFRACTION' ? 0.004  ? 956  ? f_bond_d           ? ? 
'X-RAY DIFFRACTION' ? 0.584  ? 1467 ? f_angle_d          ? ? 
'X-RAY DIFFRACTION' ? 0.028  ? 166  ? f_chiral_restr     ? ? 
'X-RAY DIFFRACTION' ? 0.003  ? 42   ? f_plane_restr      ? ? 
'X-RAY DIFFRACTION' ? 34.301 ? 406  ? f_dihedral_angle_d ? ? 
# 
_refine_ls_shell.pdbx_refine_id                   'X-RAY DIFFRACTION' 
_refine_ls_shell.d_res_high                       3.1574 
_refine_ls_shell.d_res_low                        34.152 
_refine_ls_shell.number_reflns_all                ? 
_refine_ls_shell.number_reflns_obs                ? 
_refine_ls_shell.number_reflns_R_free             199 
_refine_ls_shell.number_reflns_R_work             3681 
_refine_ls_shell.percent_reflns_obs               80.0000 
_refine_ls_shell.percent_reflns_R_free            ? 
_refine_ls_shell.R_factor_all                     ? 
_refine_ls_shell.R_factor_obs                     ? 
_refine_ls_shell.R_factor_R_free                  0.2951 
_refine_ls_shell.R_factor_R_free_error            0.0000 
_refine_ls_shell.R_factor_R_work                  0.2582 
_refine_ls_shell.redundancy_reflns_all            ? 
_refine_ls_shell.redundancy_reflns_obs            ? 
_refine_ls_shell.wR_factor_all                    ? 
_refine_ls_shell.wR_factor_obs                    ? 
_refine_ls_shell.wR_factor_R_free                 ? 
_refine_ls_shell.wR_factor_R_work                 ? 
_refine_ls_shell.pdbx_R_complete                  ? 
_refine_ls_shell.pdbx_total_number_of_bins_used   ? 
_refine_ls_shell.pdbx_phase_error                 ? 
_refine_ls_shell.pdbx_fsc_work                    ? 
_refine_ls_shell.pdbx_fsc_free                    ? 
# 
_struct.entry_id                     6XO5 
_struct.title                        
'Self-assembly of a 3D DNA crystal lattice (4x6 junction version) containing the J8 immobile Holliday junction' 
_struct.pdbx_model_details           ? 
_struct.pdbx_formula_weight          ? 
_struct.pdbx_formula_weight_method   ? 
_struct.pdbx_model_type_details      ? 
_struct.pdbx_CASP_flag               N 
# 
_struct_keywords.entry_id        6XO5 
_struct_keywords.text            
'Structural DNA nanotechnology, immobile Holliday junctions, 3D DNA self-assembly, designer DNA crystals, DNA' 
_struct_keywords.pdbx_keywords   DNA 
# 
loop_
_struct_asym.id 
_struct_asym.pdbx_blank_PDB_chainid_flag 
_struct_asym.pdbx_modified 
_struct_asym.entity_id 
_struct_asym.details 
A N N 1 ? 
B N N 2 ? 
C N N 3 ? 
D N N 4 ? 
E N N 5 ? 
F N N 5 ? 
G N N 5 ? 
# 
loop_
_struct_conn.id 
_struct_conn.conn_type_id 
_struct_conn.pdbx_leaving_atom_flag 
_struct_conn.pdbx_PDB_id 
_struct_conn.ptnr1_label_asym_id 
_struct_conn.ptnr1_label_comp_id 
_struct_conn.ptnr1_label_seq_id 
_struct_conn.ptnr1_label_atom_id 
_struct_conn.pdbx_ptnr1_label_alt_id 
_struct_conn.pdbx_ptnr1_PDB_ins_code 
_struct_conn.pdbx_ptnr1_standard_comp_id 
_struct_conn.ptnr1_symmetry 
_struct_conn.ptnr2_label_asym_id 
_struct_conn.ptnr2_label_comp_id 
_struct_conn.ptnr2_label_seq_id 
_struct_conn.ptnr2_label_atom_id 
_struct_conn.pdbx_ptnr2_label_alt_id 
_struct_conn.pdbx_ptnr2_PDB_ins_code 
_struct_conn.ptnr1_auth_asym_id 
_struct_conn.ptnr1_auth_comp_id 
_struct_conn.ptnr1_auth_seq_id 
_struct_conn.ptnr2_auth_asym_id 
_struct_conn.ptnr2_auth_comp_id 
_struct_conn.ptnr2_auth_seq_id 
_struct_conn.ptnr2_symmetry 
_struct_conn.pdbx_ptnr3_label_atom_id 
_struct_conn.pdbx_ptnr3_label_seq_id 
_struct_conn.pdbx_ptnr3_label_comp_id 
_struct_conn.pdbx_ptnr3_label_asym_id 
_struct_conn.pdbx_ptnr3_label_alt_id 
_struct_conn.pdbx_ptnr3_PDB_ins_code 
_struct_conn.details 
_struct_conn.pdbx_dist_value 
_struct_conn.pdbx_value_order 
_struct_conn.pdbx_role 
hydrog1  hydrog ? ? A DG 3  N1 ? ? ? 1_555 D DC 15 N3 ? ? A DG 3  D DC 16 1_555 ? ? ? ? ? ? WATSON-CRICK ? ? ? 
hydrog2  hydrog ? ? A DG 3  N2 ? ? ? 1_555 D DC 15 O2 ? ? A DG 3  D DC 16 1_555 ? ? ? ? ? ? WATSON-CRICK ? ? ? 
hydrog3  hydrog ? ? A DG 3  O6 ? ? ? 1_555 D DC 15 N4 ? ? A DG 3  D DC 16 1_555 ? ? ? ? ? ? WATSON-CRICK ? ? ? 
hydrog4  hydrog ? ? A DC 4  N3 ? ? ? 1_555 D DG 14 N1 ? ? A DC 4  D DG 15 1_555 ? ? ? ? ? ? WATSON-CRICK ? ? ? 
hydrog5  hydrog ? ? A DC 4  N4 ? ? ? 1_555 D DG 14 O6 ? ? A DC 4  D DG 15 1_555 ? ? ? ? ? ? WATSON-CRICK ? ? ? 
hydrog6  hydrog ? ? A DC 4  O2 ? ? ? 1_555 D DG 14 N2 ? ? A DC 4  D DG 15 1_555 ? ? ? ? ? ? WATSON-CRICK ? ? ? 
hydrog7  hydrog ? ? A DA 5  N1 ? ? ? 1_555 D DT 13 N3 ? ? A DA 5  D DT 14 1_555 ? ? ? ? ? ? WATSON-CRICK ? ? ? 
hydrog8  hydrog ? ? A DA 5  N6 ? ? ? 1_555 D DT 13 O4 ? ? A DA 5  D DT 14 1_555 ? ? ? ? ? ? WATSON-CRICK ? ? ? 
hydrog9  hydrog ? ? A DG 6  N1 ? ? ? 1_555 D DC 12 N3 ? ? A DG 6  D DC 13 1_555 ? ? ? ? ? ? WATSON-CRICK ? ? ? 
hydrog10 hydrog ? ? A DG 6  N2 ? ? ? 1_555 D DC 12 O2 ? ? A DG 6  D DC 13 1_555 ? ? ? ? ? ? WATSON-CRICK ? ? ? 
hydrog11 hydrog ? ? A DG 6  O6 ? ? ? 1_555 D DC 12 N4 ? ? A DG 6  D DC 13 1_555 ? ? ? ? ? ? WATSON-CRICK ? ? ? 
hydrog12 hydrog ? ? A DA 7  N1 ? ? ? 1_555 D DT 11 N3 ? ? A DA 7  D DT 12 1_555 ? ? ? ? ? ? WATSON-CRICK ? ? ? 
hydrog13 hydrog ? ? A DA 7  N6 ? ? ? 1_555 D DT 11 O4 ? ? A DA 7  D DT 12 1_555 ? ? ? ? ? ? WATSON-CRICK ? ? ? 
hydrog14 hydrog ? ? A DC 8  N3 ? ? ? 1_555 D DG 10 N1 ? ? A DC 8  D DG 11 1_555 ? ? ? ? ? ? WATSON-CRICK ? ? ? 
hydrog15 hydrog ? ? A DC 8  N4 ? ? ? 1_555 D DG 10 O6 ? ? A DC 8  D DG 11 1_555 ? ? ? ? ? ? WATSON-CRICK ? ? ? 
hydrog16 hydrog ? ? A DC 8  O2 ? ? ? 1_555 D DG 10 N2 ? ? A DC 8  D DG 11 1_555 ? ? ? ? ? ? WATSON-CRICK ? ? ? 
hydrog17 hydrog ? ? A DC 9  N3 ? ? ? 1_555 D DG 9  N1 ? ? A DC 9  D DG 10 1_555 ? ? ? ? ? ? WATSON-CRICK ? ? ? 
hydrog18 hydrog ? ? A DC 9  N4 ? ? ? 1_555 D DG 9  O6 ? ? A DC 9  D DG 10 1_555 ? ? ? ? ? ? WATSON-CRICK ? ? ? 
hydrog19 hydrog ? ? A DC 9  O2 ? ? ? 1_555 D DG 9  N2 ? ? A DC 9  D DG 10 1_555 ? ? ? ? ? ? WATSON-CRICK ? ? ? 
hydrog20 hydrog ? ? A DA 10 N1 ? ? ? 1_555 C DT 3  N3 ? ? A DA 10 C DT 2  1_555 ? ? ? ? ? ? WATSON-CRICK ? ? ? 
hydrog21 hydrog ? ? A DA 10 N6 ? ? ? 1_555 C DT 3  O4 ? ? A DA 10 C DT 2  1_555 ? ? ? ? ? ? WATSON-CRICK ? ? ? 
hydrog22 hydrog ? ? A DG 11 N1 ? ? ? 1_555 C DC 2  N3 ? ? A DG 11 C DC 1  1_555 ? ? ? ? ? ? WATSON-CRICK ? ? ? 
hydrog23 hydrog ? ? A DG 11 N2 ? ? ? 1_555 C DC 2  O2 ? ? A DG 11 C DC 1  1_555 ? ? ? ? ? ? WATSON-CRICK ? ? ? 
hydrog24 hydrog ? ? A DG 11 O6 ? ? ? 1_555 C DC 2  N4 ? ? A DG 11 C DC 1  1_555 ? ? ? ? ? ? WATSON-CRICK ? ? ? 
hydrog25 hydrog ? ? B DC 1  N4 ? ? ? 1_555 C DG 6  O6 ? ? B DC 12 C DG 5  1_555 ? ? ? ? ? ? 'DC-DG PAIR' ? ? ? 
hydrog26 hydrog ? ? B DG 2  N1 ? ? ? 1_555 C DC 5  N3 ? ? B DG 13 C DC 4  1_555 ? ? ? ? ? ? WATSON-CRICK ? ? ? 
hydrog27 hydrog ? ? B DG 2  N2 ? ? ? 1_555 C DC 5  O2 ? ? B DG 13 C DC 4  1_555 ? ? ? ? ? ? WATSON-CRICK ? ? ? 
hydrog28 hydrog ? ? B DG 2  O6 ? ? ? 1_555 C DC 5  N4 ? ? B DG 13 C DC 4  1_555 ? ? ? ? ? ? WATSON-CRICK ? ? ? 
hydrog29 hydrog ? ? B DA 3  N1 ? ? ? 1_555 C DT 4  N3 ? ? B DA 14 C DT 3  1_555 ? ? ? ? ? ? WATSON-CRICK ? ? ? 
hydrog30 hydrog ? ? B DA 3  N6 ? ? ? 1_555 C DT 4  O4 ? ? B DA 14 C DT 3  1_555 ? ? ? ? ? ? WATSON-CRICK ? ? ? 
hydrog31 hydrog ? ? B DC 4  N3 ? ? ? 1_555 D DG 8  N1 ? ? B DC 15 D DG 9  1_555 ? ? ? ? ? ? WATSON-CRICK ? ? ? 
hydrog32 hydrog ? ? B DC 4  N4 ? ? ? 1_555 D DG 8  O6 ? ? B DC 15 D DG 9  1_555 ? ? ? ? ? ? WATSON-CRICK ? ? ? 
hydrog33 hydrog ? ? B DC 4  O2 ? ? ? 1_555 D DG 8  N2 ? ? B DC 15 D DG 9  1_555 ? ? ? ? ? ? WATSON-CRICK ? ? ? 
hydrog34 hydrog ? ? B DA 5  N1 ? ? ? 1_555 D DT 7  N3 ? ? B DA 16 D DT 8  1_555 ? ? ? ? ? ? WATSON-CRICK ? ? ? 
hydrog35 hydrog ? ? B DA 5  N6 ? ? ? 1_555 D DT 7  O4 ? ? B DA 16 D DT 8  1_555 ? ? ? ? ? ? WATSON-CRICK ? ? ? 
hydrog36 hydrog ? ? B DC 6  N3 ? ? ? 1_555 D DG 6  N1 ? ? B DC 17 D DG 7  1_555 ? ? ? ? ? ? WATSON-CRICK ? ? ? 
hydrog37 hydrog ? ? B DC 6  N4 ? ? ? 1_555 D DG 6  O6 ? ? B DC 17 D DG 7  1_555 ? ? ? ? ? ? WATSON-CRICK ? ? ? 
hydrog38 hydrog ? ? B DC 6  O2 ? ? ? 1_555 D DG 6  N2 ? ? B DC 17 D DG 7  1_555 ? ? ? ? ? ? WATSON-CRICK ? ? ? 
hydrog39 hydrog ? ? B DT 7  N3 ? ? ? 1_555 D DA 5  N1 ? ? B DT 18 D DA 6  1_555 ? ? ? ? ? ? WATSON-CRICK ? ? ? 
hydrog40 hydrog ? ? B DT 7  O4 ? ? ? 1_555 D DA 5  N6 ? ? B DT 18 D DA 6  1_555 ? ? ? ? ? ? WATSON-CRICK ? ? ? 
hydrog41 hydrog ? ? B DC 8  N3 ? ? ? 1_555 D DG 4  N1 ? ? B DC 19 D DG 5  1_555 ? ? ? ? ? ? WATSON-CRICK ? ? ? 
hydrog42 hydrog ? ? B DC 8  N4 ? ? ? 1_555 D DG 4  O6 ? ? B DC 19 D DG 5  1_555 ? ? ? ? ? ? WATSON-CRICK ? ? ? 
hydrog43 hydrog ? ? B DC 8  O2 ? ? ? 1_555 D DG 4  N2 ? ? B DC 19 D DG 5  1_555 ? ? ? ? ? ? WATSON-CRICK ? ? ? 
hydrog44 hydrog ? ? B DA 9  N6 ? ? ? 1_555 D DT 3  O4 ? ? B DA 20 D DT 4  1_555 ? ? ? ? ? ? 'DA-DT PAIR' ? ? ? 
# 
_struct_conn_type.id          hydrog 
_struct_conn_type.criteria    ? 
_struct_conn_type.reference   ? 
# 
_atom_sites.entry_id                    6XO5 
_atom_sites.Cartn_transf_matrix[1][1]   ? 
_atom_sites.Cartn_transf_matrix[1][2]   ? 
_atom_sites.Cartn_transf_matrix[1][3]   ? 
_atom_sites.Cartn_transf_matrix[2][1]   ? 
_atom_sites.Cartn_transf_matrix[2][2]   ? 
_atom_sites.Cartn_transf_matrix[2][3]   ? 
_atom_sites.Cartn_transf_matrix[3][1]   ? 
_atom_sites.Cartn_transf_matrix[3][2]   ? 
_atom_sites.Cartn_transf_matrix[3][3]   ? 
_atom_sites.Cartn_transf_vector[1]      ? 
_atom_sites.Cartn_transf_vector[2]      ? 
_atom_sites.Cartn_transf_vector[3]      ? 
_atom_sites.fract_transf_matrix[1][1]   -0.00135307 
_atom_sites.fract_transf_matrix[1][2]   -0.00983755 
_atom_sites.fract_transf_matrix[1][3]   -0.01368118 
_atom_sites.fract_transf_matrix[2][1]   -0.00871785 
_atom_sites.fract_transf_matrix[2][2]   0.00537665 
_atom_sites.fract_transf_matrix[2][3]   -0.01344878 
_atom_sites.fract_transf_matrix[3][1]   0.01532346 
_atom_sites.fract_transf_matrix[3][2]   0.00752344 
_atom_sites.fract_transf_matrix[3][3]   -0.00692528 
_atom_sites.fract_transf_vector[1]      0.010561 
_atom_sites.fract_transf_vector[2]      0.483572 
_atom_sites.fract_transf_vector[3]      -0.107223 
_atom_sites.solution_primary            ? 
_atom_sites.solution_secondary          ? 
_atom_sites.solution_hydrogens          ? 
_atom_sites.special_details             ? 
# 
loop_
_atom_type.symbol 
AS 
C  
MG 
N  
O  
P  
# 
loop_
_atom_site.group_PDB 
_atom_site.id 
_atom_site.type_symbol 
_atom_site.label_atom_id 
_atom_site.label_alt_id 
_atom_site.label_comp_id 
_atom_site.label_asym_id 
_atom_site.label_entity_id 
_atom_site.label_seq_id 
_atom_site.pdbx_PDB_ins_code 
_atom_site.Cartn_x 
_atom_site.Cartn_y 
_atom_site.Cartn_z 
_atom_site.occupancy 
_atom_site.B_iso_or_equiv 
_atom_site.pdbx_formal_charge 
_atom_site.auth_seq_id 
_atom_site.auth_comp_id 
_atom_site.auth_asym_id 
_atom_site.auth_atom_id 
_atom_site.pdbx_PDB_model_num 
ATOM   1   O  "O5'" . DG  A 1 1  ? 21.283  4.413   13.180  1.00 122.29 ? 1   DG  A "O5'" 1 
ATOM   2   C  "C5'" . DG  A 1 1  ? 21.430  3.302   14.058  1.00 126.42 ? 1   DG  A "C5'" 1 
ATOM   3   C  "C4'" . DG  A 1 1  ? 20.144  3.038   14.826  1.00 126.79 ? 1   DG  A "C4'" 1 
ATOM   4   O  "O4'" . DG  A 1 1  ? 19.621  4.291   15.340  1.00 123.43 ? 1   DG  A "O4'" 1 
ATOM   5   C  "C3'" . DG  A 1 1  ? 19.015  2.417   14.011  1.00 131.76 ? 1   DG  A "C3'" 1 
ATOM   6   O  "O3'" . DG  A 1 1  ? 18.232  1.558   14.834  1.00 140.08 ? 1   DG  A "O3'" 1 
ATOM   7   C  "C2'" . DG  A 1 1  ? 18.218  3.635   13.561  1.00 117.61 ? 1   DG  A "C2'" 1 
ATOM   8   C  "C1'" . DG  A 1 1  ? 18.357  4.560   14.765  1.00 114.95 ? 1   DG  A "C1'" 1 
ATOM   9   N  N9    . DG  A 1 1  ? 18.309  5.976   14.413  1.00 114.48 ? 1   DG  A N9    1 
ATOM   10  C  C8    . DG  A 1 1  ? 19.342  6.746   13.937  1.00 115.33 ? 1   DG  A C8    1 
ATOM   11  N  N7    . DG  A 1 1  ? 19.004  7.985   13.710  1.00 110.71 ? 1   DG  A N7    1 
ATOM   12  C  C5    . DG  A 1 1  ? 17.661  8.039   14.055  1.00 111.74 ? 1   DG  A C5    1 
ATOM   13  C  C6    . DG  A 1 1  ? 16.753  9.123   14.018  1.00 111.65 ? 1   DG  A C6    1 
ATOM   14  O  O6    . DG  A 1 1  ? 16.965  10.292  13.664  1.00 112.49 ? 1   DG  A O6    1 
ATOM   15  N  N1    . DG  A 1 1  ? 15.488  8.749   14.458  1.00 110.12 ? 1   DG  A N1    1 
ATOM   16  C  C2    . DG  A 1 1  ? 15.140  7.486   14.876  1.00 117.31 ? 1   DG  A C2    1 
ATOM   17  N  N2    . DG  A 1 1  ? 13.867  7.317   15.256  1.00 118.50 ? 1   DG  A N2    1 
ATOM   18  N  N3    . DG  A 1 1  ? 15.979  6.460   14.914  1.00 114.56 ? 1   DG  A N3    1 
ATOM   19  C  C4    . DG  A 1 1  ? 17.217  6.809   14.492  1.00 113.97 ? 1   DG  A C4    1 
ATOM   20  P  P     . DA  A 1 2  ? 17.473  0.293   14.196  1.00 148.48 ? 2   DA  A P     1 
ATOM   21  O  OP1   . DA  A 1 2  ? 16.902  -0.490  15.313  1.00 149.45 ? 2   DA  A OP1   1 
ATOM   22  O  OP2   . DA  A 1 2  ? 18.397  -0.354  13.236  1.00 130.47 ? 2   DA  A OP2   1 
ATOM   23  O  "O5'" . DA  A 1 2  ? 16.275  0.945   13.362  1.00 128.75 ? 2   DA  A "O5'" 1 
ATOM   24  C  "C5'" . DA  A 1 2  ? 15.171  0.145   12.958  1.00 121.90 ? 2   DA  A "C5'" 1 
ATOM   25  C  "C4'" . DA  A 1 2  ? 13.889  0.637   13.603  1.00 124.09 ? 2   DA  A "C4'" 1 
ATOM   26  O  "O4'" . DA  A 1 2  ? 14.019  2.051   13.911  1.00 120.95 ? 2   DA  A "O4'" 1 
ATOM   27  C  "C3'" . DA  A 1 2  ? 12.644  0.514   12.730  1.00 134.00 ? 2   DA  A "C3'" 1 
ATOM   28  O  "O3'" . DA  A 1 2  ? 11.490  0.281   13.534  1.00 145.57 ? 2   DA  A "O3'" 1 
ATOM   29  C  "C2'" . DA  A 1 2  ? 12.583  1.873   12.050  1.00 134.37 ? 2   DA  A "C2'" 1 
ATOM   30  C  "C1'" . DA  A 1 2  ? 13.095  2.801   13.148  1.00 124.85 ? 2   DA  A "C1'" 1 
ATOM   31  N  N9    . DA  A 1 2  ? 13.773  3.979   12.618  1.00 125.38 ? 2   DA  A N9    1 
ATOM   32  C  C8    . DA  A 1 2  ? 15.026  4.033   12.071  1.00 121.29 ? 2   DA  A C8    1 
ATOM   33  N  N7    . DA  A 1 2  ? 15.372  5.229   11.658  1.00 118.72 ? 2   DA  A N7    1 
ATOM   34  C  C5    . DA  A 1 2  ? 14.267  6.013   11.947  1.00 117.37 ? 2   DA  A C5    1 
ATOM   35  C  C6    . DA  A 1 2  ? 13.998  7.383   11.753  1.00 120.11 ? 2   DA  A C6    1 
ATOM   36  N  N6    . DA  A 1 2  ? 14.870  8.233   11.198  1.00 108.27 ? 2   DA  A N6    1 
ATOM   37  N  N1    . DA  A 1 2  ? 12.796  7.846   12.156  1.00 125.39 ? 2   DA  A N1    1 
ATOM   38  C  C2    . DA  A 1 2  ? 11.927  6.991   12.710  1.00 124.37 ? 2   DA  A C2    1 
ATOM   39  N  N3    . DA  A 1 2  ? 12.067  5.689   12.945  1.00 125.80 ? 2   DA  A N3    1 
ATOM   40  C  C4    . DA  A 1 2  ? 13.271  5.258   12.536  1.00 121.97 ? 2   DA  A C4    1 
ATOM   41  P  P     . DG  A 1 3  ? 10.109  -0.179  12.849  1.00 149.32 ? 3   DG  A P     1 
ATOM   42  O  OP1   . DG  A 1 3  ? 9.206   -0.648  13.923  1.00 139.83 ? 3   DG  A OP1   1 
ATOM   43  O  OP2   . DG  A 1 3  ? 10.446  -1.080  11.725  1.00 142.58 ? 3   DG  A OP2   1 
ATOM   44  O  "O5'" . DG  A 1 3  ? 9.510   1.171   12.232  1.00 144.38 ? 3   DG  A "O5'" 1 
ATOM   45  C  "C5'" . DG  A 1 3  ? 9.150   2.246   13.093  1.00 137.46 ? 3   DG  A "C5'" 1 
ATOM   46  C  "C4'" . DG  A 1 3  ? 8.693   3.453   12.292  1.00 142.99 ? 3   DG  A "C4'" 1 
ATOM   47  O  "O4'" . DG  A 1 3  ? 9.840   4.209   11.844  1.00 138.99 ? 3   DG  A "O4'" 1 
ATOM   48  C  "C3'" . DG  A 1 3  ? 7.874   3.131   11.033  1.00 153.90 ? 3   DG  A "C3'" 1 
ATOM   49  O  "O3'" . DG  A 1 3  ? 6.587   3.727   11.137  1.00 161.84 ? 3   DG  A "O3'" 1 
ATOM   50  C  "C2'" . DG  A 1 3  ? 8.692   3.738   9.880   1.00 141.33 ? 3   DG  A "C2'" 1 
ATOM   51  C  "C1'" . DG  A 1 3  ? 9.543   4.774   10.596  1.00 136.46 ? 3   DG  A "C1'" 1 
ATOM   52  N  N9    . DG  A 1 3  ? 10.799  5.078   9.915   1.00 133.06 ? 3   DG  A N9    1 
ATOM   53  C  C8    . DG  A 1 3  ? 11.839  4.214   9.669   1.00 126.20 ? 3   DG  A C8    1 
ATOM   54  N  N7    . DG  A 1 3  ? 12.841  4.771   9.045   1.00 115.94 ? 3   DG  A N7    1 
ATOM   55  C  C5    . DG  A 1 3  ? 12.442  6.089   8.869   1.00 122.04 ? 3   DG  A C5    1 
ATOM   56  C  C6    . DG  A 1 3  ? 13.115  7.172   8.254   1.00 117.89 ? 3   DG  A C6    1 
ATOM   57  O  O6    . DG  A 1 3  ? 14.237  7.178   7.726   1.00 112.61 ? 3   DG  A O6    1 
ATOM   58  N  N1    . DG  A 1 3  ? 12.354  8.338   8.289   1.00 119.90 ? 3   DG  A N1    1 
ATOM   59  C  C2    . DG  A 1 3  ? 11.101  8.445   8.847   1.00 116.39 ? 3   DG  A C2    1 
ATOM   60  N  N2    . DG  A 1 3  ? 10.522  9.654   8.783   1.00 117.38 ? 3   DG  A N2    1 
ATOM   61  N  N3    . DG  A 1 3  ? 10.459  7.437   9.427   1.00 116.30 ? 3   DG  A N3    1 
ATOM   62  C  C4    . DG  A 1 3  ? 11.188  6.295   9.402   1.00 124.14 ? 3   DG  A C4    1 
ATOM   63  P  P     . DC  A 1 4  ? 5.426   3.353   10.090  1.00 158.22 ? 4   DC  A P     1 
ATOM   64  O  OP1   . DC  A 1 4  ? 4.202   3.057   10.868  1.00 136.21 ? 4   DC  A OP1   1 
ATOM   65  O  OP2   . DC  A 1 4  ? 5.961   2.343   9.149   1.00 139.52 ? 4   DC  A OP2   1 
ATOM   66  O  "O5'" . DC  A 1 4  ? 5.202   4.715   9.285   1.00 147.62 ? 4   DC  A "O5'" 1 
ATOM   67  C  "C5'" . DC  A 1 4  ? 5.043   5.938   9.995   1.00 133.49 ? 4   DC  A "C5'" 1 
ATOM   68  C  "C4'" . DC  A 1 4  ? 5.146   7.125   9.054   1.00 133.03 ? 4   DC  A "C4'" 1 
ATOM   69  O  "O4'" . DC  A 1 4  ? 6.536   7.351   8.695   1.00 128.97 ? 4   DC  A "O4'" 1 
ATOM   70  C  "C3'" . DC  A 1 4  ? 4.383   6.973   7.733   1.00 138.68 ? 4   DC  A "C3'" 1 
ATOM   71  O  "O3'" . DC  A 1 4  ? 3.637   8.155   7.462   1.00 145.82 ? 4   DC  A "O3'" 1 
ATOM   72  C  "C2'" . DC  A 1 4  ? 5.495   6.768   6.708   1.00 135.43 ? 4   DC  A "C2'" 1 
ATOM   73  C  "C1'" . DC  A 1 4  ? 6.608   7.602   7.315   1.00 129.06 ? 4   DC  A "C1'" 1 
ATOM   74  N  N1    . DC  A 1 4  ? 7.965   7.238   6.820   1.00 129.54 ? 4   DC  A N1    1 
ATOM   75  C  C2    . DC  A 1 4  ? 8.755   8.209   6.194   1.00 122.75 ? 4   DC  A C2    1 
ATOM   76  O  O2    . DC  A 1 4  ? 8.312   9.358   6.071   1.00 120.96 ? 4   DC  A O2    1 
ATOM   77  N  N3    . DC  A 1 4  ? 9.986   7.864   5.742   1.00 123.75 ? 4   DC  A N3    1 
ATOM   78  C  C4    . DC  A 1 4  ? 10.426  6.613   5.892   1.00 124.28 ? 4   DC  A C4    1 
ATOM   79  N  N4    . DC  A 1 4  ? 11.646  6.318   5.430   1.00 125.73 ? 4   DC  A N4    1 
ATOM   80  C  C5    . DC  A 1 4  ? 9.634   5.608   6.524   1.00 118.23 ? 4   DC  A C5    1 
ATOM   81  C  C6    . DC  A 1 4  ? 8.422   5.961   6.968   1.00 121.96 ? 4   DC  A C6    1 
ATOM   82  P  P     . DA  A 1 5  ? 2.344   8.094   6.509   1.00 166.33 ? 5   DA  A P     1 
ATOM   83  O  OP1   . DA  A 1 5  ? 1.171   8.479   7.326   1.00 150.90 ? 5   DA  A OP1   1 
ATOM   84  O  OP2   . DA  A 1 5  ? 2.358   6.792   5.806   1.00 156.83 ? 5   DA  A OP2   1 
ATOM   85  O  "O5'" . DA  A 1 5  ? 2.615   9.234   5.420   1.00 147.61 ? 5   DA  A "O5'" 1 
ATOM   86  C  "C5'" . DA  A 1 5  ? 2.806   10.581  5.832   1.00 139.06 ? 5   DA  A "C5'" 1 
ATOM   87  C  "C4'" . DA  A 1 5  ? 3.618   11.346  4.803   1.00 152.30 ? 5   DA  A "C4'" 1 
ATOM   88  O  "O4'" . DA  A 1 5  ? 4.958   10.796  4.742   1.00 150.46 ? 5   DA  A "O4'" 1 
ATOM   89  C  "C3'" . DA  A 1 5  ? 3.059   11.307  3.378   1.00 150.23 ? 5   DA  A "C3'" 1 
ATOM   90  O  "O3'" . DA  A 1 5  ? 2.944   12.627  2.863   1.00 148.03 ? 5   DA  A "O3'" 1 
ATOM   91  C  "C2'" . DA  A 1 5  ? 4.080   10.474  2.593   1.00 139.75 ? 5   DA  A "C2'" 1 
ATOM   92  C  "C1'" . DA  A 1 5  ? 5.358   10.655  3.400   1.00 137.03 ? 5   DA  A "C1'" 1 
ATOM   93  N  N9    . DA  A 1 5  ? 6.256   9.505   3.320   1.00 124.77 ? 5   DA  A N9    1 
ATOM   94  C  C8    . DA  A 1 5  ? 6.020   8.252   3.800   1.00 121.94 ? 5   DA  A C8    1 
ATOM   95  N  N7    . DA  A 1 5  ? 7.004   7.410   3.593   1.00 127.19 ? 5   DA  A N7    1 
ATOM   96  C  C5    . DA  A 1 5  ? 7.953   8.164   2.929   1.00 125.95 ? 5   DA  A C5    1 
ATOM   97  C  C6    . DA  A 1 5  ? 9.233   7.855   2.426   1.00 125.92 ? 5   DA  A C6    1 
ATOM   98  N  N6    . DA  A 1 5  ? 9.788   6.640   2.526   1.00 116.74 ? 5   DA  A N6    1 
ATOM   99  N  N1    . DA  A 1 5  ? 9.922   8.842   1.815   1.00 128.33 ? 5   DA  A N1    1 
ATOM   100 C  C2    . DA  A 1 5  ? 9.365   10.056  1.721   1.00 126.46 ? 5   DA  A C2    1 
ATOM   101 N  N3    . DA  A 1 5  ? 8.170   10.465  2.149   1.00 126.66 ? 5   DA  A N3    1 
ATOM   102 C  C4    . DA  A 1 5  ? 7.512   9.465   2.754   1.00 128.53 ? 5   DA  A C4    1 
ATOM   103 P  P     . DG  A 1 6  ? 2.129   12.899  1.506   1.00 157.38 ? 6   DG  A P     1 
ATOM   104 O  OP1   . DG  A 1 6  ? 1.450   14.206  1.648   1.00 149.48 ? 6   DG  A OP1   1 
ATOM   105 O  OP2   . DG  A 1 6  ? 1.336   11.688  1.197   1.00 153.01 ? 6   DG  A OP2   1 
ATOM   106 O  "O5'" . DG  A 1 6  ? 3.278   13.026  0.401   1.00 148.44 ? 6   DG  A "O5'" 1 
ATOM   107 C  "C5'" . DG  A 1 6  ? 4.409   13.850  0.653   1.00 144.06 ? 6   DG  A "C5'" 1 
ATOM   108 C  "C4'" . DG  A 1 6  ? 5.506   13.599  -0.366  1.00 136.29 ? 6   DG  A "C4'" 1 
ATOM   109 O  "O4'" . DG  A 1 6  ? 6.268   12.425  0.006   1.00 133.63 ? 6   DG  A "O4'" 1 
ATOM   110 C  "C3'" . DG  A 1 6  ? 5.021   13.360  -1.801  1.00 140.92 ? 6   DG  A "C3'" 1 
ATOM   111 O  "O3'" . DG  A 1 6  ? 5.640   14.287  -2.679  1.00 151.24 ? 6   DG  A "O3'" 1 
ATOM   112 C  "C2'" . DG  A 1 6  ? 5.454   11.920  -2.106  1.00 137.10 ? 6   DG  A "C2'" 1 
ATOM   113 C  "C1'" . DG  A 1 6  ? 6.631   11.740  -1.163  1.00 133.69 ? 6   DG  A "C1'" 1 
ATOM   114 N  N9    . DG  A 1 6  ? 6.903   10.349  -0.819  1.00 131.18 ? 6   DG  A N9    1 
ATOM   115 C  C8    . DG  A 1 6  ? 6.095   9.502   -0.100  1.00 132.07 ? 6   DG  A C8    1 
ATOM   116 N  N7    . DG  A 1 6  ? 6.601   8.311   0.058   1.00 127.97 ? 6   DG  A N7    1 
ATOM   117 C  C5    . DG  A 1 6  ? 7.824   8.369   -0.597  1.00 130.89 ? 6   DG  A C5    1 
ATOM   118 C  C6    . DG  A 1 6  ? 8.820   7.375   -0.761  1.00 131.31 ? 6   DG  A C6    1 
ATOM   119 O  O6    . DG  A 1 6  ? 8.815   6.208   -0.345  1.00 131.62 ? 6   DG  A O6    1 
ATOM   120 N  N1    . DG  A 1 6  ? 9.908   7.851   -1.490  1.00 126.49 ? 6   DG  A N1    1 
ATOM   121 C  C2    . DG  A 1 6  ? 10.021  9.126   -1.995  1.00 130.01 ? 6   DG  A C2    1 
ATOM   122 N  N2    . DG  A 1 6  ? 11.144  9.396   -2.679  1.00 128.42 ? 6   DG  A N2    1 
ATOM   123 N  N3    . DG  A 1 6  ? 9.093   10.067  -1.850  1.00 127.10 ? 6   DG  A N3    1 
ATOM   124 C  C4    . DG  A 1 6  ? 8.027   9.619   -1.142  1.00 129.95 ? 6   DG  A C4    1 
ATOM   125 P  P     . DA  A 1 7  ? 4.776   15.023  -3.815  1.00 164.82 ? 7   DA  A P     1 
ATOM   126 O  OP1   . DA  A 1 7  ? 4.857   16.477  -3.557  1.00 151.36 ? 7   DA  A OP1   1 
ATOM   127 O  OP2   . DA  A 1 7  ? 3.458   14.356  -3.890  1.00 147.42 ? 7   DA  A OP2   1 
ATOM   128 O  "O5'" . DA  A 1 7  ? 5.568   14.696  -5.166  1.00 155.92 ? 7   DA  A "O5'" 1 
ATOM   129 C  "C5'" . DA  A 1 7  ? 5.922   13.352  -5.474  1.00 137.70 ? 7   DA  A "C5'" 1 
ATOM   130 C  "C4'" . DA  A 1 7  ? 7.397   13.248  -5.813  1.00 138.32 ? 7   DA  A "C4'" 1 
ATOM   131 O  "O4'" . DA  A 1 7  ? 8.013   12.221  -4.989  1.00 132.11 ? 7   DA  A "O4'" 1 
ATOM   132 C  "C3'" . DA  A 1 7  ? 7.698   12.837  -7.249  1.00 152.16 ? 7   DA  A "C3'" 1 
ATOM   133 O  "O3'" . DA  A 1 7  ? 8.971   13.346  -7.633  1.00 157.05 ? 7   DA  A "O3'" 1 
ATOM   134 C  "C2'" . DA  A 1 7  ? 7.719   11.319  -7.129  1.00 148.77 ? 7   DA  A "C2'" 1 
ATOM   135 C  "C1'" . DA  A 1 7  ? 8.467   11.164  -5.815  1.00 138.05 ? 7   DA  A "C1'" 1 
ATOM   136 N  N9    . DA  A 1 7  ? 8.231   9.897   -5.123  1.00 134.32 ? 7   DA  A N9    1 
ATOM   137 C  C8    . DA  A 1 7  ? 7.191   9.595   -4.288  1.00 132.57 ? 7   DA  A C8    1 
ATOM   138 N  N7    . DA  A 1 7  ? 7.248   8.383   -3.788  1.00 131.91 ? 7   DA  A N7    1 
ATOM   139 C  C5    . DA  A 1 7  ? 8.409   7.853   -4.326  1.00 135.03 ? 7   DA  A C5    1 
ATOM   140 C  C6    . DA  A 1 7  ? 9.040   6.599   -4.184  1.00 131.44 ? 7   DA  A C6    1 
ATOM   141 N  N6    . DA  A 1 7  ? 8.554   5.613   -3.420  1.00 130.05 ? 7   DA  A N6    1 
ATOM   142 N  N1    . DA  A 1 7  ? 10.190  6.398   -4.858  1.00 130.79 ? 7   DA  A N1    1 
ATOM   143 C  C2    . DA  A 1 7  ? 10.674  7.387   -5.620  1.00 129.41 ? 7   DA  A C2    1 
ATOM   144 N  N3    . DA  A 1 7  ? 10.175  8.604   -5.831  1.00 125.80 ? 7   DA  A N3    1 
ATOM   145 C  C4    . DA  A 1 7  ? 9.032   8.776   -5.148  1.00 132.51 ? 7   DA  A C4    1 
ATOM   146 P  P     . DC  A 1 8  ? 9.488   13.196  -9.148  1.00 173.23 ? 8   DC  A P     1 
ATOM   147 O  OP1   . DC  A 1 8  ? 10.675  14.066  -9.299  1.00 163.98 ? 8   DC  A OP1   1 
ATOM   148 O  OP2   . DC  A 1 8  ? 8.324   13.369  -10.045 1.00 157.67 ? 8   DC  A OP2   1 
ATOM   149 O  "O5'" . DC  A 1 8  ? 9.954   11.671  -9.250  1.00 156.76 ? 8   DC  A "O5'" 1 
ATOM   150 C  "C5'" . DC  A 1 8  ? 9.845   10.984  -10.486 1.00 146.68 ? 8   DC  A "C5'" 1 
ATOM   151 C  "C4'" . DC  A 1 8  ? 10.308  9.546   -10.353 1.00 138.59 ? 8   DC  A "C4'" 1 
ATOM   152 O  "O4'" . DC  A 1 8  ? 9.788   8.977   -9.116  1.00 135.03 ? 8   DC  A "O4'" 1 
ATOM   153 C  "C3'" . DC  A 1 8  ? 9.835   8.615   -11.482 1.00 146.51 ? 8   DC  A "C3'" 1 
ATOM   154 O  "O3'" . DC  A 1 8  ? 10.932  7.809   -11.975 1.00 164.21 ? 8   DC  A "O3'" 1 
ATOM   155 C  "C2'" . DC  A 1 8  ? 8.756   7.774   -10.802 1.00 150.45 ? 8   DC  A "C2'" 1 
ATOM   156 C  "C1'" . DC  A 1 8  ? 9.308   7.686   -9.393  1.00 146.30 ? 8   DC  A "C1'" 1 
ATOM   157 N  N1    . DC  A 1 8  ? 8.297   7.278   -8.375  1.00 141.59 ? 8   DC  A N1    1 
ATOM   158 C  C2    . DC  A 1 8  ? 8.434   6.041   -7.739  1.00 131.99 ? 8   DC  A C2    1 
ATOM   159 O  O2    . DC  A 1 8  ? 9.401   5.322   -8.021  1.00 124.25 ? 8   DC  A O2    1 
ATOM   160 N  N3    . DC  A 1 8  ? 7.509   5.668   -6.822  1.00 129.55 ? 8   DC  A N3    1 
ATOM   161 C  C4    . DC  A 1 8  ? 6.482   6.470   -6.545  1.00 134.06 ? 8   DC  A C4    1 
ATOM   162 N  N4    . DC  A 1 8  ? 5.595   6.058   -5.632  1.00 134.41 ? 8   DC  A N4    1 
ATOM   163 C  C5    . DC  A 1 8  ? 6.319   7.734   -7.188  1.00 131.00 ? 8   DC  A C5    1 
ATOM   164 C  C6    . DC  A 1 8  ? 7.238   8.090   -8.094  1.00 133.57 ? 8   DC  A C6    1 
ATOM   165 P  P     . DC  A 1 9  ? 10.753  6.224   -12.202 1.00 182.81 ? 9   DC  A P     1 
ATOM   166 O  OP1   . DC  A 1 9  ? 9.529   5.962   -12.996 1.00 157.49 ? 9   DC  A OP1   1 
ATOM   167 O  OP2   . DC  A 1 9  ? 10.983  5.583   -10.889 1.00 162.78 ? 9   DC  A OP2   1 
ATOM   168 O  "O5'" . DC  A 1 9  ? 11.989  5.795   -13.118 1.00 168.75 ? 9   DC  A "O5'" 1 
ATOM   169 C  "C5'" . DC  A 1 9  ? 11.842  4.697   -14.032 1.00 161.88 ? 9   DC  A "C5'" 1 
ATOM   170 C  "C4'" . DC  A 1 9  ? 12.126  3.355   -13.362 1.00 161.18 ? 9   DC  A "C4'" 1 
ATOM   171 O  "O4'" . DC  A 1 9  ? 11.408  3.259   -12.098 1.00 150.98 ? 9   DC  A "O4'" 1 
ATOM   172 C  "C3'" . DC  A 1 9  ? 11.710  2.130   -14.180 1.00 156.03 ? 9   DC  A "C3'" 1 
ATOM   173 O  "O3'" . DC  A 1 9  ? 12.725  1.129   -14.127 1.00 172.86 ? 9   DC  A "O3'" 1 
ATOM   174 C  "C2'" . DC  A 1 9  ? 10.425  1.664   -13.496 1.00 147.59 ? 9   DC  A "C2'" 1 
ATOM   175 C  "C1'" . DC  A 1 9  ? 10.686  2.049   -12.048 1.00 149.31 ? 9   DC  A "C1'" 1 
ATOM   176 N  N1    . DC  A 1 9  ? 9.428   2.265   -11.249 1.00 149.43 ? 9   DC  A N1    1 
ATOM   177 C  C2    . DC  A 1 9  ? 8.825   1.186   -10.593 1.00 135.94 ? 9   DC  A C2    1 
ATOM   178 O  O2    . DC  A 1 9  ? 9.342   0.067   -10.676 1.00 126.78 ? 9   DC  A O2    1 
ATOM   179 N  N3    . DC  A 1 9  ? 7.685   1.400   -9.886  1.00 125.45 ? 9   DC  A N3    1 
ATOM   180 C  C4    . DC  A 1 9  ? 7.158   2.623   -9.819  1.00 124.53 ? 9   DC  A C4    1 
ATOM   181 N  N4    . DC  A 1 9  ? 6.036   2.787   -9.109  1.00 116.51 ? 9   DC  A N4    1 
ATOM   182 C  C5    . DC  A 1 9  ? 7.758   3.733   -10.479 1.00 133.62 ? 9   DC  A C5    1 
ATOM   183 C  C6    . DC  A 1 9  ? 8.877   3.510   -11.178 1.00 141.13 ? 9   DC  A C6    1 
ATOM   184 P  P     . DA  A 1 10 ? 13.389  0.582   -15.484 1.00 191.50 ? 10  DA  A P     1 
ATOM   185 O  OP1   . DA  A 1 10 ? 14.854  0.536   -15.278 1.00 175.11 ? 10  DA  A OP1   1 
ATOM   186 O  OP2   . DA  A 1 10 ? 12.825  1.366   -16.604 1.00 172.28 ? 10  DA  A OP2   1 
ATOM   187 O  "O5'" . DA  A 1 10 ? 12.847  -0.920  -15.614 1.00 170.71 ? 10  DA  A "O5'" 1 
ATOM   188 C  "C5'" . DA  A 1 10 ? 11.453  -1.191  -15.522 1.00 161.40 ? 10  DA  A "C5'" 1 
ATOM   189 C  "C4'" . DA  A 1 10 ? 11.199  -2.333  -14.556 1.00 149.21 ? 10  DA  A "C4'" 1 
ATOM   190 O  "O4'" . DA  A 1 10 ? 10.331  -1.886  -13.477 1.00 139.36 ? 10  DA  A "O4'" 1 
ATOM   191 C  "C3'" . DA  A 1 10 ? 10.503  -3.550  -15.153 1.00 141.56 ? 10  DA  A "C3'" 1 
ATOM   192 O  "O3'" . DA  A 1 10 ? 10.953  -4.714  -14.471 1.00 151.10 ? 10  DA  A "O3'" 1 
ATOM   193 C  "C2'" . DA  A 1 10 ? 9.040   -3.255  -14.833 1.00 140.75 ? 10  DA  A "C2'" 1 
ATOM   194 C  "C1'" . DA  A 1 10 ? 9.202   -2.732  -13.422 1.00 138.72 ? 10  DA  A "C1'" 1 
ATOM   195 N  N9    . DA  A 1 10 ? 8.075   -1.965  -12.900 1.00 134.20 ? 10  DA  A N9    1 
ATOM   196 C  C8    . DA  A 1 10 ? 7.848   -0.627  -13.058 1.00 132.01 ? 10  DA  A C8    1 
ATOM   197 N  N7    . DA  A 1 10 ? 6.774   -0.195  -12.440 1.00 134.66 ? 10  DA  A N7    1 
ATOM   198 C  C5    . DA  A 1 10 ? 6.265   -1.327  -11.826 1.00 129.90 ? 10  DA  A C5    1 
ATOM   199 C  C6    . DA  A 1 10 ? 5.131   -1.539  -11.019 1.00 121.60 ? 10  DA  A C6    1 
ATOM   200 N  N6    . DA  A 1 10 ? 4.277   -0.568  -10.681 1.00 121.60 ? 10  DA  A N6    1 
ATOM   201 N  N1    . DA  A 1 10 ? 4.910   -2.792  -10.570 1.00 121.60 ? 10  DA  A N1    1 
ATOM   202 C  C2    . DA  A 1 10 ? 5.769   -3.761  -10.909 1.00 121.60 ? 10  DA  A C2    1 
ATOM   203 N  N3    . DA  A 1 10 ? 6.866   -3.683  -11.661 1.00 129.71 ? 10  DA  A N3    1 
ATOM   204 C  C4    . DA  A 1 10 ? 7.059   -2.426  -12.092 1.00 133.60 ? 10  DA  A C4    1 
ATOM   205 P  P     . DG  A 1 11 ? 11.282  -6.064  -15.274 1.00 170.80 ? 11  DG  A P     1 
ATOM   206 O  OP1   . DG  A 1 11 ? 11.965  -6.984  -14.339 1.00 164.41 ? 11  DG  A OP1   1 
ATOM   207 O  OP2   . DG  A 1 11 ? 11.939  -5.688  -16.545 1.00 154.24 ? 11  DG  A OP2   1 
ATOM   208 O  "O5'" . DG  A 1 11 ? 9.839   -6.662  -15.611 1.00 162.48 ? 11  DG  A "O5'" 1 
ATOM   209 C  "C5'" . DG  A 1 11 ? 8.839   -6.726  -14.599 1.00 152.19 ? 11  DG  A "C5'" 1 
ATOM   210 C  "C4'" . DG  A 1 11 ? 7.460   -6.740  -15.226 1.00 144.47 ? 11  DG  A "C4'" 1 
ATOM   211 O  "O4'" . DG  A 1 11 ? 6.706   -5.570  -14.804 1.00 137.08 ? 11  DG  A "O4'" 1 
ATOM   212 C  "C3'" . DG  A 1 11 ? 7.456   -6.712  -16.760 1.00 139.44 ? 11  DG  A "C3'" 1 
ATOM   213 O  "O3'" . DG  A 1 11 ? 6.632   -7.748  -17.256 1.00 135.23 ? 11  DG  A "O3'" 1 
ATOM   214 C  "C2'" . DG  A 1 11 ? 6.877   -5.336  -17.092 1.00 135.52 ? 11  DG  A "C2'" 1 
ATOM   215 C  "C1'" . DG  A 1 11 ? 5.961   -5.125  -15.904 1.00 134.55 ? 11  DG  A "C1'" 1 
ATOM   216 N  N9    . DG  A 1 11 ? 5.556   -3.736  -15.702 1.00 128.65 ? 11  DG  A N9    1 
ATOM   217 C  C8    . DG  A 1 11 ? 6.075   -2.621  -16.313 1.00 123.73 ? 11  DG  A C8    1 
ATOM   218 N  N7    . DG  A 1 11 ? 5.499   -1.511  -15.945 1.00 123.73 ? 11  DG  A N7    1 
ATOM   219 C  C5    . DG  A 1 11 ? 4.527   -1.916  -15.040 1.00 127.58 ? 11  DG  A C5    1 
ATOM   220 C  C6    . DG  A 1 11 ? 3.587   -1.153  -14.307 1.00 127.87 ? 11  DG  A C6    1 
ATOM   221 O  O6    . DG  A 1 11 ? 3.421   0.075   -14.315 1.00 131.76 ? 11  DG  A O6    1 
ATOM   222 N  N1    . DG  A 1 11 ? 2.785   -1.959  -13.502 1.00 123.73 ? 11  DG  A N1    1 
ATOM   223 C  C2    . DG  A 1 11 ? 2.881   -3.329  -13.415 1.00 123.73 ? 11  DG  A C2    1 
ATOM   224 N  N2    . DG  A 1 11 ? 2.022   -3.934  -12.583 1.00 123.73 ? 11  DG  A N2    1 
ATOM   225 N  N3    . DG  A 1 11 ? 3.758   -4.054  -14.096 1.00 126.08 ? 11  DG  A N3    1 
ATOM   226 C  C4    . DG  A 1 11 ? 4.546   -3.284  -14.885 1.00 129.44 ? 11  DG  A C4    1 
ATOM   227 P  P     . DA  A 1 12 ? 6.931   -8.398  -18.692 1.00 148.88 ? 12  DA  A P     1 
ATOM   228 O  OP1   . DA  A 1 12 ? 8.267   -9.031  -18.631 1.00 148.58 ? 12  DA  A OP1   1 
ATOM   229 O  OP2   . DA  A 1 12 ? 6.654   -7.362  -19.713 1.00 139.67 ? 12  DA  A OP2   1 
ATOM   230 O  "O5'" . DA  A 1 12 ? 5.813   -9.531  -18.833 1.00 150.61 ? 12  DA  A "O5'" 1 
ATOM   231 C  "C5'" . DA  A 1 12 ? 5.385   -10.249 -17.684 1.00 142.36 ? 12  DA  A "C5'" 1 
ATOM   232 C  "C4'" . DA  A 1 12 ? 3.923   -9.965  -17.392 1.00 132.84 ? 12  DA  A "C4'" 1 
ATOM   233 O  "O4'" . DA  A 1 12 ? 3.807   -8.727  -16.656 1.00 128.27 ? 12  DA  A "O4'" 1 
ATOM   234 C  "C3'" . DA  A 1 12 ? 3.059   -9.765  -18.620 1.00 129.47 ? 12  DA  A "C3'" 1 
ATOM   235 O  "O3'" . DA  A 1 12 ? 2.606   -11.024 -19.102 1.00 124.03 ? 12  DA  A "O3'" 1 
ATOM   236 C  "C2'" . DA  A 1 12 ? 1.909   -8.929  -18.071 1.00 124.03 ? 12  DA  A "C2'" 1 
ATOM   237 C  "C1'" . DA  A 1 12 ? 2.593   -8.080  -16.998 1.00 124.03 ? 12  DA  A "C1'" 1 
ATOM   238 N  N9    . DA  A 1 12 ? 2.898   -6.725  -17.437 1.00 124.03 ? 12  DA  A N9    1 
ATOM   239 C  C8    . DA  A 1 12 ? 3.860   -6.347  -18.330 1.00 124.03 ? 12  DA  A C8    1 
ATOM   240 N  N7    . DA  A 1 12 ? 3.909   -5.053  -18.535 1.00 128.03 ? 12  DA  A N7    1 
ATOM   241 C  C5    . DA  A 1 12 ? 2.909   -4.548  -17.723 1.00 125.01 ? 12  DA  A C5    1 
ATOM   242 C  C6    . DA  A 1 12 ? 2.449   -3.238  -17.486 1.00 132.23 ? 12  DA  A C6    1 
ATOM   243 N  N6    . DA  A 1 12 ? 2.970   -2.157  -18.078 1.00 133.81 ? 12  DA  A N6    1 
ATOM   244 N  N1    . DA  A 1 12 ? 1.428   -3.082  -16.615 1.00 130.71 ? 12  DA  A N1    1 
ATOM   245 C  C2    . DA  A 1 12 ? 0.910   -4.166  -16.027 1.00 124.03 ? 12  DA  A C2    1 
ATOM   246 N  N3    . DA  A 1 12 ? 1.259   -5.444  -16.170 1.00 124.03 ? 12  DA  A N3    1 
ATOM   247 C  C4    . DA  A 1 12 ? 2.273   -5.566  -17.040 1.00 124.03 ? 12  DA  A C4    1 
ATOM   248 P  P     . DC  B 2 1  ? -18.198 -14.416 -11.965 1.00 142.24 ? 12  DC  B P     1 
ATOM   249 O  OP1   . DC  B 2 1  ? -17.094 -15.383 -12.142 1.00 136.37 ? 12  DC  B OP1   1 
ATOM   250 O  OP2   . DC  B 2 1  ? -19.557 -14.909 -11.651 1.00 153.75 ? 12  DC  B OP2   1 
ATOM   251 O  "O5'" . DC  B 2 1  ? -17.788 -13.346 -10.847 1.00 140.12 ? 12  DC  B "O5'" 1 
ATOM   252 C  "C5'" . DC  B 2 1  ? -16.557 -13.482 -10.152 1.00 126.43 ? 12  DC  B "C5'" 1 
ATOM   253 C  "C4'" . DC  B 2 1  ? -16.676 -14.502 -9.037  1.00 132.06 ? 12  DC  B "C4'" 1 
ATOM   254 O  "O4'" . DC  B 2 1  ? -15.407 -15.197 -8.873  1.00 121.10 ? 12  DC  B "O4'" 1 
ATOM   255 C  "C3'" . DC  B 2 1  ? -17.013 -13.913 -7.666  1.00 143.35 ? 12  DC  B "C3'" 1 
ATOM   256 O  "O3'" . DC  B 2 1  ? -17.915 -14.775 -6.967  1.00 141.25 ? 12  DC  B "O3'" 1 
ATOM   257 C  "C2'" . DC  B 2 1  ? -15.649 -13.859 -6.990  1.00 137.97 ? 12  DC  B "C2'" 1 
ATOM   258 C  "C1'" . DC  B 2 1  ? -15.025 -15.136 -7.519  1.00 124.58 ? 12  DC  B "C1'" 1 
ATOM   259 N  N1    . DC  B 2 1  ? -13.536 -15.158 -7.423  1.00 125.63 ? 12  DC  B N1    1 
ATOM   260 C  C2    . DC  B 2 1  ? -12.926 -15.886 -6.396  1.00 124.49 ? 12  DC  B C2    1 
ATOM   261 O  O2    . DC  B 2 1  ? -13.635 -16.504 -5.592  1.00 119.97 ? 12  DC  B O2    1 
ATOM   262 N  N3    . DC  B 2 1  ? -11.574 -15.897 -6.312  1.00 123.11 ? 12  DC  B N3    1 
ATOM   263 C  C4    . DC  B 2 1  ? -10.844 -15.219 -7.196  1.00 119.53 ? 12  DC  B C4    1 
ATOM   264 N  N4    . DC  B 2 1  ? -9.514  -15.259 -7.069  1.00 114.81 ? 12  DC  B N4    1 
ATOM   265 C  C5    . DC  B 2 1  ? -11.446 -14.465 -8.249  1.00 117.71 ? 12  DC  B C5    1 
ATOM   266 C  C6    . DC  B 2 1  ? -12.783 -14.463 -8.325  1.00 124.25 ? 12  DC  B C6    1 
ATOM   267 P  P     . DG  B 2 2  ? -18.882 -14.187 -5.823  1.00 141.47 ? 13  DG  B P     1 
ATOM   268 O  OP1   . DG  B 2 2  ? -20.265 -14.603 -6.140  1.00 134.19 ? 13  DG  B OP1   1 
ATOM   269 O  OP2   . DG  B 2 2  ? -18.572 -12.748 -5.671  1.00 144.20 ? 13  DG  B OP2   1 
ATOM   270 O  "O5'" . DG  B 2 2  ? -18.417 -14.944 -4.489  1.00 141.31 ? 13  DG  B "O5'" 1 
ATOM   271 C  "C5'" . DG  B 2 2  ? -17.049 -14.920 -4.095  1.00 127.49 ? 13  DG  B "C5'" 1 
ATOM   272 C  "C4'" . DG  B 2 2  ? -16.842 -15.614 -2.761  1.00 131.72 ? 13  DG  B "C4'" 1 
ATOM   273 O  "O4'" . DG  B 2 2  ? -15.450 -15.990 -2.642  1.00 130.41 ? 13  DG  B "O4'" 1 
ATOM   274 C  "C3'" . DG  B 2 2  ? -17.093 -14.743 -1.546  1.00 139.60 ? 13  DG  B "C3'" 1 
ATOM   275 O  "O3'" . DG  B 2 2  ? -17.273 -15.559 -0.390  1.00 148.48 ? 13  DG  B "O3'" 1 
ATOM   276 C  "C2'" . DG  B 2 2  ? -15.791 -13.955 -1.472  1.00 130.67 ? 13  DG  B "C2'" 1 
ATOM   277 C  "C1'" . DG  B 2 2  ? -14.756 -15.008 -1.888  1.00 123.71 ? 13  DG  B "C1'" 1 
ATOM   278 N  N9    . DG  B 2 2  ? -13.679 -14.466 -2.714  1.00 120.21 ? 13  DG  B N9    1 
ATOM   279 C  C8    . DG  B 2 2  ? -13.812 -13.785 -3.899  1.00 116.88 ? 13  DG  B C8    1 
ATOM   280 N  N7    . DG  B 2 2  ? -12.676 -13.416 -4.418  1.00 113.88 ? 13  DG  B N7    1 
ATOM   281 C  C5    . DG  B 2 2  ? -11.723 -13.881 -3.522  1.00 112.50 ? 13  DG  B C5    1 
ATOM   282 C  C6    . DG  B 2 2  ? -10.314 -13.779 -3.558  1.00 116.23 ? 13  DG  B C6    1 
ATOM   283 O  O6    . DG  B 2 2  ? -9.606  -13.236 -4.418  1.00 115.48 ? 13  DG  B O6    1 
ATOM   284 N  N1    . DG  B 2 2  ? -9.724  -14.386 -2.453  1.00 113.58 ? 13  DG  B N1    1 
ATOM   285 C  C2    . DG  B 2 2  ? -10.410 -15.015 -1.441  1.00 113.21 ? 13  DG  B C2    1 
ATOM   286 N  N2    . DG  B 2 2  ? -9.666  -15.543 -0.457  1.00 116.99 ? 13  DG  B N2    1 
ATOM   287 N  N3    . DG  B 2 2  ? -11.734 -15.119 -1.395  1.00 112.33 ? 13  DG  B N3    1 
ATOM   288 C  C4    . DG  B 2 2  ? -12.324 -14.531 -2.465  1.00 114.32 ? 13  DG  B C4    1 
ATOM   289 P  P     . DA  B 2 3  ? -18.022 -14.976 0.908   1.00 145.23 ? 14  DA  B P     1 
ATOM   290 O  OP1   . DA  B 2 3  ? -19.140 -15.892 1.229   1.00 153.89 ? 14  DA  B OP1   1 
ATOM   291 O  OP2   . DA  B 2 3  ? -18.293 -13.541 0.672   1.00 113.39 ? 14  DA  B OP2   1 
ATOM   292 O  "O5'" . DA  B 2 3  ? -16.923 -15.078 2.064   1.00 130.75 ? 14  DA  B "O5'" 1 
ATOM   293 C  "C5'" . DA  B 2 3  ? -15.813 -14.189 2.065   1.00 128.57 ? 14  DA  B "C5'" 1 
ATOM   294 C  "C4'" . DA  B 2 3  ? -14.668 -14.749 2.885   1.00 138.63 ? 14  DA  B "C4'" 1 
ATOM   295 O  "O4'" . DA  B 2 3  ? -13.472 -14.791 2.066   1.00 131.90 ? 14  DA  B "O4'" 1 
ATOM   296 C  "C3'" . DA  B 2 3  ? -14.278 -13.907 4.085   1.00 139.32 ? 14  DA  B "C3'" 1 
ATOM   297 O  "O3'" . DA  B 2 3  ? -13.570 -14.704 5.028   1.00 146.41 ? 14  DA  B "O3'" 1 
ATOM   298 C  "C2'" . DA  B 2 3  ? -13.373 -12.863 3.441   1.00 133.57 ? 14  DA  B "C2'" 1 
ATOM   299 C  "C1'" . DA  B 2 3  ? -12.637 -13.689 2.384   1.00 126.44 ? 14  DA  B "C1'" 1 
ATOM   300 N  N9    . DA  B 2 3  ? -12.368 -12.946 1.156   1.00 125.81 ? 14  DA  B N9    1 
ATOM   301 C  C8    . DA  B 2 3  ? -13.287 -12.483 0.258   1.00 124.40 ? 14  DA  B C8    1 
ATOM   302 N  N7    . DA  B 2 3  ? -12.760 -11.844 -0.759  1.00 122.24 ? 14  DA  B N7    1 
ATOM   303 C  C5    . DA  B 2 3  ? -11.400 -11.887 -0.510  1.00 118.97 ? 14  DA  B C5    1 
ATOM   304 C  C6    . DA  B 2 3  ? -10.290 -11.385 -1.216  1.00 112.44 ? 14  DA  B C6    1 
ATOM   305 N  N6    . DA  B 2 3  ? -10.394 -10.713 -2.368  1.00 115.20 ? 14  DA  B N6    1 
ATOM   306 N  N1    . DA  B 2 3  ? -9.065  -11.601 -0.691  1.00 112.44 ? 14  DA  B N1    1 
ATOM   307 C  C2    . DA  B 2 3  ? -8.967  -12.275 0.462   1.00 112.44 ? 14  DA  B C2    1 
ATOM   308 N  N3    . DA  B 2 3  ? -9.935  -12.794 1.215   1.00 115.98 ? 14  DA  B N3    1 
ATOM   309 C  C4    . DA  B 2 3  ? -11.139 -12.562 0.669   1.00 121.09 ? 14  DA  B C4    1 
ATOM   310 P  P     . DC  B 2 4  ? -13.354 -14.183 6.532   1.00 163.08 ? 15  DC  B P     1 
ATOM   311 O  OP1   . DC  B 2 4  ? -14.026 -15.147 7.432   1.00 161.70 ? 15  DC  B OP1   1 
ATOM   312 O  OP2   . DC  B 2 4  ? -13.732 -12.753 6.586   1.00 132.80 ? 15  DC  B OP2   1 
ATOM   313 O  "O5'" . DC  B 2 4  ? -11.770 -14.291 6.748   1.00 143.23 ? 15  DC  B "O5'" 1 
ATOM   314 C  "C5'" . DC  B 2 4  ? -10.885 -14.063 5.653   1.00 135.14 ? 15  DC  B "C5'" 1 
ATOM   315 C  "C4'" . DC  B 2 4  ? -10.006 -12.853 5.911   1.00 124.40 ? 15  DC  B "C4'" 1 
ATOM   316 O  "O4'" . DC  B 2 4  ? -9.735  -12.170 4.655   1.00 115.33 ? 15  DC  B "O4'" 1 
ATOM   317 C  "C3'" . DC  B 2 4  ? -10.612 -11.799 6.849   1.00 121.93 ? 15  DC  B "C3'" 1 
ATOM   318 O  "O3'" . DC  B 2 4  ? -9.676  -11.437 7.856   1.00 125.28 ? 15  DC  B "O3'" 1 
ATOM   319 C  "C2'" . DC  B 2 4  ? -10.911 -10.625 5.919   1.00 116.56 ? 15  DC  B "C2'" 1 
ATOM   320 C  "C1'" . DC  B 2 4  ? -9.819  -10.788 4.877   1.00 114.44 ? 15  DC  B "C1'" 1 
ATOM   321 N  N1    . DC  B 2 4  ? -10.116 -10.087 3.593   1.00 120.68 ? 15  DC  B N1    1 
ATOM   322 C  C2    . DC  B 2 4  ? -9.073  -9.508  2.861   1.00 111.21 ? 15  DC  B C2    1 
ATOM   323 O  O2    . DC  B 2 4  ? -7.912  -9.616  3.278   1.00 111.20 ? 15  DC  B O2    1 
ATOM   324 N  N3    . DC  B 2 4  ? -9.363  -8.855  1.708   1.00 111.20 ? 15  DC  B N3    1 
ATOM   325 C  C4    . DC  B 2 4  ? -10.628 -8.761  1.292   1.00 111.20 ? 15  DC  B C4    1 
ATOM   326 N  N4    . DC  B 2 4  ? -10.864 -8.107  0.149   1.00 111.20 ? 15  DC  B N4    1 
ATOM   327 C  C5    . DC  B 2 4  ? -11.706 -9.334  2.029   1.00 116.75 ? 15  DC  B C5    1 
ATOM   328 C  C6    . DC  B 2 4  ? -11.408 -9.975  3.165   1.00 119.41 ? 15  DC  B C6    1 
ATOM   329 P  P     . DA  B 2 5  ? -10.189 -10.914 9.286   1.00 136.88 ? 16  DA  B P     1 
ATOM   330 O  OP1   . DA  B 2 5  ? -10.511 -12.105 10.103  1.00 133.34 ? 16  DA  B OP1   1 
ATOM   331 O  OP2   . DA  B 2 5  ? -11.225 -9.883  9.054   1.00 121.41 ? 16  DA  B OP2   1 
ATOM   332 O  "O5'" . DA  B 2 5  ? -8.908  -10.191 9.911   1.00 126.68 ? 16  DA  B "O5'" 1 
ATOM   333 C  "C5'" . DA  B 2 5  ? -7.736  -10.945 10.182  1.00 126.82 ? 16  DA  B "C5'" 1 
ATOM   334 C  "C4'" . DA  B 2 5  ? -6.521  -10.320 9.519   1.00 126.08 ? 16  DA  B "C4'" 1 
ATOM   335 O  "O4'" . DA  B 2 5  ? -6.868  -9.879  8.181   1.00 115.93 ? 16  DA  B "O4'" 1 
ATOM   336 C  "C3'" . DA  B 2 5  ? -5.960  -9.088  10.217  1.00 130.13 ? 16  DA  B "C3'" 1 
ATOM   337 O  "O3'" . DA  B 2 5  ? -4.556  -9.034  10.003  1.00 137.63 ? 16  DA  B "O3'" 1 
ATOM   338 C  "C2'" . DA  B 2 5  ? -6.680  -7.956  9.492   1.00 118.75 ? 16  DA  B "C2'" 1 
ATOM   339 C  "C1'" . DA  B 2 5  ? -6.644  -8.486  8.073   1.00 111.21 ? 16  DA  B "C1'" 1 
ATOM   340 N  N9    . DA  B 2 5  ? -7.662  -7.931  7.192   1.00 117.18 ? 16  DA  B N9    1 
ATOM   341 C  C8    . DA  B 2 5  ? -9.010  -8.140  7.254   1.00 116.73 ? 16  DA  B C8    1 
ATOM   342 N  N7    . DA  B 2 5  ? -9.683  -7.528  6.308   1.00 115.10 ? 16  DA  B N7    1 
ATOM   343 C  C5    . DA  B 2 5  ? -8.704  -6.881  5.571   1.00 115.86 ? 16  DA  B C5    1 
ATOM   344 C  C6    . DA  B 2 5  ? -8.761  -6.058  4.432   1.00 110.90 ? 16  DA  B C6    1 
ATOM   345 N  N6    . DA  B 2 5  ? -9.901  -5.736  3.813   1.00 110.90 ? 16  DA  B N6    1 
ATOM   346 N  N1    . DA  B 2 5  ? -7.596  -5.575  3.951   1.00 110.90 ? 16  DA  B N1    1 
ATOM   347 C  C2    . DA  B 2 5  ? -6.456  -5.900  4.572   1.00 110.90 ? 16  DA  B C2    1 
ATOM   348 N  N3    . DA  B 2 5  ? -6.278  -6.662  5.647   1.00 110.90 ? 16  DA  B N3    1 
ATOM   349 C  C4    . DA  B 2 5  ? -7.452  -7.126  6.101   1.00 119.27 ? 16  DA  B C4    1 
ATOM   350 P  P     . DC  B 2 6  ? -3.702  -7.777  10.521  1.00 139.40 ? 17  DC  B P     1 
ATOM   351 O  OP1   . DC  B 2 6  ? -2.285  -8.196  10.595  1.00 123.95 ? 17  DC  B OP1   1 
ATOM   352 O  OP2   . DC  B 2 6  ? -4.382  -7.237  11.719  1.00 143.13 ? 17  DC  B OP2   1 
ATOM   353 O  "O5'" . DC  B 2 6  ? -3.851  -6.705  9.348   1.00 118.94 ? 17  DC  B "O5'" 1 
ATOM   354 C  "C5'" . DC  B 2 6  ? -3.743  -5.328  9.643   1.00 116.85 ? 17  DC  B "C5'" 1 
ATOM   355 C  "C4'" . DC  B 2 6  ? -3.145  -4.575  8.475   1.00 110.55 ? 17  DC  B "C4'" 1 
ATOM   356 O  "O4'" . DC  B 2 6  ? -4.063  -4.619  7.355   1.00 117.68 ? 17  DC  B "O4'" 1 
ATOM   357 C  "C3'" . DC  B 2 6  ? -2.900  -3.101  8.738   1.00 105.75 ? 17  DC  B "C3'" 1 
ATOM   358 O  "O3'" . DC  B 2 6  ? -1.832  -2.640  7.937   1.00 105.75 ? 17  DC  B "O3'" 1 
ATOM   359 C  "C2'" . DC  B 2 6  ? -4.224  -2.471  8.328   1.00 105.75 ? 17  DC  B "C2'" 1 
ATOM   360 C  "C1'" . DC  B 2 6  ? -4.645  -3.345  7.150   1.00 105.75 ? 17  DC  B "C1'" 1 
ATOM   361 N  N1    . DC  B 2 6  ? -6.120  -3.518  7.040   1.00 112.11 ? 17  DC  B N1    1 
ATOM   362 C  C2    . DC  B 2 6  ? -6.808  -2.935  5.970   1.00 111.28 ? 17  DC  B C2    1 
ATOM   363 O  O2    . DC  B 2 6  ? -6.175  -2.288  5.126   1.00 108.01 ? 17  DC  B O2    1 
ATOM   364 N  N3    . DC  B 2 6  ? -8.151  -3.106  5.885   1.00 106.20 ? 17  DC  B N3    1 
ATOM   365 C  C4    . DC  B 2 6  ? -8.796  -3.813  6.815   1.00 105.75 ? 17  DC  B C4    1 
ATOM   366 N  N4    . DC  B 2 6  ? -10.121 -3.952  6.689   1.00 105.75 ? 17  DC  B N4    1 
ATOM   367 C  C5    . DC  B 2 6  ? -8.112  -4.412  7.913   1.00 105.75 ? 17  DC  B C5    1 
ATOM   368 C  C6    . DC  B 2 6  ? -6.788  -4.240  7.985   1.00 107.65 ? 17  DC  B C6    1 
ATOM   369 P  P     . DT  B 2 7  ? -1.238  -1.167  8.165   1.00 138.61 ? 18  DT  B P     1 
ATOM   370 O  OP1   . DT  B 2 7  ? 0.229   -1.241  7.990   1.00 137.83 ? 18  DT  B OP1   1 
ATOM   371 O  OP2   . DT  B 2 7  ? -1.804  -0.641  9.426   1.00 134.55 ? 18  DT  B OP2   1 
ATOM   372 O  "O5'" . DT  B 2 7  ? -1.861  -0.325  6.962   1.00 114.27 ? 18  DT  B "O5'" 1 
ATOM   373 C  "C5'" . DT  B 2 7  ? -1.706  -0.785  5.633   1.00 109.99 ? 18  DT  B "C5'" 1 
ATOM   374 C  "C4'" . DT  B 2 7  ? -2.430  0.124   4.662   1.00 113.67 ? 18  DT  B "C4'" 1 
ATOM   375 O  "O4'" . DT  B 2 7  ? -3.860  -0.115  4.732   1.00 113.53 ? 18  DT  B "O4'" 1 
ATOM   376 C  "C3'" . DT  B 2 7  ? -2.242  1.623   4.907   1.00 109.03 ? 18  DT  B "C3'" 1 
ATOM   377 O  "O3'" . DT  B 2 7  ? -2.043  2.266   3.662   1.00 102.48 ? 18  DT  B "O3'" 1 
ATOM   378 C  "C2'" . DT  B 2 7  ? -3.572  2.034   5.547   1.00 112.49 ? 18  DT  B "C2'" 1 
ATOM   379 C  "C1'" . DT  B 2 7  ? -4.524  1.124   4.800   1.00 109.43 ? 18  DT  B "C1'" 1 
ATOM   380 N  N1    . DT  B 2 7  ? -5.853  0.911   5.454   1.00 108.45 ? 18  DT  B N1    1 
ATOM   381 C  C2    . DT  B 2 7  ? -6.992  1.265   4.769   1.00 111.21 ? 18  DT  B C2    1 
ATOM   382 O  O2    . DT  B 2 7  ? -6.974  1.772   3.661   1.00 114.23 ? 18  DT  B O2    1 
ATOM   383 N  N3    . DT  B 2 7  ? -8.163  1.012   5.432   1.00 112.07 ? 18  DT  B N3    1 
ATOM   384 C  C4    . DT  B 2 7  ? -8.308  0.444   6.682   1.00 102.48 ? 18  DT  B C4    1 
ATOM   385 O  O4    . DT  B 2 7  ? -9.408  0.256   7.194   1.00 102.48 ? 18  DT  B O4    1 
ATOM   386 C  C5    . DT  B 2 7  ? -7.079  0.086   7.344   1.00 102.48 ? 18  DT  B C5    1 
ATOM   387 C  C7    . DT  B 2 7  ? -7.117  -0.535  8.707   1.00 102.48 ? 18  DT  B C7    1 
ATOM   388 C  C6    . DT  B 2 7  ? -5.920  0.330   6.705   1.00 108.06 ? 18  DT  B C6    1 
ATOM   389 P  P     . DC  B 2 8  ? -1.245  3.655   3.578   1.00 127.79 ? 19  DC  B P     1 
ATOM   390 O  OP1   . DC  B 2 8  ? -0.174  3.492   2.569   1.00 138.69 ? 19  DC  B OP1   1 
ATOM   391 O  OP2   . DC  B 2 8  ? -0.894  4.063   4.956   1.00 133.58 ? 19  DC  B OP2   1 
ATOM   392 O  "O5'" . DC  B 2 8  ? -2.342  4.675   3.021   1.00 126.26 ? 19  DC  B "O5'" 1 
ATOM   393 C  "C5'" . DC  B 2 8  ? -3.612  4.183   2.593   1.00 118.25 ? 19  DC  B "C5'" 1 
ATOM   394 C  "C4'" . DC  B 2 8  ? -4.662  5.280   2.634   1.00 124.48 ? 19  DC  B "C4'" 1 
ATOM   395 O  "O4'" . DC  B 2 8  ? -5.751  4.883   3.512   1.00 122.97 ? 19  DC  B "O4'" 1 
ATOM   396 C  "C3'" . DC  B 2 8  ? -4.171  6.627   3.160   1.00 125.83 ? 19  DC  B "C3'" 1 
ATOM   397 O  "O3'" . DC  B 2 8  ? -4.810  7.680   2.453   1.00 122.77 ? 19  DC  B "O3'" 1 
ATOM   398 C  "C2'" . DC  B 2 8  ? -4.604  6.592   4.621   1.00 122.93 ? 19  DC  B "C2'" 1 
ATOM   399 C  "C1'" . DC  B 2 8  ? -5.934  5.862   4.511   1.00 120.69 ? 19  DC  B "C1'" 1 
ATOM   400 N  N1    . DC  B 2 8  ? -6.347  5.181   5.767   1.00 114.01 ? 19  DC  B N1    1 
ATOM   401 C  C2    . DC  B 2 8  ? -7.705  4.977   6.027   1.00 105.15 ? 19  DC  B C2    1 
ATOM   402 O  O2    . DC  B 2 8  ? -8.542  5.364   5.202   1.00 108.29 ? 19  DC  B O2    1 
ATOM   403 N  N3    . DC  B 2 8  ? -8.067  4.356   7.176   1.00 106.77 ? 19  DC  B N3    1 
ATOM   404 C  C4    . DC  B 2 8  ? -7.133  3.953   8.040   1.00 112.23 ? 19  DC  B C4    1 
ATOM   405 N  N4    . DC  B 2 8  ? -7.540  3.345   9.159   1.00 116.85 ? 19  DC  B N4    1 
ATOM   406 C  C5    . DC  B 2 8  ? -5.744  4.155   7.794   1.00 101.88 ? 19  DC  B C5    1 
ATOM   407 C  C6    . DC  B 2 8  ? -5.400  4.770   6.658   1.00 105.80 ? 19  DC  B C6    1 
ATOM   408 P  P     . DA  B 2 9  ? -4.054  8.413   1.241   1.00 129.69 ? 20  DA  B P     1 
ATOM   409 O  OP1   . DA  B 2 9  ? -3.009  7.490   0.743   1.00 103.82 ? 20  DA  B OP1   1 
ATOM   410 O  OP2   . DA  B 2 9  ? -3.679  9.769   1.701   1.00 134.64 ? 20  DA  B OP2   1 
ATOM   411 O  "O5'" . DA  B 2 9  ? -5.186  8.570   0.122   1.00 118.81 ? 20  DA  B "O5'" 1 
ATOM   412 C  "C5'" . DA  B 2 9  ? -6.434  7.902   0.273   1.00 111.68 ? 20  DA  B "C5'" 1 
ATOM   413 C  "C4'" . DA  B 2 9  ? -7.542  8.897   0.573   1.00 123.00 ? 20  DA  B "C4'" 1 
ATOM   414 O  "O4'" . DA  B 2 9  ? -8.060  8.659   1.908   1.00 126.51 ? 20  DA  B "O4'" 1 
ATOM   415 C  "C3'" . DA  B 2 9  ? -7.117  10.363  0.548   1.00 125.41 ? 20  DA  B "C3'" 1 
ATOM   416 O  "O3'" . DA  B 2 9  ? -8.185  11.169  0.066   1.00 121.59 ? 20  DA  B "O3'" 1 
ATOM   417 C  "C2'" . DA  B 2 9  ? -6.824  10.648  2.017   1.00 117.09 ? 20  DA  B "C2'" 1 
ATOM   418 C  "C1'" . DA  B 2 9  ? -7.908  9.824   2.694   1.00 121.28 ? 20  DA  B "C1'" 1 
ATOM   419 N  N9    . DA  B 2 9  ? -7.575  9.421   4.054   1.00 116.51 ? 20  DA  B N9    1 
ATOM   420 C  C8    . DA  B 2 9  ? -6.370  9.555   4.686   1.00 112.14 ? 20  DA  B C8    1 
ATOM   421 N  N7    . DA  B 2 9  ? -6.366  9.096   5.917   1.00 112.91 ? 20  DA  B N7    1 
ATOM   422 C  C5    . DA  B 2 9  ? -7.656  8.627   6.101   1.00 115.56 ? 20  DA  B C5    1 
ATOM   423 C  C6    . DA  B 2 9  ? -8.301  8.018   7.196   1.00 107.35 ? 20  DA  B C6    1 
ATOM   424 N  N6    . DA  B 2 9  ? -7.696  7.770   8.363   1.00 104.87 ? 20  DA  B N6    1 
ATOM   425 N  N1    . DA  B 2 9  ? -9.597  7.676   7.046   1.00 105.87 ? 20  DA  B N1    1 
ATOM   426 C  C2    . DA  B 2 9  ? -10.200 7.927   5.877   1.00 107.69 ? 20  DA  B C2    1 
ATOM   427 N  N3    . DA  B 2 9  ? -9.700  8.491   4.782   1.00 103.27 ? 20  DA  B N3    1 
ATOM   428 C  C4    . DA  B 2 9  ? -8.414  8.820   4.962   1.00 114.56 ? 20  DA  B C4    1 
ATOM   429 P  P     . DT  C 3 1  ? -7.296  4.138   -15.421 1.00 142.58 ? 0   DT  C P     1 
ATOM   430 O  OP1   . DT  C 3 1  ? -7.008  3.385   -16.664 1.00 127.23 ? 0   DT  C OP1   1 
ATOM   431 O  OP2   . DT  C 3 1  ? -7.761  5.541   -15.489 1.00 115.36 ? 0   DT  C OP2   1 
ATOM   432 O  "O5'" . DT  C 3 1  ? -6.006  4.100   -14.475 1.00 113.40 ? 0   DT  C "O5'" 1 
ATOM   433 C  "C5'" . DT  C 3 1  ? -5.968  3.222   -13.362 1.00 112.16 ? 0   DT  C "C5'" 1 
ATOM   434 C  "C4'" . DT  C 3 1  ? -6.473  1.846   -13.746 1.00 111.63 ? 0   DT  C "C4'" 1 
ATOM   435 O  "O4'" . DT  C 3 1  ? -5.578  1.257   -14.731 1.00 99.43  ? 0   DT  C "O4'" 1 
ATOM   436 C  "C3'" . DT  C 3 1  ? -6.533  0.848   -12.597 1.00 118.45 ? 0   DT  C "C3'" 1 
ATOM   437 O  "O3'" . DT  C 3 1  ? -7.616  -0.051  -12.793 1.00 118.35 ? 0   DT  C "O3'" 1 
ATOM   438 C  "C2'" . DT  C 3 1  ? -5.193  0.140   -12.719 1.00 108.47 ? 0   DT  C "C2'" 1 
ATOM   439 C  "C1'" . DT  C 3 1  ? -5.058  0.045   -14.226 1.00 104.25 ? 0   DT  C "C1'" 1 
ATOM   440 N  N1    . DT  C 3 1  ? -3.648  -0.114  -14.703 1.00 108.50 ? 0   DT  C N1    1 
ATOM   441 C  C2    . DT  C 3 1  ? -3.119  -1.379  -14.823 1.00 111.71 ? 0   DT  C C2    1 
ATOM   442 O  O2    . DT  C 3 1  ? -3.738  -2.390  -14.546 1.00 114.08 ? 0   DT  C O2    1 
ATOM   443 N  N3    . DT  C 3 1  ? -1.827  -1.421  -15.277 1.00 116.13 ? 0   DT  C N3    1 
ATOM   444 C  C4    . DT  C 3 1  ? -1.027  -0.347  -15.622 1.00 116.51 ? 0   DT  C C4    1 
ATOM   445 O  O4    . DT  C 3 1  ? 0.126   -0.486  -16.020 1.00 114.17 ? 0   DT  C O4    1 
ATOM   446 C  C5    . DT  C 3 1  ? -1.643  0.950   -15.475 1.00 112.21 ? 0   DT  C C5    1 
ATOM   447 C  C7    . DT  C 3 1  ? -0.874  2.189   -15.816 1.00 109.30 ? 0   DT  C C7    1 
ATOM   448 C  C6    . DT  C 3 1  ? -2.908  1.003   -15.030 1.00 112.01 ? 0   DT  C C6    1 
ATOM   449 P  P     . DC  C 3 2  ? -8.247  -0.847  -11.548 1.00 117.41 ? 1   DC  C P     1 
ATOM   450 O  OP1   . DC  C 3 2  ? -9.630  -1.227  -11.905 1.00 130.14 ? 1   DC  C OP1   1 
ATOM   451 O  OP2   . DC  C 3 2  ? -7.997  -0.055  -10.324 1.00 118.27 ? 1   DC  C OP2   1 
ATOM   452 O  "O5'" . DC  C 3 2  ? -7.358  -2.167  -11.451 1.00 94.35  ? 1   DC  C "O5'" 1 
ATOM   453 C  "C5'" . DC  C 3 2  ? -6.333  -2.255  -10.477 1.00 94.35  ? 1   DC  C "C5'" 1 
ATOM   454 C  "C4'" . DC  C 3 2  ? -5.461  -3.466  -10.731 1.00 94.35  ? 1   DC  C "C4'" 1 
ATOM   455 O  "O4'" . DC  C 3 2  ? -4.398  -3.118  -11.653 1.00 94.35  ? 1   DC  C "O4'" 1 
ATOM   456 C  "C3'" . DC  C 3 2  ? -4.780  -4.037  -9.494  1.00 95.82  ? 1   DC  C "C3'" 1 
ATOM   457 O  "O3'" . DC  C 3 2  ? -4.854  -5.444  -9.533  1.00 94.35  ? 1   DC  C "O3'" 1 
ATOM   458 C  "C2'" . DC  C 3 2  ? -3.339  -3.535  -9.614  1.00 99.35  ? 1   DC  C "C2'" 1 
ATOM   459 C  "C1'" . DC  C 3 2  ? -3.151  -3.509  -11.119 1.00 96.98  ? 1   DC  C "C1'" 1 
ATOM   460 N  N1    . DC  C 3 2  ? -2.122  -2.536  -11.596 1.00 98.89  ? 1   DC  C N1    1 
ATOM   461 C  C2    . DC  C 3 2  ? -0.899  -3.000  -12.093 1.00 104.14 ? 1   DC  C C2    1 
ATOM   462 O  O2    . DC  C 3 2  ? -0.674  -4.217  -12.109 1.00 105.72 ? 1   DC  C O2    1 
ATOM   463 N  N3    . DC  C 3 2  ? 0.014   -2.097  -12.538 1.00 109.79 ? 1   DC  C N3    1 
ATOM   464 C  C4    . DC  C 3 2  ? -0.265  -0.792  -12.504 1.00 113.45 ? 1   DC  C C4    1 
ATOM   465 N  N4    . DC  C 3 2  ? 0.662   0.061   -12.954 1.00 122.99 ? 1   DC  C N4    1 
ATOM   466 C  C5    . DC  C 3 2  ? -1.510  -0.305  -12.009 1.00 105.24 ? 1   DC  C C5    1 
ATOM   467 C  C6    . DC  C 3 2  ? -2.396  -1.203  -11.570 1.00 98.67  ? 1   DC  C C6    1 
ATOM   468 P  P     . DT  C 3 3  ? -5.419  -6.251  -8.269  1.00 91.99  ? 2   DT  C P     1 
ATOM   469 O  OP1   . DT  C 3 3  ? -6.223  -7.385  -8.774  1.00 91.99  ? 2   DT  C OP1   1 
ATOM   470 O  OP2   . DT  C 3 3  ? -6.030  -5.270  -7.348  1.00 96.96  ? 2   DT  C OP2   1 
ATOM   471 O  "O5'" . DT  C 3 3  ? -4.095  -6.822  -7.594  1.00 91.99  ? 2   DT  C "O5'" 1 
ATOM   472 C  "C5'" . DT  C 3 3  ? -3.097  -7.396  -8.417  1.00 101.48 ? 2   DT  C "C5'" 1 
ATOM   473 C  "C4'" . DT  C 3 3  ? -1.722  -7.160  -7.832  1.00 101.62 ? 2   DT  C "C4'" 1 
ATOM   474 O  "O4'" . DT  C 3 3  ? -1.074  -6.079  -8.515  1.00 106.54 ? 2   DT  C "O4'" 1 
ATOM   475 C  "C3'" . DT  C 3 3  ? -1.702  -6.749  -6.364  1.00 91.99  ? 2   DT  C "C3'" 1 
ATOM   476 O  "O3'" . DT  C 3 3  ? -1.529  -7.902  -5.534  1.00 91.99  ? 2   DT  C "O3'" 1 
ATOM   477 C  "C2'" . DT  C 3 3  ? -0.517  -5.765  -6.263  1.00 91.99  ? 2   DT  C "C2'" 1 
ATOM   478 C  "C1'" . DT  C 3 3  ? -0.010  -5.671  -7.705  1.00 91.99  ? 2   DT  C "C1'" 1 
ATOM   479 N  N1    . DT  C 3 3  ? 0.418   -4.307  -8.113  1.00 97.34  ? 2   DT  C N1    1 
ATOM   480 C  C2    . DT  C 3 3  ? 1.621   -4.154  -8.759  1.00 104.63 ? 2   DT  C C2    1 
ATOM   481 O  O2    . DT  C 3 3  ? 2.362   -5.087  -9.019  1.00 103.62 ? 2   DT  C O2    1 
ATOM   482 N  N3    . DT  C 3 3  ? 1.933   -2.865  -9.093  1.00 98.33  ? 2   DT  C N3    1 
ATOM   483 C  C4    . DT  C 3 3  ? 1.176   -1.736  -8.853  1.00 100.41 ? 2   DT  C C4    1 
ATOM   484 O  O4    . DT  C 3 3  ? 1.542   -0.616  -9.194  1.00 104.40 ? 2   DT  C O4    1 
ATOM   485 C  C5    . DT  C 3 3  ? -0.076  -1.966  -8.170  1.00 101.68 ? 2   DT  C C5    1 
ATOM   486 C  C7    . DT  C 3 3  ? -0.982  -0.817  -7.854  1.00 93.05  ? 2   DT  C C7    1 
ATOM   487 C  C6    . DT  C 3 3  ? -0.390  -3.227  -7.835  1.00 91.99  ? 2   DT  C C6    1 
ATOM   488 P  P     . DT  C 3 4  ? -0.073  -8.533  -5.266  1.00 104.32 ? 3   DT  C P     1 
ATOM   489 O  OP1   . DT  C 3 4  ? 0.529   -7.832  -4.108  1.00 104.32 ? 3   DT  C OP1   1 
ATOM   490 O  OP2   . DT  C 3 4  ? 0.668   -8.628  -6.541  1.00 113.22 ? 3   DT  C OP2   1 
ATOM   491 O  "O5'" . DT  C 3 4  ? -0.400  -10.027 -4.810  1.00 112.82 ? 3   DT  C "O5'" 1 
ATOM   492 C  "C5'" . DT  C 3 4  ? -1.577  -10.290 -4.063  1.00 115.55 ? 3   DT  C "C5'" 1 
ATOM   493 C  "C4'" . DT  C 3 4  ? -1.376  -9.932  -2.603  1.00 109.42 ? 3   DT  C "C4'" 1 
ATOM   494 O  "O4'" . DT  C 3 4  ? -2.340  -8.930  -2.216  1.00 95.39  ? 3   DT  C "O4'" 1 
ATOM   495 C  "C3'" . DT  C 3 4  ? -1.523  -11.103 -1.642  1.00 106.70 ? 3   DT  C "C3'" 1 
ATOM   496 O  "O3'" . DT  C 3 4  ? -0.242  -11.456 -1.119  1.00 115.85 ? 3   DT  C "O3'" 1 
ATOM   497 C  "C2'" . DT  C 3 4  ? -2.456  -10.603 -0.540  1.00 95.39  ? 3   DT  C "C2'" 1 
ATOM   498 C  "C1'" . DT  C 3 4  ? -3.141  -9.389  -1.155  1.00 95.39  ? 3   DT  C "C1'" 1 
ATOM   499 N  N1    . DT  C 3 4  ? -4.526  -9.626  -1.674  1.00 105.52 ? 3   DT  C N1    1 
ATOM   500 C  C2    . DT  C 3 4  ? -5.509  -10.083 -0.823  1.00 102.27 ? 3   DT  C C2    1 
ATOM   501 O  O2    . DT  C 3 4  ? -5.315  -10.345 0.352   1.00 100.05 ? 3   DT  C O2    1 
ATOM   502 N  N3    . DT  C 3 4  ? -6.740  -10.234 -1.405  1.00 100.90 ? 3   DT  C N3    1 
ATOM   503 C  C4    . DT  C 3 4  ? -7.087  -9.968  -2.718  1.00 107.39 ? 3   DT  C C4    1 
ATOM   504 O  O4    . DT  C 3 4  ? -8.228  -10.132 -3.145  1.00 113.66 ? 3   DT  C O4    1 
ATOM   505 C  C5    . DT  C 3 4  ? -6.016  -9.479  -3.548  1.00 105.70 ? 3   DT  C C5    1 
ATOM   506 C  C7    . DT  C 3 4  ? -6.269  -9.158  -4.990  1.00 107.43 ? 3   DT  C C7    1 
ATOM   507 C  C6    . DT  C 3 4  ? -4.805  -9.329  -2.993  1.00 95.39  ? 3   DT  C C6    1 
ATOM   508 P  P     . DC  C 3 5  ? 0.614   -12.628 -1.807  1.00 96.58  ? 4   DC  C P     1 
ATOM   509 O  OP1   . DC  C 3 5  ? 1.458   -13.232 -0.754  1.00 96.95  ? 4   DC  C OP1   1 
ATOM   510 O  OP2   . DC  C 3 5  ? 1.246   -12.083 -3.029  1.00 113.24 ? 4   DC  C OP2   1 
ATOM   511 O  "O5'" . DC  C 3 5  ? -0.493  -13.684 -2.263  1.00 104.03 ? 4   DC  C "O5'" 1 
ATOM   512 C  "C5'" . DC  C 3 5  ? -0.550  -14.964 -1.653  1.00 112.59 ? 4   DC  C "C5'" 1 
ATOM   513 C  "C4'" . DC  C 3 5  ? -1.353  -14.930 -0.362  1.00 96.58  ? 4   DC  C "C4'" 1 
ATOM   514 O  "O4'" . DC  C 3 5  ? -2.222  -13.769 -0.352  1.00 96.58  ? 4   DC  C "O4'" 1 
ATOM   515 C  "C3'" . DC  C 3 5  ? -2.269  -16.121 -0.163  1.00 106.88 ? 4   DC  C "C3'" 1 
ATOM   516 O  "O3'" . DC  C 3 5  ? -1.576  -17.146 0.524   1.00 104.65 ? 4   DC  C "O3'" 1 
ATOM   517 C  "C2'" . DC  C 3 5  ? -3.397  -15.538 0.680   1.00 108.57 ? 4   DC  C "C2'" 1 
ATOM   518 C  "C1'" . DC  C 3 5  ? -3.510  -14.123 0.120   1.00 103.36 ? 4   DC  C "C1'" 1 
ATOM   519 N  N1    . DC  C 3 5  ? -4.488  -13.982 -1.015  1.00 110.97 ? 4   DC  C N1    1 
ATOM   520 C  C2    . DC  C 3 5  ? -5.857  -14.196 -0.796  1.00 113.96 ? 4   DC  C C2    1 
ATOM   521 O  O2    . DC  C 3 5  ? -6.251  -14.514 0.334   1.00 116.24 ? 4   DC  C O2    1 
ATOM   522 N  N3    . DC  C 3 5  ? -6.716  -14.054 -1.838  1.00 108.73 ? 4   DC  C N3    1 
ATOM   523 C  C4    . DC  C 3 5  ? -6.256  -13.709 -3.044  1.00 108.06 ? 4   DC  C C4    1 
ATOM   524 N  N4    . DC  C 3 5  ? -7.141  -13.578 -4.038  1.00 108.73 ? 4   DC  C N4    1 
ATOM   525 C  C5    . DC  C 3 5  ? -4.871  -13.481 -3.282  1.00 111.75 ? 4   DC  C C5    1 
ATOM   526 C  C6    . DC  C 3 5  ? -4.033  -13.624 -2.251  1.00 108.00 ? 4   DC  C C6    1 
ATOM   527 P  P     . DG  C 3 6  ? -2.162  -18.640 0.526   1.00 112.68 ? 5   DG  C P     1 
ATOM   528 O  OP1   . DG  C 3 6  ? -1.144  -19.524 1.132   1.00 125.14 ? 5   DG  C OP1   1 
ATOM   529 O  OP2   . DG  C 3 6  ? -2.670  -18.911 -0.835  1.00 99.64  ? 5   DG  C OP2   1 
ATOM   530 O  "O5'" . DG  C 3 6  ? -3.422  -18.546 1.505   1.00 101.29 ? 5   DG  C "O5'" 1 
ATOM   531 C  "C5'" . DG  C 3 6  ? -4.050  -19.726 1.976   1.00 106.86 ? 5   DG  C "C5'" 1 
ATOM   532 C  "C4'" . DG  C 3 6  ? -5.272  -20.069 1.139   1.00 109.88 ? 5   DG  C "C4'" 1 
ATOM   533 O  "O4'" . DG  C 3 6  ? -5.750  -18.898 0.458   1.00 104.29 ? 5   DG  C "O4'" 1 
ATOM   534 C  "C3'" . DG  C 3 6  ? -5.032  -21.055 0.016   1.00 113.31 ? 5   DG  C "C3'" 1 
ATOM   535 O  "O3'" . DG  C 3 6  ? -5.076  -22.386 0.518   1.00 106.32 ? 5   DG  C "O3'" 1 
ATOM   536 C  "C2'" . DG  C 3 6  ? -6.205  -20.768 -0.934  1.00 103.50 ? 5   DG  C "C2'" 1 
ATOM   537 C  "C1'" . DG  C 3 6  ? -6.602  -19.323 -0.585  1.00 110.12 ? 5   DG  C "C1'" 1 
ATOM   538 N  N9    . DG  C 3 6  ? -6.483  -18.399 -1.709  1.00 115.85 ? 5   DG  C N9    1 
ATOM   539 C  C8    . DG  C 3 6  ? -5.344  -17.778 -2.159  1.00 116.42 ? 5   DG  C C8    1 
ATOM   540 N  N7    . DG  C 3 6  ? -5.545  -17.009 -3.194  1.00 111.93 ? 5   DG  C N7    1 
ATOM   541 C  C5    . DG  C 3 6  ? -6.905  -17.131 -3.448  1.00 109.14 ? 5   DG  C C5    1 
ATOM   542 C  C6    . DG  C 3 6  ? -7.702  -16.533 -4.451  1.00 113.48 ? 5   DG  C C6    1 
ATOM   543 O  O6    . DG  C 3 6  ? -7.351  -15.746 -5.340  1.00 115.41 ? 5   DG  C O6    1 
ATOM   544 N  N1    . DG  C 3 6  ? -9.035  -16.925 -4.352  1.00 119.01 ? 5   DG  C N1    1 
ATOM   545 C  C2    . DG  C 3 6  ? -9.533  -17.790 -3.406  1.00 113.04 ? 5   DG  C C2    1 
ATOM   546 N  N2    . DG  C 3 6  ? -10.847 -18.051 -3.472  1.00 108.74 ? 5   DG  C N2    1 
ATOM   547 N  N3    . DG  C 3 6  ? -8.796  -18.359 -2.462  1.00 107.80 ? 5   DG  C N3    1 
ATOM   548 C  C4    . DG  C 3 6  ? -7.496  -17.984 -2.544  1.00 112.39 ? 5   DG  C C4    1 
ATOM   549 O  "O5'" . DT  D 4 1  ? -5.253  11.047  16.922  1.00 130.95 ? 2   DT  D "O5'" 1 
ATOM   550 C  "C5'" . DT  D 4 1  ? -5.704  11.047  18.269  1.00 130.34 ? 2   DT  D "C5'" 1 
ATOM   551 C  "C4'" . DT  D 4 1  ? -7.217  10.932  18.341  1.00 131.16 ? 2   DT  D "C4'" 1 
ATOM   552 O  "O4'" . DT  D 4 1  ? -7.821  11.819  17.362  1.00 126.82 ? 2   DT  D "O4'" 1 
ATOM   553 C  "C3'" . DT  D 4 1  ? -7.784  9.548   18.039  1.00 131.53 ? 2   DT  D "C3'" 1 
ATOM   554 O  "O3'" . DT  D 4 1  ? -8.985  9.360   18.785  1.00 132.71 ? 2   DT  D "O3'" 1 
ATOM   555 C  "C2'" . DT  D 4 1  ? -8.061  9.638   16.543  1.00 130.02 ? 2   DT  D "C2'" 1 
ATOM   556 C  "C1'" . DT  D 4 1  ? -8.579  11.062  16.438  1.00 124.21 ? 2   DT  D "C1'" 1 
ATOM   557 N  N1    . DT  D 4 1  ? -8.423  11.685  15.091  1.00 128.06 ? 2   DT  D N1    1 
ATOM   558 C  C2    . DT  D 4 1  ? -9.548  12.052  14.392  1.00 132.88 ? 2   DT  D C2    1 
ATOM   559 O  O2    . DT  D 4 1  ? -10.680 11.875  14.808  1.00 134.22 ? 2   DT  D O2    1 
ATOM   560 N  N3    . DT  D 4 1  ? -9.304  12.637  13.177  1.00 132.61 ? 2   DT  D N3    1 
ATOM   561 C  C4    . DT  D 4 1  ? -8.071  12.890  12.605  1.00 115.70 ? 2   DT  D C4    1 
ATOM   562 O  O4    . DT  D 4 1  ? -7.953  13.420  11.505  1.00 113.58 ? 2   DT  D O4    1 
ATOM   563 C  C5    . DT  D 4 1  ? -6.932  12.487  13.394  1.00 114.72 ? 2   DT  D C5    1 
ATOM   564 C  C7    . DT  D 4 1  ? -5.543  12.710  12.877  1.00 120.36 ? 2   DT  D C7    1 
ATOM   565 C  C6    . DT  D 4 1  ? -7.159  11.914  14.587  1.00 118.86 ? 2   DT  D C6    1 
ATOM   566 P  P     . DC  D 4 2  ? -9.798  7.976   18.708  1.00 160.88 ? 3   DC  D P     1 
ATOM   567 O  OP1   . DC  D 4 2  ? -10.415 7.758   20.036  1.00 153.23 ? 3   DC  D OP1   1 
ATOM   568 O  OP2   . DC  D 4 2  ? -8.901  6.946   18.139  1.00 148.62 ? 3   DC  D OP2   1 
ATOM   569 O  "O5'" . DC  D 4 2  ? -10.976 8.283   17.664  1.00 149.02 ? 3   DC  D "O5'" 1 
ATOM   570 C  "C5'" . DC  D 4 2  ? -12.219 7.584   17.754  1.00 148.23 ? 3   DC  D "C5'" 1 
ATOM   571 C  "C4'" . DC  D 4 2  ? -12.975 7.654   16.437  1.00 141.16 ? 3   DC  D "C4'" 1 
ATOM   572 O  "O4'" . DC  D 4 2  ? -12.336 8.616   15.578  1.00 140.85 ? 3   DC  D "O4'" 1 
ATOM   573 C  "C3'" . DC  D 4 2  ? -13.015 6.343   15.663  1.00 129.73 ? 3   DC  D "C3'" 1 
ATOM   574 O  "O3'" . DC  D 4 2  ? -14.283 5.730   15.830  1.00 121.92 ? 3   DC  D "O3'" 1 
ATOM   575 C  "C2'" . DC  D 4 2  ? -12.779 6.730   14.199  1.00 130.70 ? 3   DC  D "C2'" 1 
ATOM   576 C  "C1'" . DC  D 4 2  ? -12.420 8.212   14.232  1.00 138.32 ? 3   DC  D "C1'" 1 
ATOM   577 N  N1    . DC  D 4 2  ? -11.119 8.539   13.569  1.00 135.90 ? 3   DC  D N1    1 
ATOM   578 C  C2    . DC  D 4 2  ? -9.911  8.137   14.158  1.00 132.30 ? 3   DC  D C2    1 
ATOM   579 O  O2    . DC  D 4 2  ? -9.932  7.490   15.213  1.00 126.18 ? 3   DC  D O2    1 
ATOM   580 N  N3    . DC  D 4 2  ? -8.745  8.465   13.547  1.00 133.82 ? 3   DC  D N3    1 
ATOM   581 C  C4    . DC  D 4 2  ? -8.758  9.161   12.409  1.00 128.69 ? 3   DC  D C4    1 
ATOM   582 N  N4    . DC  D 4 2  ? -7.584  9.460   11.843  1.00 127.47 ? 3   DC  D N4    1 
ATOM   583 C  C5    . DC  D 4 2  ? -9.975  9.581   11.804  1.00 123.46 ? 3   DC  D C5    1 
ATOM   584 C  C6    . DC  D 4 2  ? -11.118 9.252   12.410  1.00 127.69 ? 3   DC  D C6    1 
ATOM   585 P  P     . DT  D 4 3  ? -14.444 4.467   16.807  1.00 158.75 ? 4   DT  D P     1 
ATOM   586 O  OP1   . DT  D 4 3  ? -15.188 4.930   17.999  1.00 168.79 ? 4   DT  D OP1   1 
ATOM   587 O  OP2   . DT  D 4 3  ? -13.108 3.853   16.972  1.00 138.36 ? 4   DT  D OP2   1 
ATOM   588 O  "O5'" . DT  D 4 3  ? -15.362 3.452   15.977  1.00 151.63 ? 4   DT  D "O5'" 1 
ATOM   589 C  "C5'" . DT  D 4 3  ? -14.996 3.082   14.648  1.00 136.66 ? 4   DT  D "C5'" 1 
ATOM   590 C  "C4'" . DT  D 4 3  ? -15.892 3.761   13.626  1.00 141.95 ? 4   DT  D "C4'" 1 
ATOM   591 O  "O4'" . DT  D 4 3  ? -15.154 4.822   12.954  1.00 138.97 ? 4   DT  D "O4'" 1 
ATOM   592 C  "C3'" . DT  D 4 3  ? -16.390 2.853   12.507  1.00 140.02 ? 4   DT  D "C3'" 1 
ATOM   593 O  "O3'" . DT  D 4 3  ? -17.644 3.324   12.028  1.00 151.92 ? 4   DT  D "O3'" 1 
ATOM   594 C  "C2'" . DT  D 4 3  ? -15.305 3.037   11.461  1.00 131.31 ? 4   DT  D "C2'" 1 
ATOM   595 C  "C1'" . DT  D 4 3  ? -15.089 4.534   11.570  1.00 128.86 ? 4   DT  D "C1'" 1 
ATOM   596 N  N1    . DT  D 4 3  ? -13.779 5.016   11.024  1.00 127.79 ? 4   DT  D N1    1 
ATOM   597 C  C2    . DT  D 4 3  ? -12.605 4.711   11.677  1.00 124.94 ? 4   DT  D C2    1 
ATOM   598 O  O2    . DT  D 4 3  ? -12.556 4.051   12.698  1.00 128.46 ? 4   DT  D O2    1 
ATOM   599 N  N3    . DT  D 4 3  ? -11.477 5.223   11.094  1.00 118.59 ? 4   DT  D N3    1 
ATOM   600 C  C4    . DT  D 4 3  ? -11.401 5.984   9.943   1.00 117.33 ? 4   DT  D C4    1 
ATOM   601 O  O4    . DT  D 4 3  ? -10.336 6.394   9.495   1.00 112.25 ? 4   DT  D O4    1 
ATOM   602 C  C5    . DT  D 4 3  ? -12.670 6.262   9.308   1.00 119.73 ? 4   DT  D C5    1 
ATOM   603 C  C7    . DT  D 4 3  ? -12.728 7.073   8.050   1.00 112.69 ? 4   DT  D C7    1 
ATOM   604 C  C6    . DT  D 4 3  ? -13.779 5.771   9.873   1.00 122.98 ? 4   DT  D C6    1 
ATOM   605 P  P     . DG  D 4 4  ? -18.559 2.393   11.089  1.00 170.47 ? 5   DG  D P     1 
ATOM   606 O  OP1   . DG  D 4 4  ? -19.902 3.011   11.031  1.00 156.60 ? 5   DG  D OP1   1 
ATOM   607 O  OP2   . DG  D 4 4  ? -18.402 0.995   11.551  1.00 162.35 ? 5   DG  D OP2   1 
ATOM   608 O  "O5'" . DG  D 4 4  ? -17.881 2.501   9.642   1.00 149.95 ? 5   DG  D "O5'" 1 
ATOM   609 C  "C5'" . DG  D 4 4  ? -18.134 3.635   8.815   1.00 139.61 ? 5   DG  D "C5'" 1 
ATOM   610 C  "C4'" . DG  D 4 4  ? -17.485 3.464   7.452   1.00 129.28 ? 5   DG  D "C4'" 1 
ATOM   611 O  "O4'" . DG  D 4 4  ? -16.050 3.656   7.574   1.00 132.52 ? 5   DG  D "O4'" 1 
ATOM   612 C  "C3'" . DG  D 4 4  ? -17.676 2.086   6.809   1.00 117.94 ? 5   DG  D "C3'" 1 
ATOM   613 O  "O3'" . DG  D 4 4  ? -17.896 2.224   5.410   1.00 117.00 ? 5   DG  D "O3'" 1 
ATOM   614 C  "C2'" . DG  D 4 4  ? -16.350 1.391   7.094   1.00 123.37 ? 5   DG  D "C2'" 1 
ATOM   615 C  "C1'" . DG  D 4 4  ? -15.378 2.556   7.009   1.00 123.65 ? 5   DG  D "C1'" 1 
ATOM   616 N  N9    . DG  D 4 4  ? -14.140 2.337   7.750   1.00 119.86 ? 5   DG  D N9    1 
ATOM   617 C  C8    . DG  D 4 4  ? -13.977 1.582   8.885   1.00 113.56 ? 5   DG  D C8    1 
ATOM   618 N  N7    . DG  D 4 4  ? -12.751 1.566   9.328   1.00 109.99 ? 5   DG  D N7    1 
ATOM   619 C  C5    . DG  D 4 4  ? -12.053 2.353   8.422   1.00 116.52 ? 5   DG  D C5    1 
ATOM   620 C  C6    . DG  D 4 4  ? -10.683 2.699   8.382   1.00 112.67 ? 5   DG  D C6    1 
ATOM   621 O  O6    . DG  D 4 4  ? -9.782  2.366   9.167   1.00 114.19 ? 5   DG  D O6    1 
ATOM   622 N  N1    . DG  D 4 4  ? -10.389 3.517   7.292   1.00 106.81 ? 5   DG  D N1    1 
ATOM   623 C  C2    . DG  D 4 4  ? -11.307 3.946   6.360   1.00 109.98 ? 5   DG  D C2    1 
ATOM   624 N  N2    . DG  D 4 4  ? -10.838 4.731   5.379   1.00 112.16 ? 5   DG  D N2    1 
ATOM   625 N  N3    . DG  D 4 4  ? -12.595 3.627   6.388   1.00 114.35 ? 5   DG  D N3    1 
ATOM   626 C  C4    . DG  D 4 4  ? -12.895 2.831   7.443   1.00 119.54 ? 5   DG  D C4    1 
ATOM   627 P  P     . DA  D 4 5  ? -18.767 1.129   4.615   1.00 129.42 ? 6   DA  D P     1 
ATOM   628 O  OP1   . DA  D 4 5  ? -20.184 1.553   4.682   1.00 124.97 ? 6   DA  D OP1   1 
ATOM   629 O  OP2   . DA  D 4 5  ? -18.375 -0.209  5.106   1.00 124.58 ? 6   DA  D OP2   1 
ATOM   630 O  "O5'" . DA  D 4 5  ? -18.262 1.255   3.103   1.00 126.73 ? 6   DA  D "O5'" 1 
ATOM   631 C  "C5'" . DA  D 4 5  ? -18.446 2.470   2.389   1.00 121.16 ? 6   DA  D "C5'" 1 
ATOM   632 C  "C4'" . DA  D 4 5  ? -17.235 2.778   1.526   1.00 117.15 ? 6   DA  D "C4'" 1 
ATOM   633 O  "O4'" . DA  D 4 5  ? -16.037 2.753   2.346   1.00 123.06 ? 6   DA  D "O4'" 1 
ATOM   634 C  "C3'" . DA  D 4 5  ? -16.979 1.798   0.384   1.00 108.83 ? 6   DA  D "C3'" 1 
ATOM   635 O  "O3'" . DA  D 4 5  ? -16.458 2.495   -0.736  1.00 109.68 ? 6   DA  D "O3'" 1 
ATOM   636 C  "C2'" . DA  D 4 5  ? -15.945 0.848   0.978   1.00 107.32 ? 6   DA  D "C2'" 1 
ATOM   637 C  "C1'" . DA  D 4 5  ? -15.128 1.798   1.840   1.00 115.53 ? 6   DA  D "C1'" 1 
ATOM   638 N  N9    . DA  D 4 5  ? -14.475 1.149   2.970   1.00 112.04 ? 6   DA  D N9    1 
ATOM   639 C  C8    . DA  D 4 5  ? -15.064 0.376   3.930   1.00 112.10 ? 6   DA  D C8    1 
ATOM   640 N  N7    . DA  D 4 5  ? -14.226 -0.072  4.835   1.00 113.22 ? 6   DA  D N7    1 
ATOM   641 C  C5    . DA  D 4 5  ? -13.004 0.449   4.442   1.00 111.11 ? 6   DA  D C5    1 
ATOM   642 C  C6    . DA  D 4 5  ? -11.708 0.345   4.984   1.00 101.19 ? 6   DA  D C6    1 
ATOM   643 N  N6    . DA  D 4 5  ? -11.425 -0.352  6.089   1.00 98.12  ? 6   DA  D N6    1 
ATOM   644 N  N1    . DA  D 4 5  ? -10.710 0.989   4.344   1.00 108.46 ? 6   DA  D N1    1 
ATOM   645 C  C2    . DA  D 4 5  ? -10.995 1.686   3.238   1.00 113.20 ? 6   DA  D C2    1 
ATOM   646 N  N3    . DA  D 4 5  ? -12.171 1.855   2.636   1.00 115.66 ? 6   DA  D N3    1 
ATOM   647 C  C4    . DA  D 4 5  ? -13.142 1.206   3.295   1.00 113.26 ? 6   DA  D C4    1 
ATOM   648 P  P     . DG  D 4 6  ? -16.240 1.732   -2.133  1.00 138.81 ? 7   DG  D P     1 
ATOM   649 O  OP1   . DG  D 4 6  ? -16.405 2.731   -3.213  1.00 123.13 ? 7   DG  D OP1   1 
ATOM   650 O  OP2   . DG  D 4 6  ? -17.083 0.516   -2.116  1.00 132.74 ? 7   DG  D OP2   1 
ATOM   651 O  "O5'" . DG  D 4 6  ? -14.710 1.269   -2.083  1.00 123.53 ? 7   DG  D "O5'" 1 
ATOM   652 C  "C5'" . DG  D 4 6  ? -13.683 2.243   -1.927  1.00 116.21 ? 7   DG  D "C5'" 1 
ATOM   653 C  "C4'" . DG  D 4 6  ? -12.339 1.587   -1.657  1.00 124.62 ? 7   DG  D "C4'" 1 
ATOM   654 O  "O4'" . DG  D 4 6  ? -12.339 0.995   -0.333  1.00 122.39 ? 7   DG  D "O4'" 1 
ATOM   655 C  "C3'" . DG  D 4 6  ? -11.946 0.464   -2.629  1.00 106.02 ? 7   DG  D "C3'" 1 
ATOM   656 O  "O3'" . DG  D 4 6  ? -10.657 0.729   -3.183  1.00 94.79  ? 7   DG  D "O3'" 1 
ATOM   657 C  "C2'" . DG  D 4 6  ? -11.932 -0.793  -1.751  1.00 103.74 ? 7   DG  D "C2'" 1 
ATOM   658 C  "C1'" . DG  D 4 6  ? -11.615 -0.204  -0.386  1.00 110.28 ? 7   DG  D "C1'" 1 
ATOM   659 N  N9    . DG  D 4 6  ? -12.023 -1.044  0.736   1.00 106.30 ? 7   DG  D N9    1 
ATOM   660 C  C8    . DG  D 4 6  ? -13.290 -1.497  1.018   1.00 103.38 ? 7   DG  D C8    1 
ATOM   661 N  N7    . DG  D 4 6  ? -13.351 -2.229  2.096   1.00 101.03 ? 7   DG  D N7    1 
ATOM   662 C  C5    . DG  D 4 6  ? -12.042 -2.261  2.559   1.00 101.13 ? 7   DG  D C5    1 
ATOM   663 C  C6    . DG  D 4 6  ? -11.492 -2.903  3.696   1.00 98.55  ? 7   DG  D C6    1 
ATOM   664 O  O6    . DG  D 4 6  ? -12.073 -3.593  4.546   1.00 96.93  ? 7   DG  D O6    1 
ATOM   665 N  N1    . DG  D 4 6  ? -10.119 -2.680  3.797   1.00 105.80 ? 7   DG  D N1    1 
ATOM   666 C  C2    . DG  D 4 6  ? -9.373  -1.933  2.914   1.00 98.34  ? 7   DG  D C2    1 
ATOM   667 N  N2    . DG  D 4 6  ? -8.061  -1.831  3.178   1.00 97.68  ? 7   DG  D N2    1 
ATOM   668 N  N3    . DG  D 4 6  ? -9.878  -1.327  1.847   1.00 98.74  ? 7   DG  D N3    1 
ATOM   669 C  C4    . DG  D 4 6  ? -11.213 -1.535  1.733   1.00 103.54 ? 7   DG  D C4    1 
ATOM   670 P  P     . DT  D 4 7  ? -10.430 0.678   -4.773  1.00 107.71 ? 8   DT  D P     1 
ATOM   671 O  OP1   . DT  D 4 7  ? -10.181 2.064   -5.229  1.00 119.86 ? 8   DT  D OP1   1 
ATOM   672 O  OP2   . DT  D 4 7  ? -11.527 -0.118  -5.367  1.00 116.14 ? 8   DT  D OP2   1 
ATOM   673 O  "O5'" . DT  D 4 7  ? -9.081  -0.160  -4.941  1.00 100.98 ? 8   DT  D "O5'" 1 
ATOM   674 C  "C5'" . DT  D 4 7  ? -8.593  -0.931  -3.857  1.00 90.03  ? 8   DT  D "C5'" 1 
ATOM   675 C  "C4'" . DT  D 4 7  ? -7.297  -0.350  -3.326  1.00 85.47  ? 8   DT  D "C4'" 1 
ATOM   676 O  "O4'" . DT  D 4 7  ? -7.190  -0.630  -1.912  1.00 77.07  ? 8   DT  D "O4'" 1 
ATOM   677 C  "C3'" . DT  D 4 7  ? -6.045  -0.957  -3.909  1.00 88.46  ? 8   DT  D "C3'" 1 
ATOM   678 O  "O3'" . DT  D 4 7  ? -4.945  -0.102  -3.635  1.00 84.80  ? 8   DT  D "O3'" 1 
ATOM   679 C  "C2'" . DT  D 4 7  ? -5.957  -2.249  -3.107  1.00 76.68  ? 8   DT  D "C2'" 1 
ATOM   680 C  "C1'" . DT  D 4 7  ? -6.343  -1.753  -1.716  1.00 61.43  ? 8   DT  D "C1'" 1 
ATOM   681 N  N1    . DT  D 4 7  ? -7.087  -2.740  -0.886  1.00 78.31  ? 8   DT  D N1    1 
ATOM   682 C  C2    . DT  D 4 7  ? -6.562  -3.133  0.323   1.00 88.41  ? 8   DT  D C2    1 
ATOM   683 O  O2    . DT  D 4 7  ? -5.490  -2.742  0.746   1.00 89.75  ? 8   DT  D O2    1 
ATOM   684 N  N3    . DT  D 4 7  ? -7.340  -4.018  1.022   1.00 88.77  ? 8   DT  D N3    1 
ATOM   685 C  C4    . DT  D 4 7  ? -8.567  -4.528  0.645   1.00 77.07  ? 8   DT  D C4    1 
ATOM   686 O  O4    . DT  D 4 7  ? -9.192  -5.320  1.342   1.00 90.72  ? 8   DT  D O4    1 
ATOM   687 C  C5    . DT  D 4 7  ? -9.060  -4.065  -0.626  1.00 72.89  ? 8   DT  D C5    1 
ATOM   688 C  C7    . DT  D 4 7  ? -10.378 -4.548  -1.142  1.00 86.66  ? 8   DT  D C7    1 
ATOM   689 C  C6    . DT  D 4 7  ? -8.309  -3.200  -1.319  1.00 80.34  ? 8   DT  D C6    1 
ATOM   690 P  P     . DG  D 4 8  ? -3.453  -0.540  -4.034  1.00 57.77  ? 9   DG  D P     1 
ATOM   691 O  OP1   . DG  D 4 8  ? -2.651  0.696   -4.155  1.00 102.71 ? 9   DG  D OP1   1 
ATOM   692 O  OP2   . DG  D 4 8  ? -3.540  -1.493  -5.161  1.00 68.88  ? 9   DG  D OP2   1 
ATOM   693 O  "O5'" . DG  D 4 8  ? -2.941  -1.364  -2.769  1.00 72.06  ? 9   DG  D "O5'" 1 
ATOM   694 C  "C5'" . DG  D 4 8  ? -2.067  -2.463  -2.957  1.00 86.72  ? 9   DG  D "C5'" 1 
ATOM   695 C  "C4'" . DG  D 4 8  ? -2.191  -3.445  -1.811  1.00 80.72  ? 9   DG  D "C4'" 1 
ATOM   696 O  "O4'" . DG  D 4 8  ? -3.574  -3.820  -1.646  1.00 82.39  ? 9   DG  D "O4'" 1 
ATOM   697 C  "C3'" . DG  D 4 8  ? -1.415  -4.751  -1.999  1.00 79.46  ? 9   DG  D "C3'" 1 
ATOM   698 O  "O3'" . DG  D 4 8  ? -0.456  -4.895  -0.968  1.00 98.42  ? 9   DG  D "O3'" 1 
ATOM   699 C  "C2'" . DG  D 4 8  ? -2.487  -5.847  -1.936  1.00 74.35  ? 9   DG  D "C2'" 1 
ATOM   700 C  "C1'" . DG  D 4 8  ? -3.628  -5.151  -1.221  1.00 80.85  ? 9   DG  D "C1'" 1 
ATOM   701 N  N9    . DG  D 4 8  ? -4.942  -5.685  -1.555  1.00 88.17  ? 9   DG  D N9    1 
ATOM   702 C  C8    . DG  D 4 8  ? -5.636  -5.506  -2.726  1.00 88.16  ? 9   DG  D C8    1 
ATOM   703 N  N7    . DG  D 4 8  ? -6.795  -6.100  -2.740  1.00 96.78  ? 9   DG  D N7    1 
ATOM   704 C  C5    . DG  D 4 8  ? -6.873  -6.718  -1.500  1.00 93.00  ? 9   DG  D C5    1 
ATOM   705 C  C6    . DG  D 4 8  ? -7.904  -7.506  -0.939  1.00 94.42  ? 9   DG  D C6    1 
ATOM   706 O  O6    . DG  D 4 8  ? -8.982  -7.838  -1.450  1.00 92.09  ? 9   DG  D O6    1 
ATOM   707 N  N1    . DG  D 4 8  ? -7.577  -7.941  0.343   1.00 105.92 ? 9   DG  D N1    1 
ATOM   708 C  C2    . DG  D 4 8  ? -6.410  -7.636  1.004   1.00 101.22 ? 9   DG  D C2    1 
ATOM   709 N  N2    . DG  D 4 8  ? -6.275  -8.144  2.238   1.00 118.45 ? 9   DG  D N2    1 
ATOM   710 N  N3    . DG  D 4 8  ? -5.440  -6.895  0.489   1.00 87.67  ? 9   DG  D N3    1 
ATOM   711 C  C4    . DG  D 4 8  ? -5.740  -6.471  -0.760  1.00 88.87  ? 9   DG  D C4    1 
ATOM   712 P  P     . DG  D 4 9  ? 1.044   -4.365  -1.190  1.00 98.30  ? 10  DG  D P     1 
ATOM   713 O  OP1   . DG  D 4 9  ? 1.820   -4.661  0.035   1.00 95.12  ? 10  DG  D OP1   1 
ATOM   714 O  OP2   . DG  D 4 9  ? 0.954   -2.979  -1.702  1.00 68.96  ? 10  DG  D OP2   1 
ATOM   715 O  "O5'" . DG  D 4 9  ? 1.604   -5.279  -2.371  1.00 77.73  ? 10  DG  D "O5'" 1 
ATOM   716 C  "C5'" . DG  D 4 9  ? 1.719   -4.748  -3.675  1.00 86.77  ? 10  DG  D "C5'" 1 
ATOM   717 C  "C4'" . DG  D 4 9  ? 2.870   -5.392  -4.419  1.00 104.02 ? 10  DG  D "C4'" 1 
ATOM   718 O  "O4'" . DG  D 4 9  ? 2.756   -5.079  -5.831  1.00 108.34 ? 10  DG  D "O4'" 1 
ATOM   719 C  "C3'" . DG  D 4 9  ? 4.260   -4.928  -3.982  1.00 103.94 ? 10  DG  D "C3'" 1 
ATOM   720 O  "O3'" . DG  D 4 9  ? 4.843   -5.896  -3.111  1.00 102.60 ? 10  DG  D "O3'" 1 
ATOM   721 C  "C2'" . DG  D 4 9  ? 5.028   -4.831  -5.297  1.00 112.48 ? 10  DG  D "C2'" 1 
ATOM   722 C  "C1'" . DG  D 4 9  ? 3.934   -4.454  -6.283  1.00 111.91 ? 10  DG  D "C1'" 1 
ATOM   723 N  N9    . DG  D 4 9  ? 3.693   -3.016  -6.383  1.00 97.81  ? 10  DG  D N9    1 
ATOM   724 C  C8    . DG  D 4 9  ? 2.593   -2.326  -5.938  1.00 93.49  ? 10  DG  D C8    1 
ATOM   725 N  N7    . DG  D 4 9  ? 2.654   -1.045  -6.173  1.00 95.09  ? 10  DG  D N7    1 
ATOM   726 C  C5    . DG  D 4 9  ? 3.871   -0.876  -6.819  1.00 106.96 ? 10  DG  D C5    1 
ATOM   727 C  C6    . DG  D 4 9  ? 4.484   0.297   -7.319  1.00 105.08 ? 10  DG  D C6    1 
ATOM   728 O  O6    . DG  D 4 9  ? 4.056   1.460   -7.289  1.00 92.69  ? 10  DG  D O6    1 
ATOM   729 N  N1    . DG  D 4 9  ? 5.717   0.022   -7.905  1.00 111.67 ? 10  DG  D N1    1 
ATOM   730 C  C2    . DG  D 4 9  ? 6.289   -1.226  -7.992  1.00 118.85 ? 10  DG  D C2    1 
ATOM   731 N  N2    . DG  D 4 9  ? 7.488   -1.294  -8.591  1.00 129.27 ? 10  DG  D N2    1 
ATOM   732 N  N3    . DG  D 4 9  ? 5.724   -2.332  -7.527  1.00 116.36 ? 10  DG  D N3    1 
ATOM   733 C  C4    . DG  D 4 9  ? 4.521   -2.082  -6.957  1.00 111.38 ? 10  DG  D C4    1 
ATOM   734 P  P     . DG  D 4 10 ? 5.765   -5.432  -1.877  1.00 104.25 ? 11  DG  D P     1 
ATOM   735 O  OP1   . DG  D 4 10 ? 6.290   -6.656  -1.233  1.00 101.55 ? 11  DG  D OP1   1 
ATOM   736 O  OP2   . DG  D 4 10 ? 5.001   -4.442  -1.086  1.00 103.53 ? 11  DG  D OP2   1 
ATOM   737 O  "O5'" . DG  D 4 10 ? 6.985   -4.665  -2.566  1.00 110.77 ? 11  DG  D "O5'" 1 
ATOM   738 C  "C5'" . DG  D 4 10 ? 7.916   -5.381  -3.362  1.00 110.66 ? 11  DG  D "C5'" 1 
ATOM   739 C  "C4'" . DG  D 4 10 ? 8.748   -4.426  -4.193  1.00 114.22 ? 11  DG  D "C4'" 1 
ATOM   740 O  "O4'" . DG  D 4 10 ? 7.905   -3.395  -4.728  1.00 114.33 ? 11  DG  D "O4'" 1 
ATOM   741 C  "C3'" . DG  D 4 10 ? 9.824   -3.676  -3.421  1.00 124.86 ? 11  DG  D "C3'" 1 
ATOM   742 O  "O3'" . DG  D 4 10 ? 11.051  -4.383  -3.515  1.00 133.08 ? 11  DG  D "O3'" 1 
ATOM   743 C  "C2'" . DG  D 4 10 ? 9.907   -2.307  -4.126  1.00 123.45 ? 11  DG  D "C2'" 1 
ATOM   744 C  "C1'" . DG  D 4 10 ? 8.720   -2.310  -5.090  1.00 120.50 ? 11  DG  D "C1'" 1 
ATOM   745 N  N9    . DG  D 4 10 ? 7.914   -1.092  -5.058  1.00 116.64 ? 11  DG  D N9    1 
ATOM   746 C  C8    . DG  D 4 10 ? 6.706   -0.914  -4.428  1.00 117.48 ? 11  DG  D C8    1 
ATOM   747 N  N7    . DG  D 4 10 ? 6.206   0.280   -4.591  1.00 109.98 ? 11  DG  D N7    1 
ATOM   748 C  C5    . DG  D 4 10 ? 7.140   0.935   -5.382  1.00 112.59 ? 11  DG  D C5    1 
ATOM   749 C  C6    . DG  D 4 10 ? 7.142   2.256   -5.888  1.00 112.72 ? 11  DG  D C6    1 
ATOM   750 O  O6    . DG  D 4 10 ? 6.289   3.141   -5.726  1.00 114.75 ? 11  DG  D O6    1 
ATOM   751 N  N1    . DG  D 4 10 ? 8.277   2.516   -6.650  1.00 121.48 ? 11  DG  D N1    1 
ATOM   752 C  C2    . DG  D 4 10 ? 9.284   1.612   -6.894  1.00 124.25 ? 11  DG  D C2    1 
ATOM   753 N  N2    . DG  D 4 10 ? 10.300  2.048   -7.654  1.00 123.74 ? 11  DG  D N2    1 
ATOM   754 N  N3    . DG  D 4 10 ? 9.296   0.369   -6.428  1.00 117.11 ? 11  DG  D N3    1 
ATOM   755 C  C4    . DG  D 4 10 ? 8.196   0.101   -5.683  1.00 116.37 ? 11  DG  D C4    1 
ATOM   756 P  P     . DT  D 4 11 ? 12.295  -3.990  -2.578  1.00 141.75 ? 12  DT  D P     1 
ATOM   757 O  OP1   . DT  D 4 11 ? 12.643  -5.192  -1.791  1.00 110.01 ? 12  DT  D OP1   1 
ATOM   758 O  OP2   . DT  D 4 11 ? 11.986  -2.717  -1.888  1.00 116.15 ? 12  DT  D OP2   1 
ATOM   759 O  "O5'" . DT  D 4 11 ? 13.475  -3.700  -3.615  1.00 137.54 ? 12  DT  D "O5'" 1 
ATOM   760 C  "C5'" . DT  D 4 11 ? 14.664  -3.073  -3.169  1.00 138.09 ? 12  DT  D "C5'" 1 
ATOM   761 C  "C4'" . DT  D 4 11 ? 14.937  -1.809  -3.962  1.00 134.58 ? 12  DT  D "C4'" 1 
ATOM   762 O  "O4'" . DT  D 4 11 ? 13.699  -1.104  -4.199  1.00 115.70 ? 12  DT  D "O4'" 1 
ATOM   763 C  "C3'" . DT  D 4 11 ? 15.866  -0.804  -3.270  1.00 150.13 ? 12  DT  D "C3'" 1 
ATOM   764 O  "O3'" . DT  D 4 11 ? 17.108  -0.721  -3.969  1.00 160.71 ? 12  DT  D "O3'" 1 
ATOM   765 C  "C2'" . DT  D 4 11 ? 15.095  0.530   -3.304  1.00 138.48 ? 12  DT  D "C2'" 1 
ATOM   766 C  "C1'" . DT  D 4 11 ? 13.997  0.259   -4.322  1.00 125.06 ? 12  DT  D "C1'" 1 
ATOM   767 N  N1    . DT  D 4 11 ? 12.753  1.052   -4.093  1.00 124.51 ? 12  DT  D N1    1 
ATOM   768 C  C2    . DT  D 4 11 ? 12.638  2.295   -4.667  1.00 124.56 ? 12  DT  D C2    1 
ATOM   769 O  O2    . DT  D 4 11 ? 13.509  2.791   -5.359  1.00 119.93 ? 12  DT  D O2    1 
ATOM   770 N  N3    . DT  D 4 11 ? 11.464  2.945   -4.400  1.00 127.25 ? 12  DT  D N3    1 
ATOM   771 C  C4    . DT  D 4 11 ? 10.410  2.485   -3.634  1.00 123.57 ? 12  DT  D C4    1 
ATOM   772 O  O4    . DT  D 4 11 ? 9.390   3.145   -3.453  1.00 121.12 ? 12  DT  D O4    1 
ATOM   773 C  C5    . DT  D 4 11 ? 10.592  1.174   -3.060  1.00 119.40 ? 12  DT  D C5    1 
ATOM   774 C  C7    . DT  D 4 11 ? 9.517   0.575   -2.206  1.00 125.47 ? 12  DT  D C7    1 
ATOM   775 C  C6    . DT  D 4 11 ? 11.743  0.528   -3.313  1.00 120.87 ? 12  DT  D C6    1 
ATOM   776 P  P     . DC  D 4 12 ? 18.327  0.132   -3.358  1.00 163.80 ? 13  DC  D P     1 
ATOM   777 O  OP1   . DC  D 4 12 ? 19.577  -0.345  -3.993  1.00 160.99 ? 13  DC  D OP1   1 
ATOM   778 O  OP2   . DC  D 4 12 ? 18.195  0.109   -1.886  1.00 149.78 ? 13  DC  D OP2   1 
ATOM   779 O  "O5'" . DC  D 4 12 ? 18.027  1.622   -3.854  1.00 145.07 ? 13  DC  D "O5'" 1 
ATOM   780 C  "C5'" . DC  D 4 12 ? 18.317  2.728   -3.012  1.00 141.91 ? 13  DC  D "C5'" 1 
ATOM   781 C  "C4'" . DC  D 4 12 ? 17.622  3.979   -3.518  1.00 141.09 ? 13  DC  D "C4'" 1 
ATOM   782 O  "O4'" . DC  D 4 12 ? 16.200  3.808   -3.419  1.00 128.99 ? 13  DC  D "O4'" 1 
ATOM   783 C  "C3'" . DC  D 4 12 ? 17.924  5.248   -2.732  1.00 152.12 ? 13  DC  D "C3'" 1 
ATOM   784 O  "O3'" . DC  D 4 12 ? 18.944  5.987   -3.386  1.00 161.75 ? 13  DC  D "O3'" 1 
ATOM   785 C  "C2'" . DC  D 4 12 ? 16.590  6.021   -2.723  1.00 145.32 ? 13  DC  D "C2'" 1 
ATOM   786 C  "C1'" . DC  D 4 12 ? 15.607  5.080   -3.423  1.00 135.62 ? 13  DC  D "C1'" 1 
ATOM   787 N  N1    . DC  D 4 12 ? 14.282  4.986   -2.747  1.00 131.53 ? 13  DC  D N1    1 
ATOM   788 C  C2    . DC  D 4 12 ? 13.364  6.037   -2.869  1.00 132.29 ? 13  DC  D C2    1 
ATOM   789 O  O2    . DC  D 4 12 ? 13.672  7.036   -3.533  1.00 127.66 ? 13  DC  D O2    1 
ATOM   790 N  N3    . DC  D 4 12 ? 12.161  5.932   -2.251  1.00 134.08 ? 13  DC  D N3    1 
ATOM   791 C  C4    . DC  D 4 12 ? 11.865  4.840   -1.544  1.00 135.26 ? 13  DC  D C4    1 
ATOM   792 N  N4    . DC  D 4 12 ? 10.666  4.782   -0.953  1.00 130.56 ? 13  DC  D N4    1 
ATOM   793 C  C5    . DC  D 4 12 ? 12.786  3.757   -1.411  1.00 131.36 ? 13  DC  D C5    1 
ATOM   794 C  C6    . DC  D 4 12 ? 13.969  3.872   -2.023  1.00 126.65 ? 13  DC  D C6    1 
ATOM   795 P  P     . DT  D 4 13 ? 20.142  6.641   -2.539  1.00 175.95 ? 14  DT  D P     1 
ATOM   796 O  OP1   . DT  D 4 13 ? 21.363  6.564   -3.370  1.00 163.94 ? 14  DT  D OP1   1 
ATOM   797 O  OP2   . DT  D 4 13 ? 20.127  6.020   -1.195  1.00 159.25 ? 14  DT  D OP2   1 
ATOM   798 O  "O5'" . DT  D 4 13 ? 19.712  8.178   -2.387  1.00 163.67 ? 14  DT  D "O5'" 1 
ATOM   799 C  "C5'" . DT  D 4 13 ? 19.008  8.616   -1.225  1.00 158.79 ? 14  DT  D "C5'" 1 
ATOM   800 C  "C4'" . DT  D 4 13 ? 18.047  9.743   -1.569  1.00 162.29 ? 14  DT  D "C4'" 1 
ATOM   801 O  "O4'" . DT  D 4 13 ? 16.775  9.180   -1.965  1.00 163.02 ? 14  DT  D "O4'" 1 
ATOM   802 C  "C3'" . DT  D 4 13 ? 17.724  10.681  -0.418  1.00 163.99 ? 14  DT  D "C3'" 1 
ATOM   803 O  "O3'" . DT  D 4 13 ? 18.676  11.742  -0.373  1.00 166.76 ? 14  DT  D "O3'" 1 
ATOM   804 C  "C2'" . DT  D 4 13 ? 16.336  11.197  -0.789  1.00 156.01 ? 14  DT  D "C2'" 1 
ATOM   805 C  "C1'" . DT  D 4 13 ? 15.715  10.002  -1.511  1.00 157.04 ? 14  DT  D "C1'" 1 
ATOM   806 N  N1    . DT  D 4 13 ? 14.800  9.178   -0.659  1.00 155.68 ? 14  DT  D N1    1 
ATOM   807 C  C2    . DT  D 4 13 ? 13.538  9.646   -0.371  1.00 149.35 ? 14  DT  D C2    1 
ATOM   808 O  O2    . DT  D 4 13 ? 13.116  10.719  -0.766  1.00 142.72 ? 14  DT  D O2    1 
ATOM   809 N  N3    . DT  D 4 13 ? 12.780  8.810   0.408   1.00 144.75 ? 14  DT  D N3    1 
ATOM   810 C  C4    . DT  D 4 13 ? 13.147  7.575   0.913   1.00 145.74 ? 14  DT  D C4    1 
ATOM   811 O  O4    . DT  D 4 13 ? 12.392  6.898   1.606   1.00 140.84 ? 14  DT  D O4    1 
ATOM   812 C  C5    . DT  D 4 13 ? 14.483  7.141   0.570   1.00 145.21 ? 14  DT  D C5    1 
ATOM   813 C  C7    . DT  D 4 13 ? 14.996  5.819   1.061   1.00 128.48 ? 14  DT  D C7    1 
ATOM   814 C  C6    . DT  D 4 13 ? 15.233  7.953   -0.190  1.00 147.83 ? 14  DT  D C6    1 
ATOM   815 P  P     . DG  D 4 14 ? 19.170  12.327  1.041   1.00 171.57 ? 15  DG  D P     1 
ATOM   816 O  OP1   . DG  D 4 14 ? 20.244  13.306  0.766   1.00 171.57 ? 15  DG  D OP1   1 
ATOM   817 O  OP2   . DG  D 4 14 ? 19.431  11.174  1.931   1.00 161.94 ? 15  DG  D OP2   1 
ATOM   818 O  "O5'" . DG  D 4 14 ? 17.899  13.127  1.597   1.00 154.25 ? 15  DG  D "O5'" 1 
ATOM   819 C  "C5'" . DG  D 4 14 ? 17.429  14.288  0.919   1.00 151.31 ? 15  DG  D "C5'" 1 
ATOM   820 C  "C4'" . DG  D 4 14 ? 16.015  14.631  1.359   1.00 160.15 ? 15  DG  D "C4'" 1 
ATOM   821 O  "O4'" . DG  D 4 14 ? 15.135  13.521  1.054   1.00 159.11 ? 15  DG  D "O4'" 1 
ATOM   822 C  "C3'" . DG  D 4 14 ? 15.851  14.891  2.849   1.00 159.52 ? 15  DG  D "C3'" 1 
ATOM   823 O  "O3'" . DG  D 4 14 ? 16.016  16.286  3.113   1.00 168.70 ? 15  DG  D "O3'" 1 
ATOM   824 C  "C2'" . DG  D 4 14 ? 14.416  14.440  3.117   1.00 152.65 ? 15  DG  D "C2'" 1 
ATOM   825 C  "C1'" . DG  D 4 14 ? 14.229  13.302  2.118   1.00 154.63 ? 15  DG  D "C1'" 1 
ATOM   826 N  N9    . DG  D 4 14 ? 14.471  11.971  2.671   1.00 155.10 ? 15  DG  D N9    1 
ATOM   827 C  C8    . DG  D 4 14 ? 15.624  11.230  2.570   1.00 154.10 ? 15  DG  D C8    1 
ATOM   828 N  N7    . DG  D 4 14 ? 15.548  10.065  3.151   1.00 150.59 ? 15  DG  D N7    1 
ATOM   829 C  C5    . DG  D 4 14 ? 14.258  10.026  3.667   1.00 146.37 ? 15  DG  D C5    1 
ATOM   830 C  C6    . DG  D 4 14 ? 13.601  9.010   4.402   1.00 136.57 ? 15  DG  D C6    1 
ATOM   831 O  O6    . DG  D 4 14 ? 14.043  7.907   4.753   1.00 134.26 ? 15  DG  D O6    1 
ATOM   832 N  N1    . DG  D 4 14 ? 12.298  9.376   4.733   1.00 124.80 ? 15  DG  D N1    1 
ATOM   833 C  C2    . DG  D 4 14 ? 11.706  10.572  4.397   1.00 124.80 ? 15  DG  D C2    1 
ATOM   834 N  N2    . DG  D 4 14 ? 10.440  10.743  4.806   1.00 124.80 ? 15  DG  D N2    1 
ATOM   835 N  N3    . DG  D 4 14 ? 12.312  11.532  3.708   1.00 135.72 ? 15  DG  D N3    1 
ATOM   836 C  C4    . DG  D 4 14 ? 13.582  11.190  3.378   1.00 145.95 ? 15  DG  D C4    1 
ATOM   837 P  P     . DC  D 4 15 ? 15.723  16.878  4.578   1.00 170.43 ? 16  DC  D P     1 
ATOM   838 O  OP1   . DC  D 4 15 ? 16.463  18.154  4.699   1.00 176.53 ? 16  DC  D OP1   1 
ATOM   839 O  OP2   . DC  D 4 15 ? 15.962  15.798  5.560   1.00 154.91 ? 16  DC  D OP2   1 
ATOM   840 O  "O5'" . DC  D 4 15 ? 14.156  17.203  4.560   1.00 147.30 ? 16  DC  D "O5'" 1 
ATOM   841 C  "C5'" . DC  D 4 15 ? 13.493  17.566  5.764   1.00 144.43 ? 16  DC  D "C5'" 1 
ATOM   842 C  "C4'" . DC  D 4 15 ? 12.254  16.716  5.975   1.00 149.75 ? 16  DC  D "C4'" 1 
ATOM   843 O  "O4'" . DC  D 4 15 ? 12.566  15.323  5.705   1.00 143.31 ? 16  DC  D "O4'" 1 
ATOM   844 C  "C3'" . DC  D 4 15 ? 11.674  16.759  7.391   1.00 141.57 ? 16  DC  D "C3'" 1 
ATOM   845 O  "O3'" . DC  D 4 15 ? 10.258  16.873  7.334   1.00 142.92 ? 16  DC  D "O3'" 1 
ATOM   846 C  "C2'" . DC  D 4 15 ? 12.107  15.421  7.990   1.00 135.70 ? 16  DC  D "C2'" 1 
ATOM   847 C  "C1'" . DC  D 4 15 ? 12.096  14.523  6.765   1.00 135.28 ? 16  DC  D "C1'" 1 
ATOM   848 N  N1    . DC  D 4 15 ? 12.982  13.331  6.890   1.00 134.98 ? 16  DC  D N1    1 
ATOM   849 C  C2    . DC  D 4 15 ? 12.503  12.177  7.519   1.00 134.55 ? 16  DC  D C2    1 
ATOM   850 O  O2    . DC  D 4 15 ? 11.348  12.166  7.963   1.00 125.52 ? 16  DC  D O2    1 
ATOM   851 N  N3    . DC  D 4 15 ? 13.322  11.099  7.623   1.00 136.74 ? 16  DC  D N3    1 
ATOM   852 C  C4    . DC  D 4 15 ? 14.561  11.152  7.129   1.00 130.92 ? 16  DC  D C4    1 
ATOM   853 N  N4    . DC  D 4 15 ? 15.332  10.065  7.255   1.00 125.52 ? 16  DC  D N4    1 
ATOM   854 C  C5    . DC  D 4 15 ? 15.066  12.319  6.486   1.00 132.12 ? 16  DC  D C5    1 
ATOM   855 C  C6    . DC  D 4 15 ? 14.249  13.374  6.391   1.00 134.58 ? 16  DC  D C6    1 
HETATM 856 AS AS    . CAC E 5 .  ? 17.263  5.385   7.808   1.00 214.20 ? 101 CAC A AS    1 
HETATM 857 AS AS    . CAC F 5 .  ? -9.023  -7.897  -6.453  1.00 174.16 ? 101 CAC C AS    1 
HETATM 858 AS AS    . CAC G 5 .  ? 3.041   1.996   -2.992  1.00 220.25 ? 101 CAC D AS    1 
# 
loop_
_pdbx_poly_seq_scheme.asym_id 
_pdbx_poly_seq_scheme.entity_id 
_pdbx_poly_seq_scheme.seq_id 
_pdbx_poly_seq_scheme.mon_id 
_pdbx_poly_seq_scheme.ndb_seq_num 
_pdbx_poly_seq_scheme.pdb_seq_num 
_pdbx_poly_seq_scheme.auth_seq_num 
_pdbx_poly_seq_scheme.pdb_mon_id 
_pdbx_poly_seq_scheme.auth_mon_id 
_pdbx_poly_seq_scheme.pdb_strand_id 
_pdbx_poly_seq_scheme.pdb_ins_code 
_pdbx_poly_seq_scheme.hetero 
A 1 1  DG 1  1  1  DG DG A . n 
A 1 2  DA 2  2  2  DA DA A . n 
A 1 3  DG 3  3  3  DG DG A . n 
A 1 4  DC 4  4  4  DC DC A . n 
A 1 5  DA 5  5  5  DA DA A . n 
A 1 6  DG 6  6  6  DG DG A . n 
A 1 7  DA 7  7  7  DA DA A . n 
A 1 8  DC 8  8  8  DC DC A . n 
A 1 9  DC 9  9  9  DC DC A . n 
A 1 10 DA 10 10 10 DA DA A . n 
A 1 11 DG 11 11 11 DG DG A . n 
A 1 12 DA 12 12 12 DA DA A . n 
B 2 1  DC 1  12 12 DC DC B . n 
B 2 2  DG 2  13 13 DG DG B . n 
B 2 3  DA 3  14 14 DA DA B . n 
B 2 4  DC 4  15 15 DC DC B . n 
B 2 5  DA 5  16 16 DA DA B . n 
B 2 6  DC 6  17 17 DC DC B . n 
B 2 7  DT 7  18 18 DT DT B . n 
B 2 8  DC 8  19 19 DC DC B . n 
B 2 9  DA 9  20 20 DA DA B . n 
C 3 1  DT 1  0  0  DT DT C . n 
C 3 2  DC 2  1  1  DC DC C . n 
C 3 3  DT 3  2  2  DT DT C . n 
C 3 4  DT 4  3  3  DT DT C . n 
C 3 5  DC 5  4  4  DC DC C . n 
C 3 6  DG 6  5  5  DG DG C . n 
D 4 1  DT 1  2  2  DT DT D . n 
D 4 2  DC 2  3  3  DC DC D . n 
D 4 3  DT 3  4  4  DT DT D . n 
D 4 4  DG 4  5  5  DG DG D . n 
D 4 5  DA 5  6  6  DA DA D . n 
D 4 6  DG 6  7  7  DG DG D . n 
D 4 7  DT 7  8  8  DT DT D . n 
D 4 8  DG 8  9  9  DG DG D . n 
D 4 9  DG 9  10 10 DG DG D . n 
D 4 10 DG 10 11 11 DG DG D . n 
D 4 11 DT 11 12 12 DT DT D . n 
D 4 12 DC 12 13 13 DC DC D . n 
D 4 13 DT 13 14 14 DT DT D . n 
D 4 14 DG 14 15 15 DG DG D . n 
D 4 15 DC 15 16 16 DC DC D . n 
# 
loop_
_pdbx_nonpoly_scheme.asym_id 
_pdbx_nonpoly_scheme.entity_id 
_pdbx_nonpoly_scheme.mon_id 
_pdbx_nonpoly_scheme.ndb_seq_num 
_pdbx_nonpoly_scheme.pdb_seq_num 
_pdbx_nonpoly_scheme.auth_seq_num 
_pdbx_nonpoly_scheme.pdb_mon_id 
_pdbx_nonpoly_scheme.auth_mon_id 
_pdbx_nonpoly_scheme.pdb_strand_id 
_pdbx_nonpoly_scheme.pdb_ins_code 
E 5 CAC 1 101 2 CAC AS A . 
F 5 CAC 1 101 1 CAC AS C . 
G 5 CAC 1 101 3 CAC AS D . 
# 
_pdbx_struct_assembly.id                   1 
_pdbx_struct_assembly.details              author_and_software_defined_assembly 
_pdbx_struct_assembly.method_details       PISA 
_pdbx_struct_assembly.oligomeric_details   tetrameric 
_pdbx_struct_assembly.oligomeric_count     4 
# 
_pdbx_struct_assembly_gen.assembly_id       1 
_pdbx_struct_assembly_gen.oper_expression   1 
_pdbx_struct_assembly_gen.asym_id_list      A,B,C,D,E,F,G 
# 
loop_
_pdbx_struct_assembly_prop.biol_id 
_pdbx_struct_assembly_prop.type 
_pdbx_struct_assembly_prop.value 
_pdbx_struct_assembly_prop.details 
1 'ABSA (A^2)' 2770 ? 
1 MORE         -22  ? 
1 'SSA (A^2)'  7980 ? 
# 
_pdbx_struct_oper_list.id                   1 
_pdbx_struct_oper_list.type                 'identity operation' 
_pdbx_struct_oper_list.name                 1_555 
_pdbx_struct_oper_list.symmetry_operation   x,y,z 
_pdbx_struct_oper_list.matrix[1][1]         1.0000000000 
_pdbx_struct_oper_list.matrix[1][2]         0.0000000000 
_pdbx_struct_oper_list.matrix[1][3]         0.0000000000 
_pdbx_struct_oper_list.vector[1]            0.0000000000 
_pdbx_struct_oper_list.matrix[2][1]         0.0000000000 
_pdbx_struct_oper_list.matrix[2][2]         1.0000000000 
_pdbx_struct_oper_list.matrix[2][3]         0.0000000000 
_pdbx_struct_oper_list.vector[2]            0.0000000000 
_pdbx_struct_oper_list.matrix[3][1]         0.0000000000 
_pdbx_struct_oper_list.matrix[3][2]         0.0000000000 
_pdbx_struct_oper_list.matrix[3][3]         1.0000000000 
_pdbx_struct_oper_list.vector[3]            0.0000000000 
# 
loop_
_pdbx_audit_revision_history.ordinal 
_pdbx_audit_revision_history.data_content_type 
_pdbx_audit_revision_history.major_revision 
_pdbx_audit_revision_history.minor_revision 
_pdbx_audit_revision_history.revision_date 
1 'Structure model' 1 0 2021-07-14 
2 'Structure model' 1 1 2022-07-06 
3 'Structure model' 1 2 2023-10-18 
# 
_pdbx_audit_revision_details.ordinal             1 
_pdbx_audit_revision_details.revision_ordinal    1 
_pdbx_audit_revision_details.data_content_type   'Structure model' 
_pdbx_audit_revision_details.provider            repository 
_pdbx_audit_revision_details.type                'Initial release' 
_pdbx_audit_revision_details.description         ? 
_pdbx_audit_revision_details.details             ? 
# 
loop_
_pdbx_audit_revision_group.ordinal 
_pdbx_audit_revision_group.revision_ordinal 
_pdbx_audit_revision_group.data_content_type 
_pdbx_audit_revision_group.group 
1 2 'Structure model' 'Database references'    
2 3 'Structure model' 'Data collection'        
3 3 'Structure model' 'Refinement description' 
# 
loop_
_pdbx_audit_revision_category.ordinal 
_pdbx_audit_revision_category.revision_ordinal 
_pdbx_audit_revision_category.data_content_type 
_pdbx_audit_revision_category.category 
1 2 'Structure model' citation                      
2 2 'Structure model' citation_author               
3 2 'Structure model' database_2                    
4 3 'Structure model' chem_comp_atom                
5 3 'Structure model' chem_comp_bond                
6 3 'Structure model' pdbx_initial_refinement_model 
# 
loop_
_pdbx_audit_revision_item.ordinal 
_pdbx_audit_revision_item.revision_ordinal 
_pdbx_audit_revision_item.data_content_type 
_pdbx_audit_revision_item.item 
1  2 'Structure model' '_citation.country'                   
2  2 'Structure model' '_citation.journal_abbrev'            
3  2 'Structure model' '_citation.journal_id_CSD'            
4  2 'Structure model' '_citation.journal_id_ISSN'           
5  2 'Structure model' '_citation.journal_volume'            
6  2 'Structure model' '_citation.page_first'                
7  2 'Structure model' '_citation.page_last'                 
8  2 'Structure model' '_citation.pdbx_database_id_DOI'      
9  2 'Structure model' '_citation.pdbx_database_id_PubMed'   
10 2 'Structure model' '_citation.title'                     
11 2 'Structure model' '_citation.year'                      
12 2 'Structure model' '_database_2.pdbx_DOI'                
13 2 'Structure model' '_database_2.pdbx_database_accession' 
# 
loop_
_software.citation_id 
_software.classification 
_software.compiler_name 
_software.compiler_version 
_software.contact_author 
_software.contact_author_email 
_software.date 
_software.description 
_software.dependencies 
_software.hardware 
_software.language 
_software.location 
_software.mods 
_software.name 
_software.os 
_software.os_version 
_software.type 
_software.version 
_software.pdbx_ordinal 
? refinement        ? ? ? ? ? ? ? ? ? ? ? PHENIX      ? ? ? 1.11.1_2575 1 
? 'data reduction'  ? ? ? ? ? ? ? ? ? ? ? HKL-2000    ? ? ? .           2 
? 'data scaling'    ? ? ? ? ? ? ? ? ? ? ? HKL-2000    ? ? ? .           3 
? 'data extraction' ? ? ? ? ? ? ? ? ? ? ? PDB_EXTRACT ? ? ? 3.25        4 
? phasing           ? ? ? ? ? ? ? ? ? ? ? PHASER      ? ? ? .           5 
# 
_pdbx_entry_details.entry_id                 6XO5 
_pdbx_entry_details.nonpolymer_details       ? 
_pdbx_entry_details.sequence_details         ? 
_pdbx_entry_details.compound_details         ? 
_pdbx_entry_details.source_details           ? 
_pdbx_entry_details.has_ligand_of_interest   N 
# 
_pdbx_validate_rmsd_angle.id                         1 
_pdbx_validate_rmsd_angle.PDB_model_num              1 
_pdbx_validate_rmsd_angle.auth_atom_id_1             "O4'" 
_pdbx_validate_rmsd_angle.auth_asym_id_1             A 
_pdbx_validate_rmsd_angle.auth_comp_id_1             DC 
_pdbx_validate_rmsd_angle.auth_seq_id_1              8 
_pdbx_validate_rmsd_angle.PDB_ins_code_1             ? 
_pdbx_validate_rmsd_angle.label_alt_id_1             ? 
_pdbx_validate_rmsd_angle.auth_atom_id_2             "C1'" 
_pdbx_validate_rmsd_angle.auth_asym_id_2             A 
_pdbx_validate_rmsd_angle.auth_comp_id_2             DC 
_pdbx_validate_rmsd_angle.auth_seq_id_2              8 
_pdbx_validate_rmsd_angle.PDB_ins_code_2             ? 
_pdbx_validate_rmsd_angle.label_alt_id_2             ? 
_pdbx_validate_rmsd_angle.auth_atom_id_3             N1 
_pdbx_validate_rmsd_angle.auth_asym_id_3             A 
_pdbx_validate_rmsd_angle.auth_comp_id_3             DC 
_pdbx_validate_rmsd_angle.auth_seq_id_3              8 
_pdbx_validate_rmsd_angle.PDB_ins_code_3             ? 
_pdbx_validate_rmsd_angle.label_alt_id_3             ? 
_pdbx_validate_rmsd_angle.angle_value                110.36 
_pdbx_validate_rmsd_angle.angle_target_value         108.30 
_pdbx_validate_rmsd_angle.angle_deviation            2.06 
_pdbx_validate_rmsd_angle.angle_standard_deviation   0.30 
_pdbx_validate_rmsd_angle.linker_flag                N 
# 
loop_
_pdbx_unobs_or_zero_occ_atoms.id 
_pdbx_unobs_or_zero_occ_atoms.PDB_model_num 
_pdbx_unobs_or_zero_occ_atoms.polymer_flag 
_pdbx_unobs_or_zero_occ_atoms.occupancy_flag 
_pdbx_unobs_or_zero_occ_atoms.auth_asym_id 
_pdbx_unobs_or_zero_occ_atoms.auth_comp_id 
_pdbx_unobs_or_zero_occ_atoms.auth_seq_id 
_pdbx_unobs_or_zero_occ_atoms.PDB_ins_code 
_pdbx_unobs_or_zero_occ_atoms.auth_atom_id 
_pdbx_unobs_or_zero_occ_atoms.label_alt_id 
_pdbx_unobs_or_zero_occ_atoms.label_asym_id 
_pdbx_unobs_or_zero_occ_atoms.label_comp_id 
_pdbx_unobs_or_zero_occ_atoms.label_seq_id 
_pdbx_unobs_or_zero_occ_atoms.label_atom_id 
1  1 N 1 A CAC 101 ? O1 ? E CAC 1 O1 
2  1 N 1 A CAC 101 ? O2 ? E CAC 1 O2 
3  1 N 1 A CAC 101 ? C1 ? E CAC 1 C1 
4  1 N 1 A CAC 101 ? C2 ? E CAC 1 C2 
5  1 N 1 C CAC 101 ? O1 ? F CAC 1 O1 
6  1 N 1 C CAC 101 ? O2 ? F CAC 1 O2 
7  1 N 1 C CAC 101 ? C1 ? F CAC 1 C1 
8  1 N 1 C CAC 101 ? C2 ? F CAC 1 C2 
9  1 N 1 D CAC 101 ? O1 ? G CAC 1 O1 
10 1 N 1 D CAC 101 ? O2 ? G CAC 1 O2 
11 1 N 1 D CAC 101 ? C1 ? G CAC 1 C1 
12 1 N 1 D CAC 101 ? C2 ? G CAC 1 C2 
# 
loop_
_chem_comp_atom.comp_id 
_chem_comp_atom.atom_id 
_chem_comp_atom.type_symbol 
_chem_comp_atom.pdbx_aromatic_flag 
_chem_comp_atom.pdbx_stereo_config 
_chem_comp_atom.pdbx_ordinal 
CAC AS     AS N N 1   
CAC O1     O  N N 2   
CAC O2     O  N N 3   
CAC C1     C  N N 4   
CAC C2     C  N N 5   
CAC H11    H  N N 6   
CAC H12    H  N N 7   
CAC H13    H  N N 8   
CAC H21    H  N N 9   
CAC H22    H  N N 10  
CAC H23    H  N N 11  
DA  OP3    O  N N 12  
DA  P      P  N N 13  
DA  OP1    O  N N 14  
DA  OP2    O  N N 15  
DA  "O5'"  O  N N 16  
DA  "C5'"  C  N N 17  
DA  "C4'"  C  N R 18  
DA  "O4'"  O  N N 19  
DA  "C3'"  C  N S 20  
DA  "O3'"  O  N N 21  
DA  "C2'"  C  N N 22  
DA  "C1'"  C  N R 23  
DA  N9     N  Y N 24  
DA  C8     C  Y N 25  
DA  N7     N  Y N 26  
DA  C5     C  Y N 27  
DA  C6     C  Y N 28  
DA  N6     N  N N 29  
DA  N1     N  Y N 30  
DA  C2     C  Y N 31  
DA  N3     N  Y N 32  
DA  C4     C  Y N 33  
DA  HOP3   H  N N 34  
DA  HOP2   H  N N 35  
DA  "H5'"  H  N N 36  
DA  "H5''" H  N N 37  
DA  "H4'"  H  N N 38  
DA  "H3'"  H  N N 39  
DA  "HO3'" H  N N 40  
DA  "H2'"  H  N N 41  
DA  "H2''" H  N N 42  
DA  "H1'"  H  N N 43  
DA  H8     H  N N 44  
DA  H61    H  N N 45  
DA  H62    H  N N 46  
DA  H2     H  N N 47  
DC  OP3    O  N N 48  
DC  P      P  N N 49  
DC  OP1    O  N N 50  
DC  OP2    O  N N 51  
DC  "O5'"  O  N N 52  
DC  "C5'"  C  N N 53  
DC  "C4'"  C  N R 54  
DC  "O4'"  O  N N 55  
DC  "C3'"  C  N S 56  
DC  "O3'"  O  N N 57  
DC  "C2'"  C  N N 58  
DC  "C1'"  C  N R 59  
DC  N1     N  N N 60  
DC  C2     C  N N 61  
DC  O2     O  N N 62  
DC  N3     N  N N 63  
DC  C4     C  N N 64  
DC  N4     N  N N 65  
DC  C5     C  N N 66  
DC  C6     C  N N 67  
DC  HOP3   H  N N 68  
DC  HOP2   H  N N 69  
DC  "H5'"  H  N N 70  
DC  "H5''" H  N N 71  
DC  "H4'"  H  N N 72  
DC  "H3'"  H  N N 73  
DC  "HO3'" H  N N 74  
DC  "H2'"  H  N N 75  
DC  "H2''" H  N N 76  
DC  "H1'"  H  N N 77  
DC  H41    H  N N 78  
DC  H42    H  N N 79  
DC  H5     H  N N 80  
DC  H6     H  N N 81  
DG  OP3    O  N N 82  
DG  P      P  N N 83  
DG  OP1    O  N N 84  
DG  OP2    O  N N 85  
DG  "O5'"  O  N N 86  
DG  "C5'"  C  N N 87  
DG  "C4'"  C  N R 88  
DG  "O4'"  O  N N 89  
DG  "C3'"  C  N S 90  
DG  "O3'"  O  N N 91  
DG  "C2'"  C  N N 92  
DG  "C1'"  C  N R 93  
DG  N9     N  Y N 94  
DG  C8     C  Y N 95  
DG  N7     N  Y N 96  
DG  C5     C  Y N 97  
DG  C6     C  N N 98  
DG  O6     O  N N 99  
DG  N1     N  N N 100 
DG  C2     C  N N 101 
DG  N2     N  N N 102 
DG  N3     N  N N 103 
DG  C4     C  Y N 104 
DG  HOP3   H  N N 105 
DG  HOP2   H  N N 106 
DG  "H5'"  H  N N 107 
DG  "H5''" H  N N 108 
DG  "H4'"  H  N N 109 
DG  "H3'"  H  N N 110 
DG  "HO3'" H  N N 111 
DG  "H2'"  H  N N 112 
DG  "H2''" H  N N 113 
DG  "H1'"  H  N N 114 
DG  H8     H  N N 115 
DG  H1     H  N N 116 
DG  H21    H  N N 117 
DG  H22    H  N N 118 
DT  OP3    O  N N 119 
DT  P      P  N N 120 
DT  OP1    O  N N 121 
DT  OP2    O  N N 122 
DT  "O5'"  O  N N 123 
DT  "C5'"  C  N N 124 
DT  "C4'"  C  N R 125 
DT  "O4'"  O  N N 126 
DT  "C3'"  C  N S 127 
DT  "O3'"  O  N N 128 
DT  "C2'"  C  N N 129 
DT  "C1'"  C  N R 130 
DT  N1     N  N N 131 
DT  C2     C  N N 132 
DT  O2     O  N N 133 
DT  N3     N  N N 134 
DT  C4     C  N N 135 
DT  O4     O  N N 136 
DT  C5     C  N N 137 
DT  C7     C  N N 138 
DT  C6     C  N N 139 
DT  HOP3   H  N N 140 
DT  HOP2   H  N N 141 
DT  "H5'"  H  N N 142 
DT  "H5''" H  N N 143 
DT  "H4'"  H  N N 144 
DT  "H3'"  H  N N 145 
DT  "HO3'" H  N N 146 
DT  "H2'"  H  N N 147 
DT  "H2''" H  N N 148 
DT  "H1'"  H  N N 149 
DT  H3     H  N N 150 
DT  H71    H  N N 151 
DT  H72    H  N N 152 
DT  H73    H  N N 153 
DT  H6     H  N N 154 
# 
loop_
_chem_comp_bond.comp_id 
_chem_comp_bond.atom_id_1 
_chem_comp_bond.atom_id_2 
_chem_comp_bond.value_order 
_chem_comp_bond.pdbx_aromatic_flag 
_chem_comp_bond.pdbx_stereo_config 
_chem_comp_bond.pdbx_ordinal 
CAC AS    O1     doub N N 1   
CAC AS    O2     sing N N 2   
CAC AS    C1     sing N N 3   
CAC AS    C2     sing N N 4   
CAC C1    H11    sing N N 5   
CAC C1    H12    sing N N 6   
CAC C1    H13    sing N N 7   
CAC C2    H21    sing N N 8   
CAC C2    H22    sing N N 9   
CAC C2    H23    sing N N 10  
DA  OP3   P      sing N N 11  
DA  OP3   HOP3   sing N N 12  
DA  P     OP1    doub N N 13  
DA  P     OP2    sing N N 14  
DA  P     "O5'"  sing N N 15  
DA  OP2   HOP2   sing N N 16  
DA  "O5'" "C5'"  sing N N 17  
DA  "C5'" "C4'"  sing N N 18  
DA  "C5'" "H5'"  sing N N 19  
DA  "C5'" "H5''" sing N N 20  
DA  "C4'" "O4'"  sing N N 21  
DA  "C4'" "C3'"  sing N N 22  
DA  "C4'" "H4'"  sing N N 23  
DA  "O4'" "C1'"  sing N N 24  
DA  "C3'" "O3'"  sing N N 25  
DA  "C3'" "C2'"  sing N N 26  
DA  "C3'" "H3'"  sing N N 27  
DA  "O3'" "HO3'" sing N N 28  
DA  "C2'" "C1'"  sing N N 29  
DA  "C2'" "H2'"  sing N N 30  
DA  "C2'" "H2''" sing N N 31  
DA  "C1'" N9     sing N N 32  
DA  "C1'" "H1'"  sing N N 33  
DA  N9    C8     sing Y N 34  
DA  N9    C4     sing Y N 35  
DA  C8    N7     doub Y N 36  
DA  C8    H8     sing N N 37  
DA  N7    C5     sing Y N 38  
DA  C5    C6     sing Y N 39  
DA  C5    C4     doub Y N 40  
DA  C6    N6     sing N N 41  
DA  C6    N1     doub Y N 42  
DA  N6    H61    sing N N 43  
DA  N6    H62    sing N N 44  
DA  N1    C2     sing Y N 45  
DA  C2    N3     doub Y N 46  
DA  C2    H2     sing N N 47  
DA  N3    C4     sing Y N 48  
DC  OP3   P      sing N N 49  
DC  OP3   HOP3   sing N N 50  
DC  P     OP1    doub N N 51  
DC  P     OP2    sing N N 52  
DC  P     "O5'"  sing N N 53  
DC  OP2   HOP2   sing N N 54  
DC  "O5'" "C5'"  sing N N 55  
DC  "C5'" "C4'"  sing N N 56  
DC  "C5'" "H5'"  sing N N 57  
DC  "C5'" "H5''" sing N N 58  
DC  "C4'" "O4'"  sing N N 59  
DC  "C4'" "C3'"  sing N N 60  
DC  "C4'" "H4'"  sing N N 61  
DC  "O4'" "C1'"  sing N N 62  
DC  "C3'" "O3'"  sing N N 63  
DC  "C3'" "C2'"  sing N N 64  
DC  "C3'" "H3'"  sing N N 65  
DC  "O3'" "HO3'" sing N N 66  
DC  "C2'" "C1'"  sing N N 67  
DC  "C2'" "H2'"  sing N N 68  
DC  "C2'" "H2''" sing N N 69  
DC  "C1'" N1     sing N N 70  
DC  "C1'" "H1'"  sing N N 71  
DC  N1    C2     sing N N 72  
DC  N1    C6     sing N N 73  
DC  C2    O2     doub N N 74  
DC  C2    N3     sing N N 75  
DC  N3    C4     doub N N 76  
DC  C4    N4     sing N N 77  
DC  C4    C5     sing N N 78  
DC  N4    H41    sing N N 79  
DC  N4    H42    sing N N 80  
DC  C5    C6     doub N N 81  
DC  C5    H5     sing N N 82  
DC  C6    H6     sing N N 83  
DG  OP3   P      sing N N 84  
DG  OP3   HOP3   sing N N 85  
DG  P     OP1    doub N N 86  
DG  P     OP2    sing N N 87  
DG  P     "O5'"  sing N N 88  
DG  OP2   HOP2   sing N N 89  
DG  "O5'" "C5'"  sing N N 90  
DG  "C5'" "C4'"  sing N N 91  
DG  "C5'" "H5'"  sing N N 92  
DG  "C5'" "H5''" sing N N 93  
DG  "C4'" "O4'"  sing N N 94  
DG  "C4'" "C3'"  sing N N 95  
DG  "C4'" "H4'"  sing N N 96  
DG  "O4'" "C1'"  sing N N 97  
DG  "C3'" "O3'"  sing N N 98  
DG  "C3'" "C2'"  sing N N 99  
DG  "C3'" "H3'"  sing N N 100 
DG  "O3'" "HO3'" sing N N 101 
DG  "C2'" "C1'"  sing N N 102 
DG  "C2'" "H2'"  sing N N 103 
DG  "C2'" "H2''" sing N N 104 
DG  "C1'" N9     sing N N 105 
DG  "C1'" "H1'"  sing N N 106 
DG  N9    C8     sing Y N 107 
DG  N9    C4     sing Y N 108 
DG  C8    N7     doub Y N 109 
DG  C8    H8     sing N N 110 
DG  N7    C5     sing Y N 111 
DG  C5    C6     sing N N 112 
DG  C5    C4     doub Y N 113 
DG  C6    O6     doub N N 114 
DG  C6    N1     sing N N 115 
DG  N1    C2     sing N N 116 
DG  N1    H1     sing N N 117 
DG  C2    N2     sing N N 118 
DG  C2    N3     doub N N 119 
DG  N2    H21    sing N N 120 
DG  N2    H22    sing N N 121 
DG  N3    C4     sing N N 122 
DT  OP3   P      sing N N 123 
DT  OP3   HOP3   sing N N 124 
DT  P     OP1    doub N N 125 
DT  P     OP2    sing N N 126 
DT  P     "O5'"  sing N N 127 
DT  OP2   HOP2   sing N N 128 
DT  "O5'" "C5'"  sing N N 129 
DT  "C5'" "C4'"  sing N N 130 
DT  "C5'" "H5'"  sing N N 131 
DT  "C5'" "H5''" sing N N 132 
DT  "C4'" "O4'"  sing N N 133 
DT  "C4'" "C3'"  sing N N 134 
DT  "C4'" "H4'"  sing N N 135 
DT  "O4'" "C1'"  sing N N 136 
DT  "C3'" "O3'"  sing N N 137 
DT  "C3'" "C2'"  sing N N 138 
DT  "C3'" "H3'"  sing N N 139 
DT  "O3'" "HO3'" sing N N 140 
DT  "C2'" "C1'"  sing N N 141 
DT  "C2'" "H2'"  sing N N 142 
DT  "C2'" "H2''" sing N N 143 
DT  "C1'" N1     sing N N 144 
DT  "C1'" "H1'"  sing N N 145 
DT  N1    C2     sing N N 146 
DT  N1    C6     sing N N 147 
DT  C2    O2     doub N N 148 
DT  C2    N3     sing N N 149 
DT  N3    C4     sing N N 150 
DT  N3    H3     sing N N 151 
DT  C4    O4     doub N N 152 
DT  C4    C5     sing N N 153 
DT  C5    C7     sing N N 154 
DT  C5    C6     doub N N 155 
DT  C7    H71    sing N N 156 
DT  C7    H72    sing N N 157 
DT  C7    H73    sing N N 158 
DT  C6    H6     sing N N 159 
# 
loop_
_ndb_struct_conf_na.entry_id 
_ndb_struct_conf_na.feature 
6XO5 'double helix'        
6XO5 'b-form double helix' 
# 
loop_
_ndb_struct_na_base_pair.model_number 
_ndb_struct_na_base_pair.i_label_asym_id 
_ndb_struct_na_base_pair.i_label_comp_id 
_ndb_struct_na_base_pair.i_label_seq_id 
_ndb_struct_na_base_pair.i_symmetry 
_ndb_struct_na_base_pair.j_label_asym_id 
_ndb_struct_na_base_pair.j_label_comp_id 
_ndb_struct_na_base_pair.j_label_seq_id 
_ndb_struct_na_base_pair.j_symmetry 
_ndb_struct_na_base_pair.shear 
_ndb_struct_na_base_pair.stretch 
_ndb_struct_na_base_pair.stagger 
_ndb_struct_na_base_pair.buckle 
_ndb_struct_na_base_pair.propeller 
_ndb_struct_na_base_pair.opening 
_ndb_struct_na_base_pair.pair_number 
_ndb_struct_na_base_pair.pair_name 
_ndb_struct_na_base_pair.i_auth_asym_id 
_ndb_struct_na_base_pair.i_auth_seq_id 
_ndb_struct_na_base_pair.i_PDB_ins_code 
_ndb_struct_na_base_pair.j_auth_asym_id 
_ndb_struct_na_base_pair.j_auth_seq_id 
_ndb_struct_na_base_pair.j_PDB_ins_code 
_ndb_struct_na_base_pair.hbond_type_28 
_ndb_struct_na_base_pair.hbond_type_12 
1 A DG 3  1_555 D DC 15 1_555 0.242  -0.024 0.695  3.858   -5.949  1.445    1  A_DG3:DC16_D A 3  ? D 16 ? 19 1 
1 A DC 4  1_555 D DG 14 1_555 -0.713 -0.116 0.485  3.583   -9.278  -1.763   2  A_DC4:DG15_D A 4  ? D 15 ? 19 1 
1 A DA 5  1_555 D DT 13 1_555 1.054  0.115  -0.114 -3.051  -11.007 -14.608  3  A_DA5:DT14_D A 5  ? D 14 ? 20 1 
1 A DG 6  1_555 D DC 12 1_555 0.630  -0.072 -0.479 -6.754  -4.606  -16.333  4  A_DG6:DC13_D A 6  ? D 13 ? 19 1 
1 A DA 7  1_555 D DT 11 1_555 0.756  0.599  -0.446 -5.522  4.914   -32.456  5  A_DA7:DT12_D A 7  ? D 12 ? 20 1 
1 A DC 8  1_555 D DG 10 1_555 1.240  -0.341 -0.818 9.326   2.533   -8.370   6  A_DC8:DG11_D A 8  ? D 11 ? 19 1 
1 A DC 9  1_555 D DG 9  1_555 -1.121 -0.026 0.353  6.832   2.447   -2.737   7  A_DC9:DG10_D A 9  ? D 10 ? 19 1 
1 A DA 10 1_555 C DT 3  1_555 -0.458 0.175  -0.127 7.359   -2.390  -8.255   8  A_DA10:DT2_C A 10 ? C 2  ? 20 1 
1 A DG 11 1_555 C DC 2  1_555 1.051  -0.155 -0.346 17.032  -6.517  5.368    9  A_DG11:DC1_C A 11 ? C 1  ? 19 1 
1 B DC 1  1_555 C DG 6  1_555 -1.008 0.231  -0.201 4.439   7.780   -15.639  10 B_DC12:DG5_C B 12 ? C 5  ? ?  1 
1 B DG 2  1_555 C DC 5  1_555 0.769  -0.034 -0.112 5.073   -16.303 -15.551  11 B_DG13:DC4_C B 13 ? C 4  ? 19 1 
1 B DA 3  1_555 C DT 4  1_555 0.802  -0.320 -0.516 0.331   -18.062 -12.401  12 B_DA14:DT3_C B 14 ? C 3  ? 20 1 
1 B DC 4  1_555 D DG 8  1_555 -0.018 -0.626 0.366  7.777   -18.592 -3.508   13 B_DC15:DG9_D B 15 ? D 9  ? 19 1 
1 B DA 5  1_555 D DT 7  1_555 1.218  0.196  0.311  -6.675  -21.466 -29.492  14 B_DA16:DT8_D B 16 ? D 8  ? 20 1 
1 B DC 6  1_555 D DG 6  1_555 -0.730 -0.154 0.507  -0.709  -2.111  0.008    15 B_DC17:DG7_D B 17 ? D 7  ? 19 1 
1 B DT 7  1_555 D DA 5  1_555 -0.568 -0.307 0.573  -8.269  -12.776 -17.276  16 B_DT18:DA6_D B 18 ? D 6  ? 20 1 
1 B DC 8  1_555 D DG 4  1_555 0.085  -0.583 0.560  -10.148 -3.279  -1.732   17 B_DC19:DG5_D B 19 ? D 5  ? 19 1 
1 B DA 9  1_555 D DT 3  1_555 0.844  4.535  0.397  -14.634 -7.786  -104.333 18 B_DA20:DT4_D B 20 ? D 4  ? ?  ? 
# 
loop_
_ndb_struct_na_base_pair_step.model_number 
_ndb_struct_na_base_pair_step.i_label_asym_id_1 
_ndb_struct_na_base_pair_step.i_label_comp_id_1 
_ndb_struct_na_base_pair_step.i_label_seq_id_1 
_ndb_struct_na_base_pair_step.i_symmetry_1 
_ndb_struct_na_base_pair_step.j_label_asym_id_1 
_ndb_struct_na_base_pair_step.j_label_comp_id_1 
_ndb_struct_na_base_pair_step.j_label_seq_id_1 
_ndb_struct_na_base_pair_step.j_symmetry_1 
_ndb_struct_na_base_pair_step.i_label_asym_id_2 
_ndb_struct_na_base_pair_step.i_label_comp_id_2 
_ndb_struct_na_base_pair_step.i_label_seq_id_2 
_ndb_struct_na_base_pair_step.i_symmetry_2 
_ndb_struct_na_base_pair_step.j_label_asym_id_2 
_ndb_struct_na_base_pair_step.j_label_comp_id_2 
_ndb_struct_na_base_pair_step.j_label_seq_id_2 
_ndb_struct_na_base_pair_step.j_symmetry_2 
_ndb_struct_na_base_pair_step.shift 
_ndb_struct_na_base_pair_step.slide 
_ndb_struct_na_base_pair_step.rise 
_ndb_struct_na_base_pair_step.tilt 
_ndb_struct_na_base_pair_step.roll 
_ndb_struct_na_base_pair_step.twist 
_ndb_struct_na_base_pair_step.x_displacement 
_ndb_struct_na_base_pair_step.y_displacement 
_ndb_struct_na_base_pair_step.helical_rise 
_ndb_struct_na_base_pair_step.inclination 
_ndb_struct_na_base_pair_step.tip 
_ndb_struct_na_base_pair_step.helical_twist 
_ndb_struct_na_base_pair_step.step_number 
_ndb_struct_na_base_pair_step.step_name 
_ndb_struct_na_base_pair_step.i_auth_asym_id_1 
_ndb_struct_na_base_pair_step.i_auth_seq_id_1 
_ndb_struct_na_base_pair_step.i_PDB_ins_code_1 
_ndb_struct_na_base_pair_step.j_auth_asym_id_1 
_ndb_struct_na_base_pair_step.j_auth_seq_id_1 
_ndb_struct_na_base_pair_step.j_PDB_ins_code_1 
_ndb_struct_na_base_pair_step.i_auth_asym_id_2 
_ndb_struct_na_base_pair_step.i_auth_seq_id_2 
_ndb_struct_na_base_pair_step.i_PDB_ins_code_2 
_ndb_struct_na_base_pair_step.j_auth_asym_id_2 
_ndb_struct_na_base_pair_step.j_auth_seq_id_2 
_ndb_struct_na_base_pair_step.j_PDB_ins_code_2 
1 A DG 3  1_555 D DC 15 1_555 A DC 4  1_555 D DG 14 1_555 -0.403 -0.995 3.311 -1.414  1.551  30.632 -2.186 0.481  3.273 2.932   
2.672  30.702 1  AA_DG3DC4:DG15DC16_DD A 3  ? D 16 ? A 4  ? D 15 ? 
1 A DC 4  1_555 D DG 14 1_555 A DA 5  1_555 D DT 13 1_555 -1.171 -0.203 3.543 -1.749  1.221  44.947 -0.385 1.358  3.578 1.596   
2.287  44.995 2  AA_DC4DA5:DT14DG15_DD A 4  ? D 15 ? A 5  ? D 14 ? 
1 A DA 5  1_555 D DT 13 1_555 A DG 6  1_555 D DC 12 1_555 -0.119 -1.131 3.343 -1.478  1.442  31.727 -2.332 -0.057 3.291 2.634   
2.699  31.793 3  AA_DA5DG6:DC13DT14_DD A 5  ? D 14 ? A 6  ? D 13 ? 
1 A DG 6  1_555 D DC 12 1_555 A DA 7  1_555 D DT 11 1_555 -1.069 -1.412 3.101 -1.112  3.797  32.386 -3.126 1.724  2.955 6.776   
1.985  32.620 4  AA_DG6DA7:DT12DC13_DD A 6  ? D 13 ? A 7  ? D 12 ? 
1 A DA 7  1_555 D DT 11 1_555 A DC 8  1_555 D DG 10 1_555 1.775  -0.798 3.108 -0.169  2.835  36.241 -1.651 -2.868 3.031 4.550   
0.271  36.348 5  AA_DA7DC8:DG11DT12_DD A 7  ? D 12 ? A 8  ? D 11 ? 
1 A DC 8  1_555 D DG 10 1_555 A DC 9  1_555 D DG 9  1_555 -1.115 -1.885 3.457 -11.943 4.640  25.826 -4.920 -0.662 3.265 9.661   
24.867 28.781 6  AA_DC8DC9:DG10DG11_DD A 8  ? D 11 ? A 9  ? D 10 ? 
1 A DC 9  1_555 D DG 9  1_555 A DA 10 1_555 C DT 3  1_555 -1.627 -1.672 3.006 0.010   0.654  25.653 -3.934 3.667  2.962 1.472   
-0.021 25.662 7  AA_DC9DA10:DT2DG10_CD A 9  ? D 10 ? A 10 ? C 2  ? 
1 A DA 10 1_555 C DT 3  1_555 A DG 11 1_555 C DC 2  1_555 0.967  0.171  3.520 1.402   4.578  32.006 -0.572 -1.467 3.547 8.245   
-2.524 32.353 8  AA_DA10DG11:DC1DT2_CC A 10 ? C 2  ? A 11 ? C 1  ? 
1 B DC 1  1_555 C DG 6  1_555 B DG 2  1_555 C DC 5  1_555 -0.466 -1.146 3.273 -5.616  14.317 45.816 -2.483 0.148  2.850 17.809  
6.985  48.196 9  BB_DC12DG13:DC4DG5_CC B 12 ? C 5  ? B 13 ? C 4  ? 
1 B DG 2  1_555 C DC 5  1_555 B DA 3  1_555 C DT 4  1_555 -0.464 -0.479 3.426 -3.861  -0.138 34.926 -0.771 0.160  3.458 -0.228  
6.409  35.132 10 BB_DG13DA14:DT3DC4_CC B 13 ? C 4  ? B 14 ? C 3  ? 
1 B DA 3  1_555 C DT 4  1_555 B DC 4  1_555 D DG 8  1_555 -0.505 -1.179 3.032 -8.611  0.719  18.408 -3.651 -2.287 2.920 2.103   
25.196 20.320 11 BB_DA14DC15:DG9DT3_DC B 14 ? C 3  ? B 15 ? D 9  ? 
1 B DC 4  1_555 D DG 8  1_555 B DA 5  1_555 D DT 7  1_555 -2.123 0.633  3.719 -5.143  -0.985 42.506 0.983  2.307  3.923 -1.352  
7.062  42.812 12 BB_DC15DA16:DT8DG9_DD B 15 ? D 9  ? B 16 ? D 8  ? 
1 B DA 5  1_555 D DT 7  1_555 B DC 6  1_555 D DG 6  1_555 1.676  -0.954 3.084 -2.458  -6.854 33.340 -0.588 -3.231 3.086 -11.772 
4.221  34.104 13 BB_DA16DC17:DG7DT8_DD B 16 ? D 8  ? B 17 ? D 7  ? 
1 B DC 6  1_555 D DG 6  1_555 B DT 7  1_555 D DA 5  1_555 -1.430 -0.892 3.499 -2.038  -6.088 34.542 -0.471 2.033  3.674 -10.143 
3.396  35.116 14 BB_DC17DT18:DA6DG7_DD B 17 ? D 7  ? B 18 ? D 6  ? 
1 B DT 7  1_555 D DA 5  1_555 B DC 8  1_555 D DG 4  1_555 1.423  0.836  3.687 3.056   1.448  40.492 1.020  -1.659 3.807 2.087   
-4.406 40.627 15 BB_DT18DC19:DG5DA6_DD B 18 ? D 6  ? B 19 ? D 5  ? 
1 B DC 8  1_555 D DG 4  1_555 B DA 9  1_555 D DT 3  1_555 1.052  0.149  3.105 -1.736  -5.356 81.223 0.243  -0.848 3.073 -4.110  
1.332  81.385 16 BB_DC19DA20:DT4DG5_DD B 19 ? D 5  ? B 20 ? D 4  ? 
# 
loop_
_pdbx_audit_support.funding_organization 
_pdbx_audit_support.country 
_pdbx_audit_support.grant_number 
_pdbx_audit_support.ordinal 
'National Science Foundation (NSF, United States)'                                         'United States' 1360635     1 
'National Institutes of Health/National Institute of General Medical Sciences (NIH/NIGMS)' 'United States' R01GM104960 2 
'National Science Foundation (NSF, United States)'                                         'United States' NSF2004250  3 
# 
_pdbx_entity_nonpoly.entity_id   5 
_pdbx_entity_nonpoly.name        'CACODYLATE ION' 
_pdbx_entity_nonpoly.comp_id     CAC 
# 
_pdbx_initial_refinement_model.id               1 
_pdbx_initial_refinement_model.entity_id_list   ? 
_pdbx_initial_refinement_model.type             'experimental model' 
_pdbx_initial_refinement_model.source_name      PDB 
_pdbx_initial_refinement_model.accession_code   6XNA 
_pdbx_initial_refinement_model.details          ? 
# 
_pdbx_struct_assembly_auth_evidence.id                     1 
_pdbx_struct_assembly_auth_evidence.assembly_id            1 
_pdbx_struct_assembly_auth_evidence.experimental_support   none 
_pdbx_struct_assembly_auth_evidence.details                ? 
# 
